data_9DVP
#
_entry.id   9DVP
#
_cell.length_a   1.00
_cell.length_b   1.00
_cell.length_c   1.00
_cell.angle_alpha   90.00
_cell.angle_beta   90.00
_cell.angle_gamma   90.00
#
_symmetry.space_group_name_H-M   'P 1'
#
loop_
_entity.id
_entity.type
_entity.pdbx_description
1 polymer 'Solute carrier family 53 member 1'
2 non-polymer 'PHOSPHATE ION'
3 non-polymer '(1R,3S,4R,5S,6R)-2,4,5,6-tetrakis(phosphonooxy)cyclohexane-1,3-diyl bis[trihydrogen (diphosphate)]'
4 non-polymer CHOLESTEROL
5 non-polymer 1-PALMITOYL-2-LINOLEOYL-SN-GLYCERO-3-PHOSPHOCHOLINE
6 water water
#
_entity_poly.entity_id   1
_entity_poly.type   'polypeptide(L)'
_entity_poly.pdbx_seq_one_letter_code
;MKFAEHLSAHITPEWRKQYIQYEAFKDMLYSAQDQAPSVEVTDEDTVKRYFAKFEEKFFQTCEKELAKINTFYSEKLAEA
QRRFATLQNELQSSLDAQKESTGVTTLRQRRKPVFHLSHEERVQHRNIKDLKLAFSEFYLSLILLQNYQNLNFTGFRKIL
KKHDKILETSRGADWRVAHVEVAPFYTCKKINQLISETEAVVTNELEDGDRQKAMKRLRVPPLGAAQPAPAWTTFRVGLF
CGIFIVLNITLVLAAVFKLETDRSIWPLIRIYRGGFLLIEFLFLLGINTYGWRQAGVNHVLIFELNPRSNLSHQHLFEIA
GFLGILWCLSLLACFFAPISVIPTYVYPLALYGFMVFFLINPTKTFYYKSRFWLLKLLFRVFTAPFHKVGFADFWLADQL
NSLSVILMDLEYMICFYSLELKWDESKGLLPNNSEESGICHKYTYGVRAIVQCIPAWLRFIQCLRRYRDTKRAFPHLVNA
GKYSTTFFMVTFAALYSTHKERGHSDTMVFFYLWIVFYIISSCYTLIWDLKMDWGLFDKNAGENTFLREEIVYPQKAYYY
CAIIEDVILRFAWTIQISITSTTLLPHSGDIIATVFAPLEVFRRFVWNFFRLENEHLNNCGEFRAVRDISVAPLNADDQT
LLEQMMDQDDGVRNRQKNRSWKYNQSISLRRPRLASQSKARDTKVLIEDTDDEANTLEVLFQ
;
_entity_poly.pdbx_strand_id   A,B
#
loop_
_chem_comp.id
_chem_comp.type
_chem_comp.name
_chem_comp.formula
CLR non-polymer CHOLESTEROL 'C27 H46 O'
CPL non-polymer 1-PALMITOYL-2-LINOLEOYL-SN-GLYCERO-3-PHOSPHOCHOLINE 'C42 H80 N O8 P'
I8P non-polymer '(1R,3S,4R,5S,6R)-2,4,5,6-tetrakis(phosphonooxy)cyclohexane-1,3-diyl bis[trihydrogen (diphosphate)]' 'C6 H20 O30 P8'
PO4 non-polymer 'PHOSPHATE ION' 'O4 P -3'
#
# COMPACT_ATOMS: atom_id res chain seq x y z
N MET A 1 5.28 -21.44 -0.52
CA MET A 1 6.45 -20.55 -0.22
C MET A 1 6.31 -19.95 1.18
N LYS A 2 7.30 -20.23 2.03
CA LYS A 2 7.31 -19.74 3.40
C LYS A 2 5.98 -20.07 4.10
N PHE A 3 5.60 -21.35 4.02
CA PHE A 3 4.32 -21.76 4.56
C PHE A 3 4.19 -21.46 6.03
N ALA A 4 5.31 -21.37 6.75
CA ALA A 4 5.24 -21.07 8.18
C ALA A 4 4.64 -19.69 8.42
N GLU A 5 5.10 -18.69 7.66
CA GLU A 5 4.59 -17.34 7.82
C GLU A 5 3.11 -17.26 7.44
N HIS A 6 2.73 -17.91 6.34
CA HIS A 6 1.33 -17.90 5.93
C HIS A 6 0.45 -18.57 6.97
N LEU A 7 0.89 -19.70 7.52
CA LEU A 7 0.15 -20.38 8.56
C LEU A 7 -0.01 -19.48 9.79
N SER A 8 1.08 -18.86 10.23
CA SER A 8 1.01 -17.99 11.40
C SER A 8 0.04 -16.83 11.16
N ALA A 9 0.10 -16.24 9.97
CA ALA A 9 -0.79 -15.12 9.66
C ALA A 9 -2.25 -15.57 9.63
N HIS A 10 -2.52 -16.74 9.06
CA HIS A 10 -3.89 -17.21 8.89
C HIS A 10 -4.42 -18.01 10.07
N ILE A 11 -3.58 -18.30 11.06
CA ILE A 11 -4.06 -18.99 12.26
C ILE A 11 -5.01 -18.08 13.03
N THR A 12 -6.13 -18.65 13.45
CA THR A 12 -7.03 -17.93 14.36
C THR A 12 -6.37 -17.86 15.73
N PRO A 13 -6.15 -16.68 16.30
CA PRO A 13 -5.42 -16.62 17.58
C PRO A 13 -6.03 -17.47 18.67
N GLU A 14 -7.36 -17.48 18.77
CA GLU A 14 -8.02 -18.21 19.86
C GLU A 14 -7.68 -19.68 19.84
N TRP A 15 -7.32 -20.24 18.68
CA TRP A 15 -6.97 -21.65 18.55
C TRP A 15 -5.50 -21.83 18.20
N ARG A 16 -4.65 -20.88 18.61
CA ARG A 16 -3.24 -20.91 18.21
C ARG A 16 -2.58 -22.21 18.65
N LYS A 17 -2.78 -22.62 19.90
CA LYS A 17 -2.18 -23.85 20.40
C LYS A 17 -2.80 -25.09 19.77
N GLN A 18 -3.95 -24.97 19.11
CA GLN A 18 -4.66 -26.10 18.56
C GLN A 18 -4.43 -26.30 17.07
N TYR A 19 -3.49 -25.56 16.48
CA TYR A 19 -3.13 -25.73 15.08
C TYR A 19 -1.92 -26.65 14.98
N ILE A 20 -1.40 -26.84 13.77
CA ILE A 20 -0.25 -27.70 13.53
C ILE A 20 1.02 -26.92 13.84
N GLN A 21 1.94 -27.55 14.58
CA GLN A 21 3.19 -26.92 14.97
C GLN A 21 4.20 -27.11 13.84
N TYR A 22 4.03 -26.31 12.79
CA TYR A 22 4.94 -26.38 11.65
C TYR A 22 6.36 -25.97 12.04
N GLU A 23 6.48 -24.89 12.83
CA GLU A 23 7.81 -24.42 13.22
C GLU A 23 8.53 -25.45 14.09
N ALA A 24 7.80 -26.10 14.99
CA ALA A 24 8.41 -27.13 15.82
C ALA A 24 8.94 -28.27 14.97
N PHE A 25 8.19 -28.71 13.96
CA PHE A 25 8.65 -29.77 13.09
C PHE A 25 9.87 -29.32 12.28
N LYS A 26 9.86 -28.08 11.80
CA LYS A 26 11.03 -27.57 11.06
C LYS A 26 12.26 -27.57 11.94
N ASP A 27 12.11 -27.09 13.19
CA ASP A 27 13.25 -27.07 14.11
C ASP A 27 13.74 -28.47 14.40
N MET A 28 12.82 -29.41 14.60
CA MET A 28 13.21 -30.80 14.85
C MET A 28 14.00 -31.37 13.68
N LEU A 29 13.50 -31.15 12.46
CA LEU A 29 14.20 -31.66 11.28
C LEU A 29 15.59 -31.04 11.14
N TYR A 30 15.69 -29.72 11.33
CA TYR A 30 16.99 -29.07 11.20
C TYR A 30 17.95 -29.54 12.28
N SER A 31 17.48 -29.70 13.52
CA SER A 31 18.35 -30.20 14.58
C SER A 31 18.82 -31.62 14.28
N ALA A 32 17.92 -32.47 13.78
CA ALA A 32 18.32 -33.84 13.44
C ALA A 32 19.37 -33.83 12.33
N GLN A 33 19.18 -32.98 11.31
CA GLN A 33 20.17 -32.90 10.24
C GLN A 33 21.51 -32.42 10.77
N ASP A 34 21.50 -31.40 11.65
CA ASP A 34 22.75 -30.88 12.18
C ASP A 34 23.47 -31.90 13.05
N GLN A 35 22.73 -32.64 13.86
CA GLN A 35 23.31 -33.58 14.81
C GLN A 35 23.63 -34.94 14.20
N ALA A 36 23.33 -35.14 12.92
CA ALA A 36 23.61 -36.43 12.29
C ALA A 36 25.12 -36.66 12.28
N PRO A 37 25.60 -37.85 12.70
CA PRO A 37 27.05 -38.09 12.70
C PRO A 37 27.62 -38.25 11.30
N THR A 46 25.99 -46.66 12.28
CA THR A 46 25.35 -45.91 13.35
C THR A 46 24.47 -44.79 12.79
N VAL A 47 24.84 -44.29 11.61
CA VAL A 47 24.07 -43.24 10.97
C VAL A 47 22.68 -43.73 10.61
N LYS A 48 22.60 -44.93 10.02
CA LYS A 48 21.30 -45.45 9.58
C LYS A 48 20.36 -45.67 10.75
N ARG A 49 20.86 -46.26 11.84
CA ARG A 49 20.02 -46.49 13.00
C ARG A 49 19.59 -45.19 13.65
N TYR A 50 20.49 -44.20 13.70
CA TYR A 50 20.12 -42.89 14.22
C TYR A 50 19.01 -42.26 13.39
N PHE A 51 19.12 -42.35 12.06
CA PHE A 51 18.07 -41.82 11.20
C PHE A 51 16.76 -42.57 11.43
N ALA A 52 16.83 -43.89 11.63
CA ALA A 52 15.62 -44.65 11.90
C ALA A 52 14.95 -44.20 13.19
N LYS A 53 15.74 -43.99 14.25
CA LYS A 53 15.18 -43.51 15.51
C LYS A 53 14.56 -42.13 15.33
N PHE A 54 15.24 -41.25 14.59
CA PHE A 54 14.69 -39.92 14.36
C PHE A 54 13.38 -40.00 13.59
N GLU A 55 13.31 -40.88 12.59
CA GLU A 55 12.06 -41.04 11.84
C GLU A 55 10.95 -41.55 12.73
N GLU A 56 11.27 -42.50 13.62
CA GLU A 56 10.26 -43.00 14.55
C GLU A 56 9.74 -41.89 15.45
N LYS A 57 10.66 -41.07 15.98
CA LYS A 57 10.25 -39.96 16.85
C LYS A 57 9.39 -38.96 16.08
N PHE A 58 9.78 -38.65 14.84
CA PHE A 58 9.01 -37.71 14.03
C PHE A 58 7.62 -38.25 13.75
N PHE A 59 7.51 -39.54 13.43
CA PHE A 59 6.20 -40.14 13.19
C PHE A 59 5.35 -40.13 14.45
N GLN A 60 5.96 -40.39 15.61
CA GLN A 60 5.20 -40.33 16.87
C GLN A 60 4.67 -38.93 17.11
N THR A 61 5.51 -37.91 16.90
CA THR A 61 5.06 -36.53 17.08
C THR A 61 3.95 -36.18 16.11
N CYS A 62 4.08 -36.62 14.86
CA CYS A 62 3.03 -36.37 13.88
C CYS A 62 1.72 -37.04 14.27
N GLU A 63 1.81 -38.27 14.78
CA GLU A 63 0.60 -38.96 15.23
C GLU A 63 -0.06 -38.21 16.39
N LYS A 64 0.75 -37.74 17.33
CA LYS A 64 0.19 -36.97 18.45
C LYS A 64 -0.51 -35.71 17.95
N GLU A 65 0.14 -34.98 17.04
CA GLU A 65 -0.46 -33.77 16.50
C GLU A 65 -1.75 -34.08 15.74
N LEU A 66 -1.76 -35.17 14.97
CA LEU A 66 -2.95 -35.55 14.24
C LEU A 66 -4.09 -35.89 15.19
N ALA A 67 -3.79 -36.60 16.27
CA ALA A 67 -4.83 -36.92 17.25
C ALA A 67 -5.39 -35.65 17.89
N LYS A 68 -4.49 -34.71 18.24
CA LYS A 68 -4.94 -33.45 18.81
C LYS A 68 -5.87 -32.71 17.85
N ILE A 69 -5.46 -32.63 16.58
CA ILE A 69 -6.28 -31.94 15.58
C ILE A 69 -7.62 -32.64 15.42
N ASN A 70 -7.62 -33.97 15.40
CA ASN A 70 -8.87 -34.71 15.22
C ASN A 70 -9.83 -34.46 16.38
N THR A 71 -9.33 -34.52 17.61
CA THR A 71 -10.21 -34.30 18.76
C THR A 71 -10.74 -32.85 18.78
N PHE A 72 -9.87 -31.88 18.50
CA PHE A 72 -10.32 -30.50 18.46
C PHE A 72 -11.39 -30.30 17.41
N TYR A 73 -11.17 -30.88 16.21
CA TYR A 73 -12.15 -30.73 15.14
C TYR A 73 -13.47 -31.41 15.50
N SER A 74 -13.42 -32.58 16.14
CA SER A 74 -14.64 -33.27 16.53
C SER A 74 -15.45 -32.43 17.51
N GLU A 75 -14.77 -31.89 18.53
CA GLU A 75 -15.49 -31.08 19.52
C GLU A 75 -16.06 -29.82 18.88
N LYS A 76 -15.29 -29.18 18.00
CA LYS A 76 -15.79 -27.97 17.34
C LYS A 76 -16.98 -28.28 16.43
N LEU A 77 -16.94 -29.42 15.74
CA LEU A 77 -18.07 -29.82 14.90
C LEU A 77 -19.30 -30.09 15.74
N ALA A 78 -19.14 -30.75 16.89
CA ALA A 78 -20.28 -30.96 17.78
C ALA A 78 -20.85 -29.63 18.27
N GLU A 79 -19.97 -28.70 18.63
CA GLU A 79 -20.44 -27.38 19.06
C GLU A 79 -21.20 -26.67 17.94
N ALA A 80 -20.68 -26.75 16.71
CA ALA A 80 -21.35 -26.12 15.58
C ALA A 80 -22.71 -26.75 15.33
N GLN A 81 -22.81 -28.08 15.45
CA GLN A 81 -24.10 -28.74 15.27
C GLN A 81 -25.10 -28.29 16.32
N ARG A 82 -24.66 -28.20 17.58
CA ARG A 82 -25.56 -27.74 18.64
C ARG A 82 -25.99 -26.29 18.40
N ARG A 83 -25.06 -25.44 17.96
CA ARG A 83 -25.40 -24.06 17.66
C ARG A 83 -26.42 -23.99 16.53
N PHE A 84 -26.24 -24.81 15.49
CA PHE A 84 -27.21 -24.83 14.40
C PHE A 84 -28.58 -25.28 14.89
N ALA A 85 -28.61 -26.29 15.77
CA ALA A 85 -29.88 -26.78 16.28
C ALA A 85 -30.61 -25.70 17.08
N THR A 86 -29.89 -25.01 17.97
CA THR A 86 -30.53 -23.97 18.76
C THR A 86 -30.96 -22.80 17.89
N LEU A 87 -30.16 -22.44 16.88
CA LEU A 87 -30.56 -21.36 15.98
C LEU A 87 -31.80 -21.75 15.18
N GLN A 88 -31.89 -23.00 14.74
CA GLN A 88 -33.08 -23.46 14.04
C GLN A 88 -34.30 -23.40 14.95
N ASN A 89 -34.14 -23.80 16.21
CA ASN A 89 -35.24 -23.71 17.16
C ASN A 89 -35.68 -22.27 17.35
N GLU A 90 -34.73 -21.35 17.47
CA GLU A 90 -35.08 -19.94 17.63
C GLU A 90 -35.79 -19.41 16.38
N LEU A 91 -35.33 -19.80 15.19
CA LEU A 91 -36.00 -19.37 13.97
C LEU A 91 -37.42 -19.91 13.89
N GLN A 92 -37.60 -21.18 14.28
CA GLN A 92 -38.95 -21.74 14.29
C GLN A 92 -39.85 -21.01 15.26
N SER A 93 -39.34 -20.68 16.44
CA SER A 93 -40.15 -19.92 17.41
C SER A 93 -40.50 -18.55 16.86
N SER A 94 -39.55 -17.88 16.21
CA SER A 94 -39.83 -16.57 15.64
C SER A 94 -40.89 -16.66 14.55
N LEU A 95 -40.78 -17.68 13.68
CA LEU A 95 -41.80 -17.86 12.65
C LEU A 95 -43.16 -18.13 13.26
N ASP A 96 -43.21 -18.94 14.31
CA ASP A 96 -44.49 -19.19 14.99
C ASP A 96 -45.06 -17.91 15.56
N ALA A 97 -44.20 -17.04 16.09
CA ALA A 97 -44.66 -15.77 16.63
C ALA A 97 -45.35 -14.93 15.55
N GLN A 98 -44.78 -14.89 14.35
CA GLN A 98 -45.36 -14.14 13.24
C GLN A 98 -46.77 -14.62 12.93
N HIS A 125 -39.42 -7.35 13.92
CA HIS A 125 -38.42 -6.84 12.98
C HIS A 125 -37.03 -6.82 13.63
N ARG A 126 -36.96 -6.23 14.83
CA ARG A 126 -35.69 -6.21 15.55
C ARG A 126 -35.22 -7.63 15.89
N ASN A 127 -36.16 -8.49 16.29
CA ASN A 127 -35.81 -9.87 16.57
C ASN A 127 -35.24 -10.55 15.32
N ILE A 128 -35.83 -10.25 14.15
CA ILE A 128 -35.31 -10.80 12.90
C ILE A 128 -33.88 -10.32 12.66
N LYS A 129 -33.62 -9.04 12.95
CA LYS A 129 -32.26 -8.51 12.78
C LYS A 129 -31.28 -9.22 13.71
N ASP A 130 -31.67 -9.44 14.97
CA ASP A 130 -30.80 -10.14 15.90
C ASP A 130 -30.55 -11.57 15.44
N LEU A 131 -31.59 -12.23 14.94
CA LEU A 131 -31.43 -13.60 14.45
C LEU A 131 -30.50 -13.63 13.24
N LYS A 132 -30.61 -12.64 12.35
CA LYS A 132 -29.71 -12.56 11.21
C LYS A 132 -28.28 -12.36 11.66
N LEU A 133 -28.06 -11.51 12.67
CA LEU A 133 -26.71 -11.32 13.19
C LEU A 133 -26.17 -12.61 13.78
N ALA A 134 -27.00 -13.34 14.53
CA ALA A 134 -26.56 -14.61 15.11
C ALA A 134 -26.23 -15.61 14.02
N PHE A 135 -27.04 -15.67 12.95
CA PHE A 135 -26.77 -16.58 11.85
C PHE A 135 -25.47 -16.21 11.15
N SER A 136 -25.20 -14.92 10.97
CA SER A 136 -23.95 -14.50 10.36
C SER A 136 -22.76 -14.90 11.24
N GLU A 137 -22.89 -14.76 12.56
CA GLU A 137 -21.83 -15.19 13.46
C GLU A 137 -21.61 -16.69 13.36
N PHE A 138 -22.69 -17.47 13.29
CA PHE A 138 -22.56 -18.91 13.16
C PHE A 138 -21.89 -19.29 11.84
N TYR A 139 -22.24 -18.58 10.76
CA TYR A 139 -21.59 -18.82 9.48
C TYR A 139 -20.10 -18.50 9.57
N LEU A 140 -19.75 -17.43 10.28
CA LEU A 140 -18.35 -17.10 10.48
C LEU A 140 -17.63 -18.22 11.22
N SER A 141 -18.28 -18.78 12.25
CA SER A 141 -17.67 -19.88 12.98
C SER A 141 -17.47 -21.08 12.08
N LEU A 142 -18.46 -21.40 11.25
CA LEU A 142 -18.32 -22.52 10.32
C LEU A 142 -17.16 -22.29 9.35
N ILE A 143 -17.04 -21.07 8.82
CA ILE A 143 -15.96 -20.77 7.89
C ILE A 143 -14.62 -20.86 8.60
N LEU A 144 -14.56 -20.43 9.86
CA LEU A 144 -13.32 -20.56 10.63
C LEU A 144 -12.94 -22.02 10.81
N LEU A 145 -13.94 -22.87 11.08
CA LEU A 145 -13.66 -24.31 11.18
C LEU A 145 -13.14 -24.88 9.86
N GLN A 146 -13.76 -24.46 8.75
CA GLN A 146 -13.31 -24.93 7.44
C GLN A 146 -11.87 -24.49 7.16
N ASN A 147 -11.54 -23.24 7.46
CA ASN A 147 -10.17 -22.78 7.30
C ASN A 147 -9.22 -23.55 8.20
N TYR A 148 -9.66 -23.85 9.43
CA TYR A 148 -8.83 -24.62 10.35
C TYR A 148 -8.49 -25.98 9.77
N GLN A 149 -9.49 -26.72 9.29
CA GLN A 149 -9.23 -28.05 8.75
C GLN A 149 -8.38 -27.97 7.49
N ASN A 150 -8.69 -27.02 6.58
CA ASN A 150 -7.90 -26.90 5.36
C ASN A 150 -6.45 -26.58 5.67
N LEU A 151 -6.21 -25.63 6.57
CA LEU A 151 -4.84 -25.25 6.90
C LEU A 151 -4.11 -26.37 7.60
N ASN A 152 -4.79 -27.13 8.45
CA ASN A 152 -4.14 -28.26 9.10
C ASN A 152 -3.73 -29.32 8.08
N PHE A 153 -4.60 -29.62 7.13
CA PHE A 153 -4.25 -30.59 6.09
C PHE A 153 -3.09 -30.07 5.24
N THR A 154 -3.12 -28.80 4.88
CA THR A 154 -2.04 -28.23 4.07
C THR A 154 -0.72 -28.27 4.83
N GLY A 155 -0.75 -27.97 6.14
CA GLY A 155 0.46 -28.03 6.93
C GLY A 155 1.00 -29.43 7.06
N PHE A 156 0.11 -30.41 7.26
CA PHE A 156 0.56 -31.80 7.29
C PHE A 156 1.26 -32.17 5.99
N ARG A 157 0.63 -31.83 4.86
CA ARG A 157 1.23 -32.15 3.56
C ARG A 157 2.59 -31.47 3.40
N LYS A 158 2.66 -30.17 3.73
CA LYS A 158 3.89 -29.43 3.56
C LYS A 158 5.00 -29.97 4.44
N ILE A 159 4.70 -30.26 5.71
CA ILE A 159 5.74 -30.72 6.62
C ILE A 159 6.21 -32.12 6.22
N LEU A 160 5.29 -32.98 5.79
CA LEU A 160 5.71 -34.31 5.34
C LEU A 160 6.56 -34.22 4.08
N LYS A 161 6.21 -33.32 3.16
CA LYS A 161 7.03 -33.12 1.97
C LYS A 161 8.42 -32.61 2.33
N LYS A 162 8.49 -31.67 3.27
CA LYS A 162 9.79 -31.14 3.69
C LYS A 162 10.63 -32.22 4.37
N HIS A 163 9.99 -33.04 5.20
CA HIS A 163 10.72 -34.13 5.84
C HIS A 163 11.24 -35.14 4.81
N ASP A 164 10.42 -35.46 3.82
CA ASP A 164 10.87 -36.35 2.75
C ASP A 164 12.05 -35.76 1.99
N LYS A 165 11.98 -34.46 1.69
CA LYS A 165 13.07 -33.80 0.98
C LYS A 165 14.36 -33.83 1.80
N ILE A 166 14.26 -33.54 3.10
CA ILE A 166 15.46 -33.48 3.93
C ILE A 166 16.05 -34.87 4.13
N LEU A 167 15.21 -35.86 4.42
CA LEU A 167 15.68 -37.21 4.68
C LEU A 167 15.95 -38.02 3.42
N GLU A 168 15.57 -37.51 2.25
CA GLU A 168 15.76 -38.22 0.99
C GLU A 168 15.05 -39.58 1.02
N THR A 169 13.89 -39.62 1.68
CA THR A 169 13.09 -40.83 1.79
C THR A 169 11.63 -40.51 1.46
N SER A 170 10.92 -41.50 0.96
CA SER A 170 9.53 -41.36 0.56
C SER A 170 8.55 -41.82 1.62
N ARG A 171 9.04 -42.21 2.80
CA ARG A 171 8.15 -42.71 3.84
C ARG A 171 7.17 -41.65 4.33
N GLY A 172 7.53 -40.38 4.21
CA GLY A 172 6.61 -39.33 4.63
C GLY A 172 5.33 -39.30 3.82
N ALA A 173 5.45 -39.46 2.50
CA ALA A 173 4.25 -39.51 1.66
C ALA A 173 3.38 -40.71 2.01
N ASP A 174 4.00 -41.86 2.26
CA ASP A 174 3.25 -43.04 2.65
C ASP A 174 2.51 -42.81 3.97
N TRP A 175 3.18 -42.19 4.94
CA TRP A 175 2.54 -41.89 6.22
C TRP A 175 1.37 -40.92 6.03
N ARG A 176 1.57 -39.89 5.20
CA ARG A 176 0.49 -38.94 4.95
C ARG A 176 -0.71 -39.63 4.31
N VAL A 177 -0.46 -40.47 3.32
CA VAL A 177 -1.57 -41.15 2.63
C VAL A 177 -2.27 -42.12 3.57
N ALA A 178 -1.51 -42.77 4.45
CA ALA A 178 -2.09 -43.79 5.32
C ALA A 178 -2.96 -43.17 6.42
N HIS A 179 -2.49 -42.09 7.02
CA HIS A 179 -3.13 -41.50 8.20
C HIS A 179 -3.78 -40.16 7.91
N VAL A 180 -3.02 -39.18 7.42
CA VAL A 180 -3.56 -37.84 7.25
C VAL A 180 -4.65 -37.82 6.18
N GLU A 181 -4.45 -38.55 5.09
CA GLU A 181 -5.42 -38.52 4.00
C GLU A 181 -6.79 -39.03 4.45
N VAL A 182 -6.81 -40.01 5.34
CA VAL A 182 -8.06 -40.61 5.81
C VAL A 182 -8.40 -40.14 7.22
N ALA A 183 -7.81 -39.04 7.68
CA ALA A 183 -8.10 -38.54 9.01
C ALA A 183 -9.53 -37.97 9.07
N PRO A 184 -10.20 -38.11 10.22
CA PRO A 184 -11.56 -37.55 10.33
C PRO A 184 -11.61 -36.05 10.08
N PHE A 185 -10.58 -35.31 10.49
CA PHE A 185 -10.62 -33.85 10.35
C PHE A 185 -10.67 -33.44 8.89
N TYR A 186 -10.07 -34.23 7.99
CA TYR A 186 -9.98 -33.90 6.54
C TYR A 186 -11.07 -34.60 5.72
N THR A 187 -11.68 -35.68 6.24
CA THR A 187 -12.68 -36.50 5.49
C THR A 187 -14.06 -36.25 6.07
N CYS A 188 -14.25 -35.18 6.86
CA CYS A 188 -15.57 -34.80 7.45
C CYS A 188 -16.20 -33.69 6.60
N LYS A 189 -17.27 -33.99 5.88
CA LYS A 189 -17.98 -33.00 5.02
C LYS A 189 -19.21 -32.47 5.78
N LYS A 190 -19.34 -32.82 7.07
CA LYS A 190 -20.48 -32.36 7.91
C LYS A 190 -20.47 -30.84 8.00
N ILE A 191 -19.31 -30.19 7.83
CA ILE A 191 -19.19 -28.75 7.95
C ILE A 191 -19.68 -28.06 6.68
N ASN A 192 -19.32 -28.61 5.51
CA ASN A 192 -19.82 -28.04 4.25
C ASN A 192 -21.34 -28.18 4.16
N GLN A 193 -21.87 -29.32 4.60
CA GLN A 193 -23.32 -29.51 4.61
C GLN A 193 -23.98 -28.50 5.55
N LEU A 194 -23.37 -28.24 6.71
CA LEU A 194 -23.90 -27.23 7.62
C LEU A 194 -23.89 -25.85 6.98
N ILE A 195 -22.81 -25.53 6.27
CA ILE A 195 -22.73 -24.24 5.57
C ILE A 195 -23.86 -24.12 4.55
N SER A 196 -24.05 -25.18 3.76
CA SER A 196 -25.11 -25.16 2.74
C SER A 196 -26.48 -25.01 3.38
N GLU A 197 -26.73 -25.76 4.47
CA GLU A 197 -28.02 -25.68 5.14
C GLU A 197 -28.25 -24.29 5.73
N THR A 198 -27.23 -23.70 6.33
CA THR A 198 -27.36 -22.35 6.87
C THR A 198 -27.67 -21.34 5.77
N GLU A 199 -26.98 -21.46 4.64
CA GLU A 199 -27.25 -20.56 3.52
C GLU A 199 -28.67 -20.72 3.03
N ALA A 200 -29.13 -21.96 2.86
CA ALA A 200 -30.49 -22.19 2.39
C ALA A 200 -31.51 -21.65 3.37
N VAL A 201 -31.29 -21.85 4.66
CA VAL A 201 -32.24 -21.35 5.66
C VAL A 201 -32.27 -19.83 5.65
N VAL A 202 -31.10 -19.19 5.57
CA VAL A 202 -31.05 -17.73 5.56
C VAL A 202 -31.78 -17.19 4.32
N THR A 203 -31.55 -17.80 3.17
CA THR A 203 -32.19 -17.32 1.94
C THR A 203 -33.69 -17.52 1.99
N ASN A 204 -34.15 -18.73 2.31
CA ASN A 204 -35.57 -19.04 2.23
C ASN A 204 -36.38 -18.25 3.26
N GLU A 205 -35.89 -18.16 4.50
CA GLU A 205 -36.67 -17.57 5.58
C GLU A 205 -36.39 -16.09 5.76
N LEU A 206 -35.14 -15.74 6.08
CA LEU A 206 -34.83 -14.36 6.42
C LEU A 206 -34.81 -13.44 5.20
N GLU A 207 -34.22 -13.90 4.11
CA GLU A 207 -34.07 -13.07 2.92
C GLU A 207 -35.20 -13.24 1.91
N ASP A 208 -36.13 -14.16 2.15
CA ASP A 208 -37.27 -14.40 1.27
C ASP A 208 -36.82 -14.94 -0.09
N GLY A 209 -36.03 -16.02 -0.05
CA GLY A 209 -35.72 -16.78 -1.24
C GLY A 209 -34.95 -16.02 -2.31
N ASP A 210 -33.89 -15.32 -1.92
CA ASP A 210 -33.02 -14.63 -2.88
C ASP A 210 -31.58 -14.79 -2.40
N ARG A 211 -30.80 -15.63 -3.10
CA ARG A 211 -29.43 -15.87 -2.68
C ARG A 211 -28.54 -14.65 -2.87
N GLN A 212 -28.92 -13.71 -3.73
CA GLN A 212 -28.11 -12.51 -3.91
C GLN A 212 -28.05 -11.70 -2.62
N LYS A 213 -29.18 -11.56 -1.93
CA LYS A 213 -29.17 -10.88 -0.63
C LYS A 213 -28.31 -11.64 0.36
N ALA A 214 -28.38 -12.97 0.35
CA ALA A 214 -27.47 -13.78 1.12
C ALA A 214 -26.08 -13.71 0.51
N MET A 215 -25.08 -14.20 1.26
CA MET A 215 -23.69 -14.13 0.84
C MET A 215 -23.16 -12.70 0.94
N LYS A 216 -24.00 -11.76 1.37
CA LYS A 216 -23.58 -10.44 1.79
C LYS A 216 -23.83 -10.35 3.29
N ARG A 217 -22.79 -10.00 4.05
CA ARG A 217 -22.79 -10.12 5.51
C ARG A 217 -22.66 -11.58 5.91
N LEU A 218 -22.64 -12.48 4.91
CA LEU A 218 -22.56 -13.92 5.15
C LEU A 218 -21.48 -14.54 4.27
N ARG A 219 -20.42 -13.79 3.97
CA ARG A 219 -19.36 -14.25 3.08
C ARG A 219 -18.04 -14.52 3.79
N VAL A 220 -17.73 -13.80 4.85
CA VAL A 220 -16.47 -13.97 5.57
C VAL A 220 -15.31 -13.72 4.61
N PRO A 221 -15.07 -12.49 4.18
CA PRO A 221 -13.89 -12.20 3.35
C PRO A 221 -12.62 -12.46 4.14
N PRO A 222 -11.46 -12.27 3.52
CA PRO A 222 -10.21 -12.49 4.25
C PRO A 222 -10.17 -11.71 5.56
N LEU A 223 -9.75 -12.38 6.62
CA LEU A 223 -9.79 -11.82 7.97
C LEU A 223 -8.39 -11.74 8.55
N GLY A 224 -8.21 -10.81 9.49
CA GLY A 224 -6.94 -10.68 10.18
C GLY A 224 -5.85 -10.11 9.27
N ALA A 225 -4.60 -10.46 9.60
CA ALA A 225 -3.46 -9.98 8.83
C ALA A 225 -3.42 -10.55 7.42
N ALA A 226 -4.24 -11.56 7.12
CA ALA A 226 -4.26 -12.14 5.78
C ALA A 226 -4.82 -11.18 4.73
N GLN A 227 -5.41 -10.06 5.14
CA GLN A 227 -5.98 -9.09 4.21
C GLN A 227 -5.14 -7.83 4.19
N PRO A 228 -4.28 -7.64 3.18
CA PRO A 228 -3.51 -6.39 3.11
C PRO A 228 -4.44 -5.18 2.95
N ALA A 229 -4.02 -4.06 3.54
CA ALA A 229 -4.81 -2.85 3.43
C ALA A 229 -4.76 -2.31 2.00
N PRO A 230 -5.77 -1.56 1.58
CA PRO A 230 -5.75 -1.00 0.22
C PRO A 230 -4.53 -0.13 0.00
N ALA A 231 -3.98 -0.18 -1.22
CA ALA A 231 -2.82 0.63 -1.54
C ALA A 231 -3.14 2.11 -1.46
N TRP A 232 -4.35 2.50 -1.88
CA TRP A 232 -4.73 3.90 -1.79
C TRP A 232 -4.77 4.38 -0.36
N THR A 233 -5.25 3.54 0.56
CA THR A 233 -5.28 3.91 1.97
C THR A 233 -3.87 4.16 2.50
N THR A 234 -2.93 3.26 2.17
CA THR A 234 -1.55 3.44 2.63
C THR A 234 -0.94 4.69 2.02
N PHE A 235 -1.20 4.95 0.73
CA PHE A 235 -0.66 6.15 0.11
C PHE A 235 -1.22 7.40 0.76
N ARG A 236 -2.52 7.42 1.07
CA ARG A 236 -3.11 8.56 1.74
C ARG A 236 -2.52 8.75 3.14
N VAL A 237 -2.30 7.64 3.86
CA VAL A 237 -1.70 7.73 5.18
C VAL A 237 -0.31 8.35 5.07
N GLY A 238 0.48 7.89 4.11
CA GLY A 238 1.81 8.45 3.94
C GLY A 238 1.78 9.91 3.56
N LEU A 239 0.89 10.29 2.64
CA LEU A 239 0.79 11.69 2.22
C LEU A 239 0.41 12.58 3.39
N PHE A 240 -0.58 12.15 4.18
CA PHE A 240 -0.99 12.95 5.33
C PHE A 240 0.12 13.03 6.36
N CYS A 241 0.84 11.93 6.60
CA CYS A 241 1.94 11.97 7.55
C CYS A 241 3.02 12.94 7.09
N GLY A 242 3.38 12.90 5.80
CA GLY A 242 4.40 13.80 5.31
C GLY A 242 3.98 15.26 5.39
N ILE A 243 2.74 15.56 4.99
CA ILE A 243 2.25 16.93 5.07
C ILE A 243 2.24 17.40 6.52
N PHE A 244 1.79 16.53 7.44
CA PHE A 244 1.76 16.89 8.85
C PHE A 244 3.16 17.16 9.37
N ILE A 245 4.14 16.34 8.99
CA ILE A 245 5.50 16.55 9.45
C ILE A 245 6.05 17.88 8.94
N VAL A 246 5.85 18.16 7.66
CA VAL A 246 6.37 19.41 7.10
C VAL A 246 5.69 20.61 7.74
N LEU A 247 4.37 20.52 7.96
CA LEU A 247 3.66 21.63 8.57
C LEU A 247 4.09 21.82 10.02
N ASN A 248 4.36 20.73 10.75
CA ASN A 248 4.86 20.86 12.11
C ASN A 248 6.23 21.54 12.12
N ILE A 249 7.10 21.16 11.18
CA ILE A 249 8.41 21.82 11.09
C ILE A 249 8.23 23.31 10.81
N THR A 250 7.35 23.64 9.88
CA THR A 250 7.10 25.05 9.56
C THR A 250 6.56 25.80 10.77
N LEU A 251 5.66 25.17 11.52
CA LEU A 251 5.11 25.80 12.72
C LEU A 251 6.21 26.05 13.75
N VAL A 252 7.10 25.07 13.94
CA VAL A 252 8.19 25.23 14.90
C VAL A 252 9.11 26.39 14.48
N LEU A 253 9.49 26.42 13.21
CA LEU A 253 10.35 27.49 12.74
C LEU A 253 9.67 28.85 12.88
N ALA A 254 8.37 28.93 12.54
CA ALA A 254 7.66 30.19 12.68
C ALA A 254 7.60 30.63 14.14
N ALA A 255 7.32 29.70 15.05
CA ALA A 255 7.28 30.05 16.47
C ALA A 255 8.63 30.55 16.94
N VAL A 256 9.72 29.91 16.49
CA VAL A 256 11.06 30.36 16.86
C VAL A 256 11.39 31.70 16.21
N PHE A 257 10.70 32.07 15.14
CA PHE A 257 11.01 33.30 14.42
C PHE A 257 9.80 34.23 14.23
N ILE A 265 -4.46 38.60 22.81
CA ILE A 265 -5.67 38.76 22.01
C ILE A 265 -6.42 37.45 21.96
N TRP A 266 -5.68 36.35 21.86
CA TRP A 266 -6.28 35.02 21.80
C TRP A 266 -5.28 33.98 22.31
N PRO A 267 -5.62 33.19 23.36
CA PRO A 267 -4.69 32.15 23.82
C PRO A 267 -4.74 30.95 22.89
N LEU A 268 -3.69 30.80 22.08
CA LEU A 268 -3.65 29.71 21.11
C LEU A 268 -3.33 28.37 21.78
N ILE A 269 -2.51 28.38 22.84
CA ILE A 269 -2.16 27.12 23.49
C ILE A 269 -3.41 26.42 24.01
N ARG A 270 -4.25 27.16 24.75
CA ARG A 270 -5.46 26.55 25.32
C ARG A 270 -6.38 26.06 24.22
N ILE A 271 -6.56 26.85 23.16
CA ILE A 271 -7.50 26.49 22.11
C ILE A 271 -7.04 25.23 21.39
N TYR A 272 -5.75 25.17 21.04
CA TYR A 272 -5.24 24.11 20.18
C TYR A 272 -4.75 22.88 20.95
N ARG A 273 -4.66 22.95 22.28
CA ARG A 273 -4.23 21.79 23.04
C ARG A 273 -5.22 20.63 22.89
N GLY A 274 -6.52 20.93 22.91
CA GLY A 274 -7.51 19.88 22.75
C GLY A 274 -7.39 19.18 21.41
N GLY A 275 -7.25 19.95 20.34
CA GLY A 275 -7.10 19.35 19.02
C GLY A 275 -5.83 18.53 18.90
N PHE A 276 -4.71 19.05 19.40
CA PHE A 276 -3.46 18.30 19.35
C PHE A 276 -3.58 17.01 20.14
N LEU A 277 -4.21 17.06 21.32
CA LEU A 277 -4.37 15.86 22.13
C LEU A 277 -5.27 14.84 21.43
N LEU A 278 -6.34 15.31 20.76
CA LEU A 278 -7.20 14.38 20.04
C LEU A 278 -6.46 13.72 18.88
N ILE A 279 -5.65 14.49 18.15
CA ILE A 279 -4.89 13.92 17.05
C ILE A 279 -3.88 12.89 17.57
N GLU A 280 -3.18 13.24 18.65
CA GLU A 280 -2.24 12.30 19.25
C GLU A 280 -2.94 11.04 19.72
N PHE A 281 -4.13 11.18 20.31
CA PHE A 281 -4.89 10.02 20.76
C PHE A 281 -5.28 9.14 19.58
N LEU A 282 -5.70 9.76 18.47
CA LEU A 282 -6.05 8.97 17.29
C LEU A 282 -4.84 8.21 16.75
N PHE A 283 -3.68 8.87 16.68
CA PHE A 283 -2.48 8.20 16.18
C PHE A 283 -2.07 7.05 17.10
N LEU A 284 -2.09 7.28 18.41
CA LEU A 284 -1.73 6.24 19.36
C LEU A 284 -2.76 5.11 19.36
N LEU A 285 -4.02 5.41 19.04
CA LEU A 285 -5.02 4.37 18.94
C LEU A 285 -4.82 3.53 17.68
N GLY A 286 -4.38 4.17 16.59
CA GLY A 286 -3.97 3.40 15.43
C GLY A 286 -2.82 2.46 15.77
N ILE A 287 -1.85 2.95 16.53
CA ILE A 287 -0.76 2.08 16.98
C ILE A 287 -1.30 0.95 17.85
N ASN A 288 -2.26 1.27 18.73
CA ASN A 288 -2.86 0.25 19.57
C ASN A 288 -3.52 -0.84 18.74
N THR A 289 -4.27 -0.44 17.72
CA THR A 289 -4.93 -1.41 16.85
C THR A 289 -3.91 -2.26 16.11
N TYR A 290 -2.84 -1.65 15.61
CA TYR A 290 -1.80 -2.41 14.94
C TYR A 290 -1.18 -3.44 15.88
N GLY A 291 -0.86 -3.02 17.10
CA GLY A 291 -0.29 -3.95 18.05
C GLY A 291 -1.23 -5.07 18.44
N TRP A 292 -2.52 -4.74 18.62
CA TRP A 292 -3.51 -5.77 18.93
C TRP A 292 -3.60 -6.80 17.80
N ARG A 293 -3.61 -6.32 16.55
CA ARG A 293 -3.66 -7.24 15.43
C ARG A 293 -2.40 -8.10 15.36
N GLN A 294 -1.24 -7.49 15.60
CA GLN A 294 0.01 -8.25 15.57
C GLN A 294 0.16 -9.16 16.78
N ALA A 295 -0.35 -8.74 17.94
CA ALA A 295 -0.21 -9.51 19.16
C ALA A 295 -1.25 -10.62 19.29
N GLY A 296 -2.19 -10.73 18.36
CA GLY A 296 -3.22 -11.73 18.43
C GLY A 296 -4.37 -11.40 19.34
N VAL A 297 -4.39 -10.22 19.94
CA VAL A 297 -5.48 -9.81 20.83
C VAL A 297 -6.71 -9.56 19.96
N ASN A 298 -7.75 -10.36 20.14
CA ASN A 298 -8.97 -10.26 19.35
C ASN A 298 -9.82 -9.09 19.88
N HIS A 299 -9.31 -7.89 19.63
CA HIS A 299 -10.02 -6.68 20.05
C HIS A 299 -11.37 -6.53 19.36
N VAL A 300 -11.55 -7.18 18.21
CA VAL A 300 -12.84 -7.11 17.51
C VAL A 300 -13.93 -7.73 18.37
N LEU A 301 -13.67 -8.91 18.91
CA LEU A 301 -14.66 -9.56 19.77
C LEU A 301 -14.86 -8.78 21.07
N ILE A 302 -13.77 -8.31 21.67
CA ILE A 302 -13.86 -7.60 22.94
C ILE A 302 -14.68 -6.33 22.78
N PHE A 303 -14.49 -5.62 21.67
CA PHE A 303 -15.25 -4.41 21.40
C PHE A 303 -16.60 -4.68 20.75
N GLU A 304 -16.94 -5.95 20.50
CA GLU A 304 -18.22 -6.33 19.91
C GLU A 304 -18.43 -5.64 18.56
N LEU A 305 -17.40 -5.69 17.73
CA LEU A 305 -17.44 -5.11 16.39
C LEU A 305 -17.67 -6.20 15.36
N ASN A 306 -18.15 -5.78 14.19
CA ASN A 306 -18.45 -6.72 13.12
C ASN A 306 -17.14 -7.31 12.58
N PRO A 307 -16.93 -8.62 12.65
CA PRO A 307 -15.66 -9.19 12.16
C PRO A 307 -15.47 -9.06 10.65
N ARG A 308 -16.53 -8.84 9.88
CA ARG A 308 -16.42 -8.75 8.44
C ARG A 308 -16.02 -7.38 7.94
N SER A 309 -16.08 -6.35 8.81
CA SER A 309 -15.71 -4.98 8.43
C SER A 309 -15.08 -4.34 9.66
N ASN A 310 -13.75 -4.37 9.72
CA ASN A 310 -12.98 -3.80 10.83
C ASN A 310 -12.18 -2.61 10.33
N LEU A 311 -12.30 -1.48 11.02
CA LEU A 311 -11.52 -0.29 10.69
C LEU A 311 -10.05 -0.57 11.03
N SER A 312 -9.23 -0.71 10.00
CA SER A 312 -7.83 -1.07 10.20
C SER A 312 -7.07 0.10 10.83
N HIS A 313 -5.89 -0.21 11.38
CA HIS A 313 -5.03 0.82 11.93
C HIS A 313 -4.65 1.85 10.88
N GLN A 314 -4.59 1.45 9.61
CA GLN A 314 -4.26 2.39 8.55
C GLN A 314 -5.33 3.48 8.43
N HIS A 315 -6.59 3.10 8.56
CA HIS A 315 -7.67 4.09 8.52
C HIS A 315 -7.57 5.06 9.70
N LEU A 316 -7.25 4.54 10.88
CA LEU A 316 -7.05 5.42 12.03
C LEU A 316 -5.90 6.39 11.78
N PHE A 317 -4.80 5.89 11.22
CA PHE A 317 -3.68 6.77 10.89
C PHE A 317 -4.07 7.82 9.87
N GLU A 318 -4.87 7.43 8.87
CA GLU A 318 -5.33 8.39 7.87
C GLU A 318 -6.18 9.48 8.49
N ILE A 319 -7.11 9.10 9.36
CA ILE A 319 -7.97 10.09 10.02
C ILE A 319 -7.12 11.02 10.88
N ALA A 320 -6.18 10.44 11.64
CA ALA A 320 -5.33 11.26 12.49
C ALA A 320 -4.49 12.22 11.66
N GLY A 321 -3.96 11.75 10.53
CA GLY A 321 -3.16 12.61 9.67
C GLY A 321 -3.97 13.75 9.08
N PHE A 322 -5.19 13.46 8.62
CA PHE A 322 -6.03 14.52 8.08
C PHE A 322 -6.38 15.55 9.15
N LEU A 323 -6.74 15.08 10.34
CA LEU A 323 -7.06 16.01 11.43
C LEU A 323 -5.84 16.84 11.81
N GLY A 324 -4.65 16.21 11.84
CA GLY A 324 -3.45 16.96 12.14
C GLY A 324 -3.11 17.98 11.08
N ILE A 325 -3.36 17.63 9.81
CA ILE A 325 -3.14 18.59 8.73
C ILE A 325 -4.05 19.80 8.92
N LEU A 326 -5.32 19.56 9.23
CA LEU A 326 -6.25 20.67 9.46
C LEU A 326 -5.80 21.50 10.67
N TRP A 327 -5.39 20.83 11.75
CA TRP A 327 -4.94 21.53 12.95
C TRP A 327 -3.74 22.41 12.66
N CYS A 328 -2.75 21.86 11.93
CA CYS A 328 -1.55 22.62 11.59
C CYS A 328 -1.89 23.79 10.67
N LEU A 329 -2.78 23.58 9.71
CA LEU A 329 -3.19 24.67 8.83
C LEU A 329 -3.85 25.80 9.62
N SER A 330 -4.73 25.43 10.56
CA SER A 330 -5.39 26.44 11.38
C SER A 330 -4.38 27.20 12.24
N LEU A 331 -3.42 26.48 12.85
CA LEU A 331 -2.43 27.15 13.67
C LEU A 331 -1.55 28.08 12.84
N LEU A 332 -1.15 27.63 11.64
CA LEU A 332 -0.34 28.47 10.77
C LEU A 332 -1.12 29.72 10.34
N ALA A 333 -2.39 29.55 10.02
CA ALA A 333 -3.21 30.70 9.65
C ALA A 333 -3.34 31.68 10.81
N CYS A 334 -3.48 31.16 12.03
CA CYS A 334 -3.53 32.03 13.20
C CYS A 334 -2.22 32.79 13.37
N PHE A 335 -1.09 32.09 13.21
CA PHE A 335 0.21 32.75 13.39
C PHE A 335 0.44 33.82 12.33
N PHE A 336 0.10 33.53 11.08
CA PHE A 336 0.38 34.43 9.97
C PHE A 336 -0.80 35.30 9.58
N ALA A 337 -2.03 34.79 9.72
CA ALA A 337 -3.22 35.53 9.30
C ALA A 337 -3.11 35.87 7.82
N PRO A 338 -3.06 34.88 6.93
CA PRO A 338 -2.90 35.18 5.50
C PRO A 338 -4.00 36.08 4.94
N ILE A 339 -5.23 35.95 5.43
CA ILE A 339 -6.34 36.76 4.97
C ILE A 339 -6.59 37.84 6.02
N SER A 340 -6.37 39.09 5.63
CA SER A 340 -6.52 40.19 6.58
C SER A 340 -7.99 40.42 6.94
N VAL A 341 -8.87 40.35 5.95
CA VAL A 341 -10.28 40.64 6.21
C VAL A 341 -10.87 39.63 7.21
N ILE A 342 -10.54 38.36 7.03
CA ILE A 342 -11.10 37.33 7.92
C ILE A 342 -10.43 37.44 9.30
N PRO A 343 -11.17 37.33 10.39
CA PRO A 343 -10.53 37.38 11.71
C PRO A 343 -9.78 36.09 12.01
N THR A 344 -8.95 36.15 13.06
CA THR A 344 -8.16 34.99 13.44
C THR A 344 -8.99 33.95 14.18
N TYR A 345 -9.95 34.39 15.00
CA TYR A 345 -10.68 33.46 15.87
C TYR A 345 -11.48 32.44 15.07
N VAL A 346 -11.87 32.76 13.83
CA VAL A 346 -12.61 31.78 13.04
C VAL A 346 -11.75 30.58 12.71
N TYR A 347 -10.43 30.77 12.63
CA TYR A 347 -9.54 29.68 12.24
C TYR A 347 -9.66 28.48 13.16
N PRO A 348 -9.55 28.62 14.48
CA PRO A 348 -9.79 27.46 15.36
C PRO A 348 -11.24 27.03 15.38
N LEU A 349 -12.14 28.01 15.51
CA LEU A 349 -13.57 27.70 15.58
C LEU A 349 -14.01 26.84 14.41
N ALA A 350 -13.57 27.18 13.20
CA ALA A 350 -13.90 26.36 12.04
C ALA A 350 -13.30 24.96 12.18
N LEU A 351 -12.01 24.88 12.53
CA LEU A 351 -11.32 23.60 12.58
C LEU A 351 -12.10 22.59 13.41
N TYR A 352 -12.26 22.87 14.70
CA TYR A 352 -13.04 21.98 15.55
C TYR A 352 -14.44 21.78 14.98
N GLY A 353 -15.06 22.86 14.52
CA GLY A 353 -16.37 22.71 13.90
C GLY A 353 -16.35 21.68 12.79
N PHE A 354 -15.37 21.78 11.89
CA PHE A 354 -15.24 20.79 10.84
C PHE A 354 -15.14 19.39 11.44
N MET A 355 -14.28 19.23 12.44
CA MET A 355 -14.17 17.94 13.12
C MET A 355 -15.54 17.49 13.62
N VAL A 356 -16.27 18.40 14.28
CA VAL A 356 -17.62 18.07 14.72
C VAL A 356 -18.46 17.67 13.51
N PHE A 357 -18.45 18.49 12.46
CA PHE A 357 -19.19 18.15 11.26
C PHE A 357 -18.67 16.85 10.66
N PHE A 358 -17.38 16.57 10.82
CA PHE A 358 -16.84 15.29 10.36
C PHE A 358 -17.42 14.13 11.16
N LEU A 359 -17.56 14.32 12.47
CA LEU A 359 -18.05 13.22 13.32
C LEU A 359 -19.55 13.00 13.14
N ILE A 360 -20.32 14.08 13.03
CA ILE A 360 -21.77 13.98 12.96
C ILE A 360 -22.27 14.06 11.51
N ASN A 361 -21.39 13.81 10.55
CA ASN A 361 -21.78 13.85 9.14
C ASN A 361 -22.84 12.80 8.86
N PRO A 362 -24.02 13.16 8.36
CA PRO A 362 -25.04 12.14 8.08
C PRO A 362 -24.83 11.40 6.77
N THR A 363 -24.08 11.96 5.84
CA THR A 363 -23.85 11.30 4.56
C THR A 363 -23.04 10.02 4.76
N LYS A 364 -23.36 9.00 3.98
CA LYS A 364 -22.71 7.69 4.10
C LYS A 364 -21.35 7.74 3.40
N THR A 365 -20.45 8.51 3.99
CA THR A 365 -19.10 8.67 3.47
C THR A 365 -18.14 8.90 4.62
N PHE A 366 -16.86 8.67 4.35
CA PHE A 366 -15.78 8.93 5.31
C PHE A 366 -16.00 8.12 6.59
N TYR A 367 -15.94 6.79 6.44
CA TYR A 367 -16.11 5.86 7.55
C TYR A 367 -17.43 6.11 8.27
N TYR A 368 -18.51 6.15 7.48
CA TYR A 368 -19.81 6.48 8.06
C TYR A 368 -20.26 5.44 9.07
N LYS A 369 -20.01 4.16 8.80
CA LYS A 369 -20.38 3.12 9.75
C LYS A 369 -19.62 3.29 11.06
N SER A 370 -18.30 3.48 10.98
CA SER A 370 -17.50 3.68 12.18
C SER A 370 -17.93 4.94 12.93
N ARG A 371 -18.22 6.01 12.19
CA ARG A 371 -18.64 7.25 12.83
C ARG A 371 -19.97 7.08 13.55
N PHE A 372 -20.92 6.37 12.93
CA PHE A 372 -22.20 6.12 13.60
C PHE A 372 -22.01 5.25 14.83
N TRP A 373 -21.16 4.23 14.74
CA TRP A 373 -20.87 3.41 15.92
C TRP A 373 -20.28 4.25 17.04
N LEU A 374 -19.34 5.14 16.71
CA LEU A 374 -18.76 6.01 17.72
C LEU A 374 -19.80 6.95 18.32
N LEU A 375 -20.69 7.49 17.49
CA LEU A 375 -21.73 8.38 18.00
C LEU A 375 -22.65 7.64 18.96
N LYS A 376 -23.05 6.43 18.60
CA LYS A 376 -23.90 5.64 19.49
C LYS A 376 -23.18 5.34 20.79
N LEU A 377 -21.89 4.97 20.71
CA LEU A 377 -21.13 4.69 21.93
C LEU A 377 -21.02 5.92 22.81
N LEU A 378 -20.78 7.09 22.21
CA LEU A 378 -20.69 8.32 22.98
C LEU A 378 -22.01 8.65 23.65
N PHE A 379 -23.12 8.47 22.92
CA PHE A 379 -24.43 8.71 23.51
C PHE A 379 -24.67 7.78 24.70
N ARG A 380 -24.30 6.50 24.55
CA ARG A 380 -24.46 5.56 25.66
C ARG A 380 -23.59 5.96 26.85
N VAL A 381 -22.35 6.38 26.59
CA VAL A 381 -21.43 6.69 27.68
C VAL A 381 -21.91 7.92 28.44
N PHE A 382 -22.25 8.99 27.71
CA PHE A 382 -22.72 10.21 28.38
C PHE A 382 -24.07 10.03 29.04
N THR A 383 -24.80 8.96 28.72
CA THR A 383 -26.03 8.59 29.41
C THR A 383 -25.84 7.26 30.11
N ALA A 384 -24.70 7.11 30.77
CA ALA A 384 -24.29 5.82 31.35
C ALA A 384 -25.33 5.18 32.24
N PRO A 385 -25.92 5.87 33.22
CA PRO A 385 -26.79 5.17 34.18
C PRO A 385 -28.01 4.53 33.53
N PHE A 386 -28.39 4.94 32.32
CA PHE A 386 -29.57 4.43 31.64
C PHE A 386 -29.22 3.44 30.52
N HIS A 387 -28.07 2.80 30.60
CA HIS A 387 -27.66 1.84 29.57
C HIS A 387 -26.81 0.75 30.20
N LYS A 388 -26.80 -0.42 29.55
CA LYS A 388 -25.95 -1.51 29.98
C LYS A 388 -24.49 -1.18 29.69
N VAL A 389 -23.64 -1.35 30.69
CA VAL A 389 -22.23 -0.96 30.59
C VAL A 389 -21.48 -2.14 29.98
N GLY A 390 -21.29 -2.11 28.67
CA GLY A 390 -20.44 -3.07 28.00
C GLY A 390 -18.98 -2.64 28.05
N PHE A 391 -18.13 -3.46 27.44
CA PHE A 391 -16.71 -3.15 27.43
C PHE A 391 -16.44 -1.84 26.68
N ALA A 392 -17.13 -1.63 25.56
CA ALA A 392 -16.90 -0.43 24.77
C ALA A 392 -17.22 0.83 25.56
N ASP A 393 -18.34 0.82 26.30
CA ASP A 393 -18.73 2.00 27.05
C ASP A 393 -17.69 2.33 28.13
N PHE A 394 -17.26 1.33 28.88
CA PHE A 394 -16.27 1.55 29.93
C PHE A 394 -14.94 2.01 29.33
N TRP A 395 -14.54 1.40 28.20
CA TRP A 395 -13.28 1.78 27.56
C TRP A 395 -13.33 3.22 27.09
N LEU A 396 -14.43 3.64 26.46
CA LEU A 396 -14.53 5.01 25.99
C LEU A 396 -14.62 6.00 27.16
N ALA A 397 -15.28 5.60 28.24
CA ALA A 397 -15.29 6.44 29.44
C ALA A 397 -13.89 6.62 30.00
N ASP A 398 -13.09 5.56 30.01
CA ASP A 398 -11.70 5.68 30.44
C ASP A 398 -10.92 6.59 29.50
N GLN A 399 -11.12 6.45 28.19
CA GLN A 399 -10.46 7.35 27.25
C GLN A 399 -10.81 8.80 27.55
N LEU A 400 -12.09 9.08 27.81
CA LEU A 400 -12.50 10.42 28.18
C LEU A 400 -11.82 10.87 29.47
N ASN A 401 -11.73 9.97 30.45
CA ASN A 401 -11.03 10.29 31.69
C ASN A 401 -9.59 10.71 31.42
N SER A 402 -8.95 10.07 30.44
CA SER A 402 -7.61 10.45 30.04
C SER A 402 -7.59 11.63 29.07
N LEU A 403 -8.76 12.11 28.63
CA LEU A 403 -8.86 13.23 27.72
C LEU A 403 -9.68 14.37 28.32
N SER A 404 -9.69 14.47 29.65
CA SER A 404 -10.42 15.55 30.32
C SER A 404 -9.85 16.93 29.97
N VAL A 405 -8.63 16.98 29.45
CA VAL A 405 -8.03 18.26 29.07
C VAL A 405 -8.84 18.92 27.96
N ILE A 406 -9.42 18.12 27.06
CA ILE A 406 -10.23 18.69 25.99
C ILE A 406 -11.45 19.41 26.57
N LEU A 407 -12.13 18.76 27.51
CA LEU A 407 -13.29 19.39 28.16
C LEU A 407 -12.88 20.63 28.93
N MET A 408 -11.74 20.56 29.63
CA MET A 408 -11.25 21.73 30.38
C MET A 408 -10.97 22.89 29.43
N ASP A 409 -10.35 22.60 28.29
CA ASP A 409 -10.05 23.65 27.32
C ASP A 409 -11.32 24.22 26.72
N LEU A 410 -12.32 23.38 26.47
CA LEU A 410 -13.60 23.88 25.96
C LEU A 410 -14.25 24.81 26.97
N GLU A 411 -14.23 24.43 28.25
CA GLU A 411 -14.81 25.30 29.28
C GLU A 411 -14.02 26.61 29.39
N TYR A 412 -12.69 26.53 29.28
CA TYR A 412 -11.87 27.74 29.34
C TYR A 412 -12.19 28.66 28.16
N MET A 413 -12.37 28.08 26.97
CA MET A 413 -12.74 28.89 25.81
C MET A 413 -14.10 29.54 26.00
N ILE A 414 -15.06 28.79 26.56
CA ILE A 414 -16.38 29.36 26.84
C ILE A 414 -16.25 30.54 27.78
N CYS A 415 -15.47 30.38 28.86
CA CYS A 415 -15.27 31.47 29.81
C CYS A 415 -14.61 32.66 29.14
N PHE A 416 -13.59 32.41 28.32
CA PHE A 416 -12.88 33.50 27.65
C PHE A 416 -13.82 34.29 26.74
N TYR A 417 -14.66 33.58 25.98
CA TYR A 417 -15.61 34.26 25.11
C TYR A 417 -16.63 35.04 25.93
N SER A 418 -17.11 34.46 27.02
CA SER A 418 -18.19 35.09 27.78
C SER A 418 -17.71 36.33 28.51
N LEU A 419 -16.53 36.27 29.13
CA LEU A 419 -16.06 37.34 30.01
C LEU A 419 -15.02 38.23 29.34
N GLU A 420 -13.93 37.63 28.85
CA GLU A 420 -12.83 38.42 28.32
C GLU A 420 -13.20 39.18 27.06
N LEU A 421 -14.25 38.76 26.36
CA LEU A 421 -14.71 39.47 25.17
C LEU A 421 -16.13 40.00 25.37
N GLU A 436 -10.86 43.41 34.86
CA GLU A 436 -9.82 42.53 35.37
C GLU A 436 -9.32 41.60 34.26
N SER A 437 -8.09 41.85 33.79
CA SER A 437 -7.52 41.04 32.73
C SER A 437 -7.29 39.61 33.21
N GLY A 438 -7.61 38.64 32.36
CA GLY A 438 -7.41 37.24 32.71
C GLY A 438 -8.24 36.80 33.90
N ILE A 439 -9.49 37.24 33.98
CA ILE A 439 -10.34 36.84 35.10
C ILE A 439 -10.63 35.35 35.07
N CYS A 440 -10.81 34.78 33.87
CA CYS A 440 -11.13 33.37 33.75
C CYS A 440 -9.98 32.46 34.14
N HIS A 441 -8.77 33.00 34.29
CA HIS A 441 -7.59 32.22 34.65
C HIS A 441 -7.14 32.43 36.09
N LYS A 442 -7.24 33.66 36.60
CA LYS A 442 -6.78 33.94 37.95
C LYS A 442 -7.72 33.37 39.00
N TYR A 443 -9.02 33.32 38.70
CA TYR A 443 -10.03 32.88 39.65
C TYR A 443 -10.66 31.58 39.17
N THR A 444 -10.96 30.70 40.12
CA THR A 444 -11.61 29.42 39.85
C THR A 444 -13.02 29.42 40.42
N TYR A 445 -13.82 28.49 39.92
CA TYR A 445 -15.21 28.38 40.34
C TYR A 445 -15.65 26.92 40.26
N GLY A 446 -16.85 26.66 40.77
CA GLY A 446 -17.31 25.28 40.87
C GLY A 446 -17.47 24.61 39.52
N VAL A 447 -18.01 25.33 38.53
CA VAL A 447 -18.28 24.72 37.23
C VAL A 447 -16.99 24.13 36.65
N ARG A 448 -15.86 24.77 36.89
CA ARG A 448 -14.59 24.22 36.42
C ARG A 448 -14.33 22.85 37.04
N ALA A 449 -14.56 22.73 38.35
CA ALA A 449 -14.35 21.45 39.02
C ALA A 449 -15.32 20.39 38.51
N ILE A 450 -16.58 20.76 38.29
CA ILE A 450 -17.55 19.80 37.77
C ILE A 450 -17.15 19.34 36.39
N VAL A 451 -16.71 20.26 35.53
CA VAL A 451 -16.27 19.86 34.19
C VAL A 451 -15.06 18.96 34.28
N GLN A 452 -14.14 19.24 35.20
CA GLN A 452 -12.97 18.39 35.38
C GLN A 452 -13.37 16.98 35.80
N CYS A 453 -14.34 16.87 36.71
CA CYS A 453 -14.75 15.59 37.24
C CYS A 453 -15.78 14.86 36.37
N ILE A 454 -16.29 15.50 35.32
CA ILE A 454 -17.31 14.85 34.49
C ILE A 454 -16.89 13.46 34.03
N PRO A 455 -15.70 13.26 33.45
CA PRO A 455 -15.33 11.89 33.06
C PRO A 455 -15.27 10.92 34.24
N ALA A 456 -14.75 11.37 35.38
CA ALA A 456 -14.72 10.51 36.55
C ALA A 456 -16.14 10.24 37.04
N TRP A 457 -17.03 11.23 36.94
CA TRP A 457 -18.43 10.99 37.28
C TRP A 457 -19.04 9.93 36.37
N LEU A 458 -18.75 10.01 35.08
CA LEU A 458 -19.29 9.02 34.14
C LEU A 458 -18.80 7.62 34.48
N ARG A 459 -17.50 7.49 34.76
CA ARG A 459 -16.96 6.17 35.11
C ARG A 459 -17.55 5.66 36.42
N PHE A 460 -17.69 6.54 37.41
CA PHE A 460 -18.25 6.14 38.70
C PHE A 460 -19.70 5.68 38.56
N ILE A 461 -20.50 6.40 37.77
CA ILE A 461 -21.89 6.00 37.55
C ILE A 461 -21.94 4.71 36.75
N GLN A 462 -21.03 4.51 35.80
CA GLN A 462 -20.98 3.24 35.08
C GLN A 462 -20.69 2.09 36.03
N CYS A 463 -19.76 2.29 36.96
CA CYS A 463 -19.46 1.25 37.93
C CYS A 463 -20.65 0.98 38.84
N LEU A 464 -21.36 2.03 39.25
CA LEU A 464 -22.57 1.83 40.06
C LEU A 464 -23.61 1.04 39.28
N ARG A 465 -23.80 1.36 38.00
CA ARG A 465 -24.76 0.61 37.19
C ARG A 465 -24.34 -0.85 37.06
N ARG A 466 -23.04 -1.10 36.89
CA ARG A 466 -22.56 -2.48 36.82
C ARG A 466 -22.81 -3.21 38.13
N TYR A 467 -22.59 -2.54 39.26
CA TYR A 467 -22.89 -3.15 40.55
C TYR A 467 -24.37 -3.49 40.67
N ARG A 468 -25.23 -2.57 40.23
CA ARG A 468 -26.67 -2.85 40.27
C ARG A 468 -27.01 -4.06 39.41
N ASP A 469 -26.43 -4.13 38.21
CA ASP A 469 -26.77 -5.21 37.29
C ASP A 469 -26.28 -6.57 37.81
N THR A 470 -25.04 -6.63 38.30
CA THR A 470 -24.44 -7.89 38.69
C THR A 470 -24.46 -8.13 40.20
N LYS A 471 -24.59 -7.08 41.00
CA LYS A 471 -24.61 -7.16 42.47
C LYS A 471 -23.27 -7.62 43.04
N ARG A 472 -22.22 -7.67 42.23
CA ARG A 472 -20.88 -8.03 42.72
C ARG A 472 -20.26 -6.80 43.34
N ALA A 473 -20.24 -6.75 44.68
CA ALA A 473 -19.85 -5.54 45.39
C ALA A 473 -18.38 -5.21 45.17
N PHE A 474 -17.50 -6.18 45.35
CA PHE A 474 -16.07 -5.91 45.48
C PHE A 474 -15.54 -5.06 44.33
N PRO A 475 -15.52 -5.59 43.09
CA PRO A 475 -14.82 -4.84 42.02
C PRO A 475 -15.47 -3.52 41.70
N HIS A 476 -16.78 -3.51 41.51
CA HIS A 476 -17.47 -2.29 41.11
C HIS A 476 -17.36 -1.21 42.17
N LEU A 477 -17.53 -1.58 43.45
CA LEU A 477 -17.46 -0.58 44.51
C LEU A 477 -16.03 -0.08 44.69
N VAL A 478 -15.03 -0.96 44.57
CA VAL A 478 -13.65 -0.51 44.67
C VAL A 478 -13.33 0.47 43.55
N ASN A 479 -13.79 0.16 42.33
CA ASN A 479 -13.57 1.08 41.22
C ASN A 479 -14.30 2.40 41.42
N ALA A 480 -15.52 2.34 41.98
CA ALA A 480 -16.26 3.56 42.27
C ALA A 480 -15.53 4.43 43.27
N GLY A 481 -14.98 3.81 44.32
CA GLY A 481 -14.17 4.56 45.27
C GLY A 481 -12.94 5.17 44.62
N LYS A 482 -12.32 4.41 43.70
CA LYS A 482 -11.10 4.83 42.96
C LYS A 482 -11.42 6.01 42.03
N TYR A 483 -12.66 6.12 41.57
CA TYR A 483 -13.06 7.27 40.75
C TYR A 483 -13.53 8.44 41.60
N SER A 484 -14.14 8.18 42.76
CA SER A 484 -14.58 9.25 43.64
C SER A 484 -13.43 9.90 44.38
N THR A 485 -12.29 9.21 44.50
CA THR A 485 -11.09 9.87 44.98
C THR A 485 -10.80 11.11 44.15
N THR A 486 -11.09 11.04 42.84
CA THR A 486 -10.91 12.21 41.98
C THR A 486 -11.85 13.34 42.38
N PHE A 487 -13.12 13.01 42.66
CA PHE A 487 -14.05 14.04 43.12
C PHE A 487 -13.51 14.72 44.37
N PHE A 488 -13.07 13.92 45.33
CA PHE A 488 -12.58 14.49 46.58
C PHE A 488 -11.36 15.36 46.34
N MET A 489 -10.42 14.89 45.52
CA MET A 489 -9.21 15.66 45.25
C MET A 489 -9.54 17.00 44.60
N VAL A 490 -10.39 16.98 43.57
CA VAL A 490 -10.71 18.22 42.88
C VAL A 490 -11.47 19.17 43.80
N THR A 491 -12.39 18.64 44.61
CA THR A 491 -13.12 19.48 45.54
C THR A 491 -12.18 20.16 46.53
N PHE A 492 -11.24 19.39 47.09
CA PHE A 492 -10.32 19.97 48.06
C PHE A 492 -9.39 20.98 47.41
N ALA A 493 -8.92 20.70 46.19
CA ALA A 493 -8.07 21.66 45.49
C ALA A 493 -8.82 22.95 45.22
N ALA A 494 -10.08 22.85 44.78
CA ALA A 494 -10.88 24.05 44.54
C ALA A 494 -11.10 24.83 45.82
N LEU A 495 -11.39 24.14 46.92
CA LEU A 495 -11.57 24.82 48.19
C LEU A 495 -10.31 25.56 48.62
N TYR A 496 -9.16 24.90 48.48
CA TYR A 496 -7.90 25.54 48.85
C TYR A 496 -7.63 26.76 47.98
N SER A 497 -7.84 26.63 46.68
CA SER A 497 -7.59 27.77 45.78
C SER A 497 -8.54 28.93 46.11
N THR A 498 -9.81 28.64 46.36
CA THR A 498 -10.75 29.69 46.70
C THR A 498 -10.38 30.38 48.01
N HIS A 499 -9.97 29.61 49.00
CA HIS A 499 -9.60 30.19 50.29
C HIS A 499 -8.27 30.91 50.24
N LYS A 500 -7.43 30.62 49.24
CA LYS A 500 -6.15 31.33 49.12
C LYS A 500 -6.37 32.83 48.99
N GLU A 501 -7.30 33.23 48.12
CA GLU A 501 -7.55 34.66 47.91
C GLU A 501 -8.11 35.30 49.18
N ARG A 502 -9.05 34.63 49.84
CA ARG A 502 -9.70 35.14 51.04
C ARG A 502 -9.21 34.31 52.23
N GLY A 503 -8.30 34.88 53.01
CA GLY A 503 -7.77 34.18 54.17
C GLY A 503 -8.84 33.79 55.16
N HIS A 504 -9.15 32.50 55.24
CA HIS A 504 -10.16 31.99 56.15
C HIS A 504 -9.56 31.27 57.35
N SER A 505 -8.24 31.26 57.49
CA SER A 505 -7.51 30.58 58.56
C SER A 505 -7.56 29.07 58.43
N ASP A 506 -8.15 28.53 57.36
CA ASP A 506 -8.21 27.09 57.13
C ASP A 506 -7.55 26.68 55.81
N THR A 507 -6.76 27.57 55.22
CA THR A 507 -6.11 27.24 53.95
C THR A 507 -5.16 26.06 54.10
N MET A 508 -4.39 26.03 55.19
CA MET A 508 -3.43 24.95 55.39
C MET A 508 -4.15 23.61 55.60
N VAL A 509 -5.30 23.63 56.27
CA VAL A 509 -6.06 22.40 56.47
C VAL A 509 -6.49 21.82 55.13
N PHE A 510 -7.03 22.68 54.25
CA PHE A 510 -7.45 22.22 52.93
C PHE A 510 -6.24 21.78 52.10
N PHE A 511 -5.10 22.46 52.24
CA PHE A 511 -3.90 22.04 51.51
C PHE A 511 -3.46 20.65 51.94
N TYR A 512 -3.44 20.39 53.25
CA TYR A 512 -3.06 19.07 53.74
C TYR A 512 -4.05 18.01 53.30
N LEU A 513 -5.34 18.32 53.35
CA LEU A 513 -6.35 17.37 52.89
C LEU A 513 -6.17 17.08 51.40
N TRP A 514 -5.88 18.11 50.61
CA TRP A 514 -5.65 17.91 49.19
C TRP A 514 -4.43 17.03 48.95
N ILE A 515 -3.36 17.24 49.71
CA ILE A 515 -2.17 16.39 49.54
C ILE A 515 -2.51 14.94 49.89
N VAL A 516 -3.22 14.74 50.99
CA VAL A 516 -3.56 13.38 51.42
C VAL A 516 -4.40 12.69 50.36
N PHE A 517 -5.43 13.38 49.86
CA PHE A 517 -6.29 12.77 48.85
C PHE A 517 -5.59 12.62 47.51
N TYR A 518 -4.62 13.50 47.22
CA TYR A 518 -3.79 13.32 46.03
C TYR A 518 -3.02 12.02 46.11
N ILE A 519 -2.36 11.78 47.25
CA ILE A 519 -1.62 10.53 47.41
C ILE A 519 -2.56 9.34 47.32
N ILE A 520 -3.73 9.44 47.99
CA ILE A 520 -4.67 8.33 48.00
C ILE A 520 -5.14 8.01 46.58
N SER A 521 -5.52 9.04 45.82
CA SER A 521 -6.00 8.83 44.47
C SER A 521 -4.91 8.26 43.56
N SER A 522 -3.69 8.79 43.66
CA SER A 522 -2.61 8.27 42.84
C SER A 522 -2.35 6.80 43.13
N CYS A 523 -2.28 6.45 44.42
CA CYS A 523 -2.04 5.06 44.78
C CYS A 523 -3.20 4.18 44.32
N TYR A 524 -4.44 4.64 44.49
CA TYR A 524 -5.60 3.86 44.07
C TYR A 524 -5.54 3.58 42.57
N THR A 525 -5.33 4.62 41.76
CA THR A 525 -5.30 4.45 40.32
C THR A 525 -4.15 3.54 39.89
N LEU A 526 -2.96 3.75 40.49
CA LEU A 526 -1.81 2.92 40.12
C LEU A 526 -2.07 1.45 40.46
N ILE A 527 -2.61 1.19 41.66
CA ILE A 527 -2.85 -0.19 42.06
C ILE A 527 -3.90 -0.82 41.17
N TRP A 528 -4.97 -0.09 40.85
CA TRP A 528 -5.98 -0.65 39.96
C TRP A 528 -5.42 -0.95 38.58
N ASP A 529 -4.58 -0.05 38.05
CA ASP A 529 -4.00 -0.28 36.73
C ASP A 529 -3.08 -1.50 36.74
N LEU A 530 -2.23 -1.61 37.77
CA LEU A 530 -1.24 -2.68 37.77
C LEU A 530 -1.86 -4.05 38.07
N LYS A 531 -2.81 -4.09 39.01
CA LYS A 531 -3.33 -5.35 39.50
C LYS A 531 -4.59 -5.80 38.79
N MET A 532 -5.49 -4.87 38.46
CA MET A 532 -6.81 -5.21 37.93
C MET A 532 -6.90 -5.00 36.42
N ASP A 533 -6.60 -3.79 35.95
CA ASP A 533 -6.71 -3.53 34.52
C ASP A 533 -5.74 -4.39 33.72
N TRP A 534 -4.50 -4.52 34.20
CA TRP A 534 -3.47 -5.29 33.50
C TRP A 534 -3.34 -6.71 34.01
N GLY A 535 -3.79 -7.00 35.23
CA GLY A 535 -3.68 -8.34 35.77
C GLY A 535 -2.28 -8.77 36.10
N LEU A 536 -1.36 -7.82 36.32
CA LEU A 536 0.02 -8.15 36.62
C LEU A 536 0.17 -8.46 38.11
N PHE A 537 1.39 -8.83 38.50
CA PHE A 537 1.70 -9.17 39.88
C PHE A 537 0.87 -10.36 40.36
N ASP A 538 0.47 -11.23 39.44
CA ASP A 538 -0.34 -12.38 39.77
C ASP A 538 0.49 -13.46 40.46
N LYS A 539 -0.18 -14.32 41.21
CA LYS A 539 0.47 -15.39 41.94
C LYS A 539 0.82 -16.59 41.07
N ASN A 540 0.37 -16.61 39.81
CA ASN A 540 0.60 -17.73 38.91
C ASN A 540 1.77 -17.50 37.98
N ALA A 541 2.59 -16.48 38.23
CA ALA A 541 3.74 -16.17 37.38
C ALA A 541 4.85 -17.17 37.68
N GLY A 542 4.94 -18.22 36.86
CA GLY A 542 5.99 -19.21 37.05
C GLY A 542 7.38 -18.65 36.80
N GLU A 543 7.53 -17.85 35.75
CA GLU A 543 8.82 -17.29 35.36
C GLU A 543 8.79 -15.78 35.19
N ASN A 544 7.67 -15.21 34.72
CA ASN A 544 7.57 -13.78 34.46
C ASN A 544 7.24 -13.07 35.77
N THR A 545 8.27 -12.82 36.56
CA THR A 545 8.10 -12.18 37.86
C THR A 545 7.43 -10.82 37.69
N PHE A 546 6.53 -10.50 38.63
CA PHE A 546 5.75 -9.27 38.64
C PHE A 546 4.75 -9.18 37.50
N LEU A 547 4.51 -10.29 36.78
CA LEU A 547 3.54 -10.33 35.71
C LEU A 547 2.56 -11.47 35.94
N ARG A 548 1.75 -11.80 34.94
CA ARG A 548 0.85 -12.93 35.01
C ARG A 548 1.46 -14.14 34.29
N GLU A 549 0.79 -15.28 34.42
CA GLU A 549 1.34 -16.53 33.90
C GLU A 549 1.51 -16.47 32.39
N GLU A 550 0.53 -15.91 31.69
CA GLU A 550 0.53 -15.88 30.23
C GLU A 550 0.70 -14.44 29.75
N ILE A 551 1.62 -14.23 28.82
CA ILE A 551 1.87 -12.94 28.21
C ILE A 551 1.89 -13.12 26.69
N VAL A 552 1.21 -12.22 25.98
CA VAL A 552 1.13 -12.31 24.53
C VAL A 552 2.23 -11.50 23.85
N TYR A 553 2.60 -10.37 24.45
CA TYR A 553 3.61 -9.51 23.82
C TYR A 553 4.99 -10.17 23.92
N PRO A 554 5.84 -10.01 22.90
CA PRO A 554 7.09 -10.78 22.87
C PRO A 554 8.02 -10.53 24.05
N GLN A 555 8.09 -9.30 24.55
CA GLN A 555 9.13 -8.90 25.51
C GLN A 555 8.50 -8.54 26.84
N LYS A 556 9.09 -9.03 27.92
CA LYS A 556 8.72 -8.60 29.27
C LYS A 556 9.28 -7.22 29.59
N ALA A 557 10.34 -6.81 28.91
CA ALA A 557 10.85 -5.45 29.08
C ALA A 557 9.77 -4.43 28.77
N TYR A 558 8.90 -4.72 27.81
CA TYR A 558 7.76 -3.84 27.55
C TYR A 558 6.89 -3.73 28.80
N TYR A 559 6.62 -4.86 29.45
CA TYR A 559 5.79 -4.84 30.66
C TYR A 559 6.44 -4.01 31.75
N TYR A 560 7.75 -4.21 31.97
CA TYR A 560 8.42 -3.46 33.04
C TYR A 560 8.46 -1.97 32.74
N CYS A 561 8.78 -1.61 31.50
CA CYS A 561 8.80 -0.20 31.12
C CYS A 561 7.41 0.41 31.26
N ALA A 562 6.37 -0.33 30.90
CA ALA A 562 5.01 0.15 31.08
C ALA A 562 4.69 0.34 32.55
N ILE A 563 5.14 -0.57 33.40
CA ILE A 563 4.90 -0.42 34.84
C ILE A 563 5.53 0.87 35.34
N ILE A 564 6.80 1.10 34.98
CA ILE A 564 7.49 2.29 35.46
C ILE A 564 6.83 3.57 34.92
N GLU A 565 6.53 3.58 33.62
CA GLU A 565 5.93 4.77 33.02
C GLU A 565 4.55 5.04 33.59
N ASP A 566 3.76 3.99 33.86
CA ASP A 566 2.48 4.19 34.51
C ASP A 566 2.66 4.75 35.92
N VAL A 567 3.63 4.23 36.66
CA VAL A 567 3.87 4.72 38.01
C VAL A 567 4.15 6.21 37.98
N ILE A 568 5.02 6.64 37.07
CA ILE A 568 5.40 8.05 37.01
C ILE A 568 4.23 8.90 36.49
N LEU A 569 3.58 8.44 35.42
CA LEU A 569 2.61 9.26 34.73
C LEU A 569 1.26 9.33 35.43
N ARG A 570 0.95 8.38 36.32
CA ARG A 570 -0.25 8.54 37.14
C ARG A 570 -0.11 9.74 38.07
N PHE A 571 1.03 9.86 38.73
CA PHE A 571 1.30 11.04 39.54
C PHE A 571 1.35 12.29 38.68
N ALA A 572 1.97 12.20 37.50
CA ALA A 572 2.03 13.36 36.60
C ALA A 572 0.64 13.82 36.22
N TRP A 573 -0.24 12.88 35.86
CA TRP A 573 -1.59 13.23 35.43
C TRP A 573 -2.42 13.75 36.59
N THR A 574 -2.22 13.21 37.80
CA THR A 574 -2.91 13.73 38.96
C THR A 574 -2.49 15.18 39.23
N ILE A 575 -1.19 15.46 39.10
CA ILE A 575 -0.70 16.83 39.23
C ILE A 575 -1.33 17.71 38.17
N GLN A 576 -1.41 17.21 36.93
CA GLN A 576 -1.99 17.99 35.84
C GLN A 576 -3.44 18.34 36.13
N ILE A 577 -4.22 17.37 36.62
CA ILE A 577 -5.61 17.64 36.97
C ILE A 577 -5.69 18.68 38.07
N SER A 578 -4.85 18.53 39.10
CA SER A 578 -4.88 19.49 40.21
C SER A 578 -4.56 20.90 39.73
N ILE A 579 -3.58 21.03 38.83
CA ILE A 579 -3.19 22.35 38.34
C ILE A 579 -4.27 22.93 37.44
N THR A 580 -4.82 22.12 36.54
CA THR A 580 -5.77 22.64 35.55
C THR A 580 -7.10 23.01 36.20
N SER A 581 -7.58 22.19 37.14
CA SER A 581 -8.90 22.42 37.71
C SER A 581 -8.94 23.61 38.65
N THR A 582 -7.79 24.08 39.13
CA THR A 582 -7.73 25.19 40.07
C THR A 582 -6.55 26.08 39.69
N THR A 583 -6.18 26.97 40.61
CA THR A 583 -5.11 27.93 40.41
C THR A 583 -3.96 27.70 41.39
N LEU A 584 -3.57 26.44 41.58
CA LEU A 584 -2.47 26.13 42.48
C LEU A 584 -1.18 26.79 42.00
N LEU A 585 -0.91 26.73 40.70
CA LEU A 585 0.31 27.29 40.11
C LEU A 585 -0.09 28.23 38.98
N PRO A 586 -0.57 29.44 39.31
CA PRO A 586 -1.02 30.35 38.25
C PRO A 586 0.07 30.77 37.28
N HIS A 587 1.33 30.69 37.68
CA HIS A 587 2.42 31.17 36.81
C HIS A 587 2.77 30.12 35.75
N SER A 588 3.23 28.95 36.18
CA SER A 588 3.66 27.90 35.26
C SER A 588 2.61 26.80 35.10
N GLY A 589 1.40 26.99 35.63
CA GLY A 589 0.41 25.94 35.56
C GLY A 589 0.03 25.57 34.13
N ASP A 590 -0.15 26.58 33.27
CA ASP A 590 -0.56 26.31 31.90
C ASP A 590 0.47 25.46 31.17
N ILE A 591 1.75 25.83 31.29
CA ILE A 591 2.79 25.10 30.58
C ILE A 591 2.92 23.69 31.14
N ILE A 592 2.79 23.54 32.46
CA ILE A 592 2.87 22.22 33.07
C ILE A 592 1.75 21.32 32.55
N ALA A 593 0.53 21.86 32.51
CA ALA A 593 -0.60 21.08 31.99
C ALA A 593 -0.40 20.74 30.53
N THR A 594 0.09 21.69 29.73
CA THR A 594 0.31 21.43 28.31
C THR A 594 1.34 20.33 28.11
N VAL A 595 2.41 20.34 28.89
CA VAL A 595 3.44 19.31 28.76
C VAL A 595 2.91 17.97 29.25
N PHE A 596 2.09 17.97 30.31
CA PHE A 596 1.66 16.72 30.91
C PHE A 596 0.55 16.03 30.11
N ALA A 597 -0.31 16.80 29.44
CA ALA A 597 -1.44 16.18 28.75
C ALA A 597 -1.00 15.17 27.70
N PRO A 598 -0.03 15.46 26.82
CA PRO A 598 0.46 14.41 25.91
C PRO A 598 0.99 13.19 26.65
N LEU A 599 1.64 13.40 27.79
CA LEU A 599 2.09 12.27 28.59
C LEU A 599 0.90 11.46 29.11
N GLU A 600 -0.18 12.15 29.47
CA GLU A 600 -1.40 11.44 29.88
C GLU A 600 -1.95 10.61 28.73
N VAL A 601 -1.96 11.16 27.51
CA VAL A 601 -2.44 10.40 26.37
C VAL A 601 -1.57 9.18 26.12
N PHE A 602 -0.25 9.35 26.22
CA PHE A 602 0.66 8.21 26.04
C PHE A 602 0.44 7.15 27.11
N ARG A 603 0.24 7.57 28.36
CA ARG A 603 -0.05 6.62 29.43
C ARG A 603 -1.34 5.87 29.15
N ARG A 604 -2.36 6.57 28.67
CA ARG A 604 -3.62 5.92 28.32
C ARG A 604 -3.44 4.96 27.17
N PHE A 605 -2.54 5.27 26.24
CA PHE A 605 -2.28 4.38 25.10
C PHE A 605 -1.63 3.08 25.58
N VAL A 606 -0.62 3.18 26.44
CA VAL A 606 -0.01 1.99 27.01
C VAL A 606 -1.03 1.21 27.83
N TRP A 607 -1.86 1.92 28.60
CA TRP A 607 -2.89 1.27 29.39
C TRP A 607 -3.89 0.55 28.51
N ASN A 608 -4.24 1.14 27.37
CA ASN A 608 -5.13 0.47 26.43
C ASN A 608 -4.50 -0.82 25.94
N PHE A 609 -3.23 -0.76 25.55
CA PHE A 609 -2.51 -1.97 25.17
C PHE A 609 -2.70 -3.06 26.21
N PHE A 610 -2.28 -2.78 27.45
CA PHE A 610 -2.22 -3.84 28.45
C PHE A 610 -3.60 -4.24 28.95
N ARG A 611 -4.55 -3.31 29.02
CA ARG A 611 -5.91 -3.66 29.40
C ARG A 611 -6.57 -4.56 28.36
N LEU A 612 -6.38 -4.27 27.08
CA LEU A 612 -6.92 -5.15 26.06
C LEU A 612 -6.26 -6.52 26.11
N GLU A 613 -4.95 -6.55 26.37
CA GLU A 613 -4.26 -7.83 26.54
C GLU A 613 -4.89 -8.64 27.67
N ASN A 614 -5.07 -8.00 28.83
CA ASN A 614 -5.63 -8.71 29.98
C ASN A 614 -7.06 -9.17 29.70
N GLU A 615 -7.86 -8.32 29.05
CA GLU A 615 -9.24 -8.70 28.73
C GLU A 615 -9.27 -9.90 27.80
N HIS A 616 -8.39 -9.92 26.80
CA HIS A 616 -8.31 -11.07 25.91
C HIS A 616 -7.90 -12.32 26.67
N LEU A 617 -6.91 -12.19 27.56
CA LEU A 617 -6.42 -13.37 28.29
C LEU A 617 -7.43 -13.80 29.35
N ASN A 618 -7.98 -12.86 30.10
CA ASN A 618 -8.92 -13.17 31.17
C ASN A 618 -10.11 -12.23 31.09
N ASN A 619 -11.25 -12.71 31.60
CA ASN A 619 -12.48 -11.92 31.63
C ASN A 619 -12.47 -10.97 32.83
N CYS A 620 -11.46 -10.10 32.86
CA CYS A 620 -11.30 -9.18 33.97
C CYS A 620 -12.49 -8.24 34.08
N GLY A 621 -12.96 -7.71 32.95
CA GLY A 621 -14.11 -6.82 32.95
C GLY A 621 -15.44 -7.51 33.11
N GLU A 622 -15.48 -8.84 33.05
CA GLU A 622 -16.71 -9.61 33.19
C GLU A 622 -17.77 -9.15 32.19
N PHE A 623 -17.32 -8.82 30.97
CA PHE A 623 -18.20 -8.38 29.91
C PHE A 623 -18.65 -9.52 29.00
N ARG A 624 -18.18 -10.74 29.24
CA ARG A 624 -18.56 -11.91 28.46
C ARG A 624 -18.94 -13.05 29.41
N ALA A 625 -19.87 -13.88 28.95
CA ALA A 625 -20.34 -15.01 29.74
C ALA A 625 -19.23 -16.04 29.89
N MET B 1 -13.78 -14.26 -5.94
CA MET B 1 -15.22 -13.86 -5.82
C MET B 1 -15.73 -13.29 -7.15
N LYS B 2 -14.82 -12.69 -7.91
CA LYS B 2 -15.13 -12.12 -9.22
C LYS B 2 -14.06 -12.61 -10.18
N PHE B 3 -14.31 -13.75 -10.83
CA PHE B 3 -13.30 -14.37 -11.67
C PHE B 3 -12.97 -13.52 -12.89
N ALA B 4 -13.85 -12.61 -13.30
CA ALA B 4 -13.57 -11.78 -14.46
C ALA B 4 -12.34 -10.90 -14.22
N GLU B 5 -12.33 -10.18 -13.10
CA GLU B 5 -11.20 -9.30 -12.79
C GLU B 5 -9.93 -10.10 -12.57
N HIS B 6 -10.03 -11.23 -11.86
CA HIS B 6 -8.84 -12.06 -11.61
C HIS B 6 -8.26 -12.57 -12.92
N LEU B 7 -9.12 -13.05 -13.82
CA LEU B 7 -8.65 -13.53 -15.11
C LEU B 7 -8.01 -12.40 -15.91
N SER B 8 -8.66 -11.24 -15.94
CA SER B 8 -8.10 -10.12 -16.70
C SER B 8 -6.74 -9.70 -16.15
N ALA B 9 -6.57 -9.74 -14.83
CA ALA B 9 -5.30 -9.35 -14.22
C ALA B 9 -4.26 -10.45 -14.28
N HIS B 10 -4.64 -11.70 -14.55
CA HIS B 10 -3.71 -12.81 -14.60
C HIS B 10 -3.46 -13.36 -15.99
N ILE B 11 -4.24 -12.95 -17.00
CA ILE B 11 -3.98 -13.36 -18.36
C ILE B 11 -2.62 -12.85 -18.80
N THR B 12 -1.90 -13.67 -19.57
CA THR B 12 -0.71 -13.20 -20.25
C THR B 12 -1.13 -12.33 -21.42
N PRO B 13 -0.75 -11.04 -21.46
CA PRO B 13 -1.27 -10.19 -22.55
C PRO B 13 -0.95 -10.71 -23.93
N GLU B 14 0.23 -11.28 -24.13
CA GLU B 14 0.60 -11.79 -25.44
C GLU B 14 -0.37 -12.87 -25.92
N TRP B 15 -1.04 -13.56 -25.00
CA TRP B 15 -2.02 -14.59 -25.32
C TRP B 15 -3.43 -14.14 -24.94
N ARG B 16 -3.70 -12.84 -24.97
CA ARG B 16 -4.97 -12.33 -24.45
C ARG B 16 -6.15 -12.97 -25.17
N LYS B 17 -6.06 -13.13 -26.48
CA LYS B 17 -7.17 -13.69 -27.26
C LYS B 17 -7.24 -15.21 -27.19
N GLN B 18 -6.27 -15.87 -26.56
CA GLN B 18 -6.23 -17.32 -26.49
C GLN B 18 -6.85 -17.88 -25.22
N TYR B 19 -7.40 -17.02 -24.37
CA TYR B 19 -8.08 -17.44 -23.15
C TYR B 19 -9.58 -17.49 -23.36
N ILE B 20 -10.26 -18.18 -22.43
CA ILE B 20 -11.71 -18.24 -22.47
C ILE B 20 -12.29 -16.84 -22.31
N GLN B 21 -13.27 -16.51 -23.14
CA GLN B 21 -13.93 -15.20 -23.10
C GLN B 21 -15.01 -15.21 -22.02
N TYR B 22 -14.54 -15.14 -20.77
CA TYR B 22 -15.46 -15.21 -19.63
C TYR B 22 -16.48 -14.08 -19.67
N GLU B 23 -16.03 -12.86 -20.00
CA GLU B 23 -16.94 -11.72 -20.03
C GLU B 23 -18.00 -11.89 -21.10
N ALA B 24 -17.62 -12.39 -22.27
CA ALA B 24 -18.60 -12.62 -23.33
C ALA B 24 -19.63 -13.65 -22.92
N PHE B 25 -19.19 -14.72 -22.25
CA PHE B 25 -20.13 -15.72 -21.76
C PHE B 25 -21.07 -15.13 -20.72
N LYS B 26 -20.53 -14.29 -19.82
CA LYS B 26 -21.38 -13.62 -18.84
C LYS B 26 -22.45 -12.78 -19.52
N ASP B 27 -22.04 -11.98 -20.50
CA ASP B 27 -22.99 -11.14 -21.23
C ASP B 27 -24.04 -12.00 -21.93
N MET B 28 -23.60 -13.10 -22.53
CA MET B 28 -24.53 -13.98 -23.25
C MET B 28 -25.56 -14.57 -22.30
N LEU B 29 -25.11 -15.06 -21.14
CA LEU B 29 -26.03 -15.64 -20.17
C LEU B 29 -27.01 -14.58 -19.66
N TYR B 30 -26.51 -13.38 -19.36
CA TYR B 30 -27.39 -12.33 -18.84
C TYR B 30 -28.42 -11.93 -19.89
N SER B 31 -28.00 -11.80 -21.15
CA SER B 31 -28.95 -11.46 -22.21
C SER B 31 -30.00 -12.54 -22.38
N ALA B 32 -29.59 -13.81 -22.35
CA ALA B 32 -30.55 -14.89 -22.50
C ALA B 32 -31.55 -14.90 -21.34
N GLN B 33 -31.06 -14.70 -20.11
CA GLN B 33 -31.96 -14.65 -18.97
C GLN B 33 -32.93 -13.46 -19.09
N ASP B 34 -32.43 -12.31 -19.53
CA ASP B 34 -33.29 -11.13 -19.67
C ASP B 34 -34.37 -11.37 -20.72
N GLN B 35 -34.02 -12.01 -21.83
CA GLN B 35 -34.96 -12.23 -22.93
C GLN B 35 -35.86 -13.44 -22.70
N ALA B 36 -35.70 -14.15 -21.59
CA ALA B 36 -36.55 -15.30 -21.32
C ALA B 36 -38.00 -14.85 -21.14
N PRO B 37 -38.96 -15.43 -21.87
CA PRO B 37 -40.36 -15.01 -21.68
C PRO B 37 -40.93 -15.46 -20.34
N THR B 46 -42.70 -23.75 -25.25
CA THR B 46 -42.42 -22.36 -25.62
C THR B 46 -41.18 -21.85 -24.89
N VAL B 47 -41.31 -21.61 -23.59
CA VAL B 47 -40.18 -21.14 -22.80
C VAL B 47 -39.09 -22.20 -22.75
N LYS B 48 -39.48 -23.46 -22.55
CA LYS B 48 -38.50 -24.54 -22.50
C LYS B 48 -37.77 -24.69 -23.83
N ARG B 49 -38.50 -24.53 -24.95
CA ARG B 49 -37.85 -24.62 -26.25
C ARG B 49 -36.83 -23.52 -26.44
N TYR B 50 -37.16 -22.29 -26.02
CA TYR B 50 -36.21 -21.20 -26.11
C TYR B 50 -35.00 -21.45 -25.23
N PHE B 51 -35.22 -21.97 -24.03
CA PHE B 51 -34.09 -22.31 -23.15
C PHE B 51 -33.20 -23.37 -23.79
N ALA B 52 -33.81 -24.38 -24.42
CA ALA B 52 -33.03 -25.41 -25.09
C ALA B 52 -32.22 -24.85 -26.25
N LYS B 53 -32.83 -23.95 -27.03
CA LYS B 53 -32.09 -23.32 -28.13
C LYS B 53 -30.91 -22.51 -27.61
N PHE B 54 -31.14 -21.71 -26.57
CA PHE B 54 -30.05 -20.94 -25.99
C PHE B 54 -28.95 -21.84 -25.46
N GLU B 55 -29.33 -22.95 -24.80
CA GLU B 55 -28.34 -23.87 -24.28
C GLU B 55 -27.52 -24.48 -25.40
N GLU B 56 -28.18 -24.87 -26.49
CA GLU B 56 -27.46 -25.44 -27.63
C GLU B 56 -26.46 -24.44 -28.20
N LYS B 57 -26.89 -23.18 -28.37
CA LYS B 57 -26.00 -22.17 -28.93
C LYS B 57 -24.83 -21.89 -27.99
N PHE B 58 -25.11 -21.78 -26.70
CA PHE B 58 -24.05 -21.53 -25.72
C PHE B 58 -23.06 -22.68 -25.68
N PHE B 59 -23.54 -23.92 -25.74
CA PHE B 59 -22.65 -25.06 -25.72
C PHE B 59 -21.85 -25.17 -27.01
N GLN B 60 -22.42 -24.77 -28.15
CA GLN B 60 -21.64 -24.70 -29.38
C GLN B 60 -20.49 -23.71 -29.24
N THR B 61 -20.78 -22.53 -28.67
CA THR B 61 -19.71 -21.58 -28.41
C THR B 61 -18.68 -22.17 -27.44
N CYS B 62 -19.15 -22.95 -26.47
CA CYS B 62 -18.24 -23.60 -25.53
C CYS B 62 -17.30 -24.56 -26.26
N GLU B 63 -17.83 -25.36 -27.18
CA GLU B 63 -16.98 -26.28 -27.93
C GLU B 63 -15.97 -25.50 -28.78
N LYS B 64 -16.41 -24.40 -29.39
CA LYS B 64 -15.49 -23.59 -30.17
C LYS B 64 -14.34 -23.07 -29.31
N GLU B 65 -14.68 -22.54 -28.13
CA GLU B 65 -13.65 -22.02 -27.24
C GLU B 65 -12.72 -23.13 -26.76
N LEU B 66 -13.27 -24.30 -26.44
CA LEU B 66 -12.44 -25.42 -26.00
C LEU B 66 -11.49 -25.87 -27.10
N ALA B 67 -11.97 -25.90 -28.34
CA ALA B 67 -11.11 -26.26 -29.46
C ALA B 67 -9.99 -25.24 -29.63
N LYS B 68 -10.32 -23.95 -29.52
CA LYS B 68 -9.29 -22.92 -29.60
C LYS B 68 -8.23 -23.13 -28.52
N ILE B 69 -8.68 -23.37 -27.28
CA ILE B 69 -7.74 -23.53 -26.18
C ILE B 69 -6.86 -24.75 -26.42
N ASN B 70 -7.47 -25.86 -26.85
CA ASN B 70 -6.70 -27.08 -27.09
C ASN B 70 -5.66 -26.87 -28.18
N THR B 71 -6.05 -26.21 -29.28
CA THR B 71 -5.11 -25.98 -30.37
C THR B 71 -3.95 -25.10 -29.90
N PHE B 72 -4.25 -24.03 -29.18
CA PHE B 72 -3.18 -23.15 -28.70
C PHE B 72 -2.26 -23.89 -27.74
N TYR B 73 -2.83 -24.68 -26.84
CA TYR B 73 -2.01 -25.43 -25.90
C TYR B 73 -1.12 -26.44 -26.61
N SER B 74 -1.65 -27.12 -27.63
CA SER B 74 -0.83 -28.06 -28.38
C SER B 74 0.31 -27.33 -29.09
N GLU B 75 0.02 -26.19 -29.71
CA GLU B 75 1.07 -25.43 -30.38
C GLU B 75 2.16 -25.02 -29.40
N LYS B 76 1.77 -24.49 -28.24
CA LYS B 76 2.76 -24.04 -27.27
C LYS B 76 3.51 -25.21 -26.65
N LEU B 77 2.87 -26.36 -26.48
CA LEU B 77 3.58 -27.54 -25.98
C LEU B 77 4.62 -28.02 -26.98
N ALA B 78 4.28 -28.02 -28.27
CA ALA B 78 5.25 -28.38 -29.29
C ALA B 78 6.43 -27.39 -29.29
N GLU B 79 6.11 -26.10 -29.16
CA GLU B 79 7.17 -25.09 -29.10
C GLU B 79 8.07 -25.33 -27.89
N ALA B 80 7.48 -25.64 -26.73
CA ALA B 80 8.26 -25.89 -25.53
C ALA B 80 9.14 -27.12 -25.69
N GLN B 81 8.61 -28.18 -26.31
CA GLN B 81 9.42 -29.38 -26.53
C GLN B 81 10.60 -29.07 -27.44
N ARG B 82 10.37 -28.32 -28.52
CA ARG B 82 11.46 -27.96 -29.42
C ARG B 82 12.50 -27.10 -28.70
N ARG B 83 12.04 -26.14 -27.89
CA ARG B 83 12.96 -25.30 -27.14
C ARG B 83 13.79 -26.12 -26.16
N PHE B 84 13.15 -27.09 -25.48
CA PHE B 84 13.88 -27.94 -24.55
C PHE B 84 14.92 -28.77 -25.29
N ALA B 85 14.57 -29.30 -26.46
CA ALA B 85 15.54 -30.08 -27.23
C ALA B 85 16.73 -29.22 -27.63
N THR B 86 16.46 -28.00 -28.11
CA THR B 86 17.55 -27.12 -28.51
C THR B 86 18.43 -26.75 -27.31
N LEU B 87 17.82 -26.46 -26.16
CA LEU B 87 18.60 -26.12 -24.98
C LEU B 87 19.43 -27.30 -24.50
N GLN B 88 18.88 -28.51 -24.56
CA GLN B 88 19.64 -29.70 -24.19
C GLN B 88 20.82 -29.89 -25.12
N ASN B 89 20.61 -29.69 -26.43
CA ASN B 89 21.71 -29.82 -27.38
C ASN B 89 22.80 -28.78 -27.10
N GLU B 90 22.40 -27.54 -26.82
CA GLU B 90 23.37 -26.49 -26.53
C GLU B 90 24.15 -26.81 -25.26
N LEU B 91 23.46 -27.28 -24.21
CA LEU B 91 24.14 -27.62 -22.98
C LEU B 91 25.12 -28.77 -23.18
N GLN B 92 24.71 -29.78 -23.95
CA GLN B 92 25.62 -30.90 -24.23
C GLN B 92 26.84 -30.42 -25.00
N SER B 93 26.65 -29.54 -25.98
CA SER B 93 27.78 -29.01 -26.74
C SER B 93 28.71 -28.22 -25.83
N SER B 94 28.15 -27.40 -24.93
CA SER B 94 28.98 -26.63 -24.02
C SER B 94 29.78 -27.55 -23.09
N LEU B 95 29.13 -28.60 -22.58
CA LEU B 95 29.85 -29.54 -21.72
C LEU B 95 30.96 -30.24 -22.50
N ASP B 96 30.70 -30.65 -23.73
CA ASP B 96 31.73 -31.27 -24.55
C ASP B 96 32.87 -30.31 -24.83
N ALA B 97 32.58 -29.01 -24.92
CA ALA B 97 33.64 -28.03 -25.16
C ALA B 97 34.66 -28.03 -24.03
N GLN B 98 34.20 -28.11 -22.79
CA GLN B 98 35.09 -28.12 -21.64
C GLN B 98 35.97 -29.38 -21.64
N ARG B 122 37.24 -16.72 -20.25
CA ARG B 122 36.21 -15.75 -19.92
C ARG B 122 34.97 -15.98 -20.78
N VAL B 123 35.17 -16.47 -22.01
CA VAL B 123 34.05 -16.75 -22.89
C VAL B 123 33.20 -17.88 -22.33
N GLN B 124 33.84 -18.87 -21.69
CA GLN B 124 33.10 -19.98 -21.13
C GLN B 124 32.16 -19.52 -20.01
N HIS B 125 32.62 -18.58 -19.18
CA HIS B 125 31.75 -18.05 -18.13
C HIS B 125 30.51 -17.38 -18.72
N ARG B 126 30.69 -16.58 -19.77
CA ARG B 126 29.55 -15.94 -20.41
C ARG B 126 28.63 -16.97 -21.03
N ASN B 127 29.21 -18.02 -21.63
CA ASN B 127 28.38 -19.08 -22.22
C ASN B 127 27.54 -19.77 -21.16
N ILE B 128 28.14 -20.07 -20.01
CA ILE B 128 27.40 -20.71 -18.92
C ILE B 128 26.30 -19.79 -18.42
N LYS B 129 26.60 -18.50 -18.26
CA LYS B 129 25.57 -17.56 -17.81
C LYS B 129 24.43 -17.48 -18.81
N ASP B 130 24.74 -17.43 -20.11
CA ASP B 130 23.70 -17.37 -21.13
C ASP B 130 22.87 -18.63 -21.14
N LEU B 131 23.49 -19.79 -20.98
CA LEU B 131 22.74 -21.04 -20.93
C LEU B 131 21.81 -21.06 -19.72
N LYS B 132 22.30 -20.60 -18.58
CA LYS B 132 21.45 -20.54 -17.39
C LYS B 132 20.27 -19.60 -17.60
N LEU B 133 20.52 -18.44 -18.22
CA LEU B 133 19.44 -17.51 -18.49
C LEU B 133 18.42 -18.11 -19.45
N ALA B 134 18.89 -18.81 -20.48
CA ALA B 134 17.98 -19.45 -21.42
C ALA B 134 17.13 -20.52 -20.75
N PHE B 135 17.76 -21.32 -19.87
CA PHE B 135 17.00 -22.33 -19.15
C PHE B 135 15.97 -21.69 -18.24
N SER B 136 16.32 -20.60 -17.56
CA SER B 136 15.37 -19.88 -16.73
C SER B 136 14.20 -19.36 -17.57
N GLU B 137 14.50 -18.81 -18.75
CA GLU B 137 13.43 -18.30 -19.61
C GLU B 137 12.52 -19.43 -20.08
N PHE B 138 13.09 -20.59 -20.43
CA PHE B 138 12.26 -21.71 -20.84
C PHE B 138 11.39 -22.22 -19.70
N TYR B 139 11.95 -22.27 -18.48
CA TYR B 139 11.15 -22.67 -17.34
C TYR B 139 10.02 -21.68 -17.10
N LEU B 140 10.30 -20.39 -17.27
CA LEU B 140 9.26 -19.38 -17.13
C LEU B 140 8.17 -19.56 -18.17
N SER B 141 8.55 -19.91 -19.41
CA SER B 141 7.56 -20.19 -20.43
C SER B 141 6.71 -21.40 -20.05
N LEU B 142 7.33 -22.44 -19.49
CA LEU B 142 6.57 -23.59 -19.04
C LEU B 142 5.58 -23.21 -17.95
N ILE B 143 6.01 -22.37 -17.00
CA ILE B 143 5.12 -21.93 -15.94
C ILE B 143 3.98 -21.10 -16.51
N LEU B 144 4.27 -20.29 -17.53
CA LEU B 144 3.22 -19.52 -18.18
C LEU B 144 2.19 -20.44 -18.83
N LEU B 145 2.66 -21.50 -19.50
CA LEU B 145 1.73 -22.45 -20.11
C LEU B 145 0.89 -23.15 -19.05
N GLN B 146 1.51 -23.52 -17.93
CA GLN B 146 0.77 -24.16 -16.85
C GLN B 146 -0.29 -23.22 -16.27
N ASN B 147 0.07 -21.95 -16.08
CA ASN B 147 -0.89 -20.97 -15.61
C ASN B 147 -2.03 -20.79 -16.61
N TYR B 148 -1.70 -20.77 -17.90
CA TYR B 148 -2.73 -20.72 -18.94
C TYR B 148 -3.70 -21.88 -18.78
N GLN B 149 -3.16 -23.09 -18.63
CA GLN B 149 -4.00 -24.27 -18.46
C GLN B 149 -4.92 -24.13 -17.25
N ASN B 150 -4.35 -23.79 -16.10
CA ASN B 150 -5.13 -23.72 -14.87
C ASN B 150 -6.20 -22.64 -14.95
N LEU B 151 -5.84 -21.46 -15.49
CA LEU B 151 -6.79 -20.37 -15.59
C LEU B 151 -7.93 -20.72 -16.53
N ASN B 152 -7.61 -21.37 -17.67
CA ASN B 152 -8.67 -21.76 -18.60
C ASN B 152 -9.61 -22.78 -17.96
N PHE B 153 -9.05 -23.76 -17.25
CA PHE B 153 -9.91 -24.74 -16.60
C PHE B 153 -10.80 -24.08 -15.55
N THR B 154 -10.23 -23.20 -14.74
CA THR B 154 -11.01 -22.53 -13.71
C THR B 154 -12.10 -21.66 -14.32
N GLY B 155 -11.78 -20.95 -15.41
CA GLY B 155 -12.79 -20.14 -16.07
C GLY B 155 -13.91 -20.99 -16.65
N PHE B 156 -13.57 -22.10 -17.31
CA PHE B 156 -14.59 -23.00 -17.81
C PHE B 156 -15.50 -23.48 -16.69
N ARG B 157 -14.91 -23.96 -15.59
CA ARG B 157 -15.71 -24.47 -14.48
C ARG B 157 -16.61 -23.39 -13.89
N LYS B 158 -16.05 -22.20 -13.68
CA LYS B 158 -16.78 -21.09 -13.01
C LYS B 158 -17.88 -20.52 -13.93
N ILE B 159 -17.68 -20.47 -15.25
CA ILE B 159 -18.71 -19.99 -16.16
C ILE B 159 -19.81 -21.03 -16.32
N LEU B 160 -19.45 -22.32 -16.38
CA LEU B 160 -20.47 -23.34 -16.50
C LEU B 160 -21.29 -23.46 -15.22
N LYS B 161 -20.65 -23.27 -14.05
CA LYS B 161 -21.40 -23.24 -12.80
C LYS B 161 -22.38 -22.08 -12.78
N LYS B 162 -21.94 -20.91 -13.25
CA LYS B 162 -22.82 -19.75 -13.29
C LYS B 162 -24.00 -19.99 -14.25
N HIS B 163 -23.72 -20.60 -15.40
CA HIS B 163 -24.79 -20.94 -16.34
C HIS B 163 -25.78 -21.91 -15.70
N ASP B 164 -25.28 -22.92 -15.00
CA ASP B 164 -26.15 -23.90 -14.36
C ASP B 164 -27.03 -23.22 -13.31
N LYS B 165 -26.44 -22.33 -12.51
CA LYS B 165 -27.22 -21.64 -11.48
C LYS B 165 -28.26 -20.73 -12.11
N ILE B 166 -27.91 -20.04 -13.20
CA ILE B 166 -28.85 -19.13 -13.85
C ILE B 166 -30.02 -19.91 -14.45
N LEU B 167 -29.75 -21.01 -15.12
CA LEU B 167 -30.78 -21.80 -15.77
C LEU B 167 -31.40 -22.85 -14.86
N GLU B 168 -30.91 -22.97 -13.62
CA GLU B 168 -31.45 -23.94 -12.66
C GLU B 168 -31.49 -25.34 -13.27
N THR B 169 -30.40 -25.72 -13.91
CA THR B 169 -30.28 -27.02 -14.54
C THR B 169 -28.88 -27.58 -14.28
N SER B 170 -28.82 -28.88 -14.01
CA SER B 170 -27.56 -29.58 -13.77
C SER B 170 -27.01 -30.19 -15.06
N ARG B 171 -26.85 -29.38 -16.11
CA ARG B 171 -26.36 -29.86 -17.39
C ARG B 171 -25.02 -29.25 -17.77
N GLY B 172 -24.74 -28.01 -17.34
CA GLY B 172 -23.43 -27.44 -17.60
C GLY B 172 -22.31 -28.23 -16.95
N ALA B 173 -22.53 -28.66 -15.71
CA ALA B 173 -21.53 -29.50 -15.05
C ALA B 173 -21.36 -30.83 -15.78
N ASP B 174 -22.46 -31.40 -16.26
CA ASP B 174 -22.36 -32.64 -17.02
C ASP B 174 -21.54 -32.45 -18.28
N TRP B 175 -21.77 -31.34 -19.00
CA TRP B 175 -20.99 -31.07 -20.21
C TRP B 175 -19.53 -30.84 -19.87
N ARG B 176 -19.24 -30.16 -18.75
CA ARG B 176 -17.86 -29.98 -18.32
C ARG B 176 -17.19 -31.31 -18.07
N VAL B 177 -17.87 -32.21 -17.35
CA VAL B 177 -17.29 -33.51 -17.03
C VAL B 177 -17.08 -34.32 -18.30
N ALA B 178 -18.04 -34.28 -19.22
CA ALA B 178 -17.95 -35.10 -20.42
C ALA B 178 -16.89 -34.58 -21.39
N HIS B 179 -16.76 -33.26 -21.50
CA HIS B 179 -15.90 -32.64 -22.51
C HIS B 179 -14.70 -31.94 -21.90
N VAL B 180 -14.92 -30.98 -21.01
CA VAL B 180 -13.81 -30.16 -20.50
C VAL B 180 -12.84 -31.01 -19.69
N GLU B 181 -13.37 -31.87 -18.81
CA GLU B 181 -12.50 -32.64 -17.92
C GLU B 181 -11.71 -33.72 -18.65
N VAL B 182 -12.03 -34.00 -19.91
CA VAL B 182 -11.33 -35.02 -20.69
C VAL B 182 -10.68 -34.41 -21.94
N ALA B 183 -10.53 -33.09 -21.98
CA ALA B 183 -9.92 -32.45 -23.13
C ALA B 183 -8.41 -32.61 -23.10
N PRO B 184 -7.75 -32.56 -24.26
CA PRO B 184 -6.28 -32.70 -24.26
C PRO B 184 -5.58 -31.66 -23.40
N PHE B 185 -6.09 -30.42 -23.37
CA PHE B 185 -5.43 -29.37 -22.61
C PHE B 185 -5.44 -29.63 -21.11
N TYR B 186 -6.31 -30.51 -20.63
CA TYR B 186 -6.34 -30.87 -19.21
C TYR B 186 -5.98 -32.33 -18.94
N THR B 187 -5.96 -33.18 -19.96
CA THR B 187 -5.57 -34.57 -19.80
C THR B 187 -4.11 -34.83 -20.14
N CYS B 188 -3.34 -33.78 -20.42
CA CYS B 188 -1.93 -33.91 -20.78
C CYS B 188 -1.07 -33.37 -19.64
N LYS B 189 -0.17 -34.20 -19.13
CA LYS B 189 0.76 -33.82 -18.07
C LYS B 189 2.18 -33.64 -18.59
N LYS B 190 2.34 -33.34 -19.88
CA LYS B 190 3.67 -33.21 -20.44
C LYS B 190 4.36 -31.93 -19.96
N ILE B 191 3.60 -30.88 -19.67
CA ILE B 191 4.20 -29.65 -19.19
C ILE B 191 4.83 -29.86 -17.82
N ASN B 192 4.13 -30.57 -16.93
CA ASN B 192 4.70 -30.86 -15.61
C ASN B 192 5.96 -31.70 -15.74
N GLN B 193 5.94 -32.69 -16.64
CA GLN B 193 7.14 -33.50 -16.85
C GLN B 193 8.29 -32.66 -17.37
N LEU B 194 8.01 -31.74 -18.31
CA LEU B 194 9.06 -30.87 -18.83
C LEU B 194 9.61 -29.97 -17.73
N ILE B 195 8.73 -29.48 -16.84
CA ILE B 195 9.19 -28.69 -15.71
C ILE B 195 10.11 -29.50 -14.83
N SER B 196 9.75 -30.77 -14.58
CA SER B 196 10.60 -31.63 -13.76
C SER B 196 11.96 -31.86 -14.41
N GLU B 197 11.97 -32.12 -15.72
CA GLU B 197 13.25 -32.29 -16.41
C GLU B 197 14.08 -31.02 -16.40
N THR B 198 13.46 -29.86 -16.55
CA THR B 198 14.20 -28.60 -16.48
C THR B 198 14.81 -28.42 -15.10
N GLU B 199 14.05 -28.70 -14.04
CA GLU B 199 14.60 -28.62 -12.70
C GLU B 199 15.79 -29.56 -12.56
N ALA B 200 15.64 -30.80 -13.02
CA ALA B 200 16.72 -31.77 -12.88
C ALA B 200 17.96 -31.33 -13.62
N VAL B 201 17.82 -30.87 -14.87
CA VAL B 201 18.97 -30.48 -15.67
C VAL B 201 19.68 -29.29 -15.04
N VAL B 202 18.91 -28.29 -14.62
CA VAL B 202 19.52 -27.09 -14.03
C VAL B 202 20.21 -27.43 -12.72
N THR B 203 19.63 -28.33 -11.93
CA THR B 203 20.21 -28.69 -10.65
C THR B 203 21.41 -29.61 -10.80
N ASN B 204 21.51 -30.34 -11.90
CA ASN B 204 22.56 -31.33 -12.07
C ASN B 204 23.76 -30.79 -12.85
N GLU B 205 23.52 -30.31 -14.08
CA GLU B 205 24.60 -29.90 -14.96
C GLU B 205 24.71 -28.38 -15.12
N LEU B 206 24.09 -27.62 -14.23
CA LEU B 206 24.32 -26.17 -14.18
C LEU B 206 24.46 -25.62 -12.78
N GLU B 207 24.24 -26.41 -11.73
CA GLU B 207 24.37 -25.94 -10.36
C GLU B 207 25.19 -26.89 -9.49
N ASP B 208 25.75 -27.96 -10.07
CA ASP B 208 26.60 -28.89 -9.34
C ASP B 208 25.83 -29.61 -8.23
N GLY B 209 24.53 -29.75 -8.40
CA GLY B 209 23.71 -30.50 -7.45
C GLY B 209 23.06 -29.68 -6.36
N ASP B 210 23.17 -28.35 -6.41
CA ASP B 210 22.55 -27.47 -5.42
C ASP B 210 21.15 -27.12 -5.92
N ARG B 211 20.13 -27.82 -5.38
CA ARG B 211 18.77 -27.58 -5.85
C ARG B 211 18.26 -26.22 -5.42
N GLN B 212 18.64 -25.76 -4.22
CA GLN B 212 18.17 -24.47 -3.74
C GLN B 212 18.62 -23.35 -4.66
N LYS B 213 19.86 -23.41 -5.13
CA LYS B 213 20.35 -22.41 -6.07
C LYS B 213 19.53 -22.42 -7.35
N ALA B 214 19.12 -23.60 -7.81
CA ALA B 214 18.34 -23.69 -9.04
C ALA B 214 16.94 -23.10 -8.83
N MET B 215 16.29 -23.44 -7.73
CA MET B 215 14.95 -22.91 -7.49
C MET B 215 14.96 -21.43 -7.16
N LYS B 216 16.09 -20.88 -6.70
CA LYS B 216 16.17 -19.45 -6.44
C LYS B 216 16.13 -18.64 -7.72
N ARG B 217 16.35 -19.26 -8.88
CA ARG B 217 16.34 -18.56 -10.16
C ARG B 217 15.26 -19.06 -11.12
N LEU B 218 14.85 -20.32 -11.03
CA LEU B 218 13.84 -20.83 -11.94
C LEU B 218 12.42 -20.53 -11.45
N ARG B 219 12.21 -20.55 -10.14
CA ARG B 219 10.87 -20.32 -9.60
C ARG B 219 10.33 -18.98 -10.08
N VAL B 220 9.07 -18.98 -10.52
CA VAL B 220 8.42 -17.82 -11.11
C VAL B 220 7.44 -17.26 -10.09
N PRO B 221 7.70 -16.10 -9.51
CA PRO B 221 6.71 -15.47 -8.63
C PRO B 221 5.51 -14.98 -9.44
N PRO B 222 4.52 -14.38 -8.80
CA PRO B 222 3.38 -13.84 -9.53
C PRO B 222 3.84 -12.87 -10.61
N LEU B 223 2.95 -12.62 -11.57
CA LEU B 223 3.25 -11.79 -12.72
C LEU B 223 2.15 -10.76 -12.92
N GLY B 224 2.50 -9.67 -13.60
CA GLY B 224 1.54 -8.60 -13.83
C GLY B 224 1.14 -7.93 -12.53
N ALA B 225 -0.14 -7.59 -12.44
CA ALA B 225 -0.70 -6.96 -11.25
C ALA B 225 -1.09 -7.98 -10.18
N ALA B 226 -0.60 -9.21 -10.27
CA ALA B 226 -0.97 -10.23 -9.29
C ALA B 226 -0.47 -9.86 -7.90
N GLN B 227 0.76 -9.35 -7.81
CA GLN B 227 1.37 -9.04 -6.52
C GLN B 227 1.39 -7.54 -6.30
N PRO B 228 0.60 -7.00 -5.38
CA PRO B 228 0.68 -5.56 -5.08
C PRO B 228 2.01 -5.22 -4.41
N ALA B 229 2.40 -3.96 -4.56
CA ALA B 229 3.67 -3.50 -4.02
C ALA B 229 3.63 -3.52 -2.49
N PRO B 230 4.79 -3.57 -1.84
CA PRO B 230 4.81 -3.61 -0.38
C PRO B 230 4.15 -2.38 0.22
N ALA B 231 3.53 -2.57 1.39
CA ALA B 231 2.85 -1.47 2.06
C ALA B 231 3.82 -0.37 2.44
N TRP B 232 5.01 -0.74 2.92
CA TRP B 232 6.00 0.27 3.30
C TRP B 232 6.43 1.10 2.10
N THR B 233 6.56 0.48 0.93
CA THR B 233 6.91 1.23 -0.27
C THR B 233 5.84 2.26 -0.60
N THR B 234 4.56 1.86 -0.52
CA THR B 234 3.49 2.80 -0.81
C THR B 234 3.46 3.92 0.23
N PHE B 235 3.69 3.59 1.49
CA PHE B 235 3.73 4.63 2.53
C PHE B 235 4.86 5.61 2.28
N ARG B 236 6.03 5.11 1.88
CA ARG B 236 7.15 5.99 1.56
C ARG B 236 6.82 6.87 0.36
N VAL B 237 6.17 6.31 -0.65
CA VAL B 237 5.77 7.08 -1.82
C VAL B 237 4.84 8.22 -1.40
N GLY B 238 3.84 7.89 -0.57
CA GLY B 238 2.91 8.92 -0.11
C GLY B 238 3.60 9.99 0.72
N LEU B 239 4.49 9.58 1.63
CA LEU B 239 5.20 10.54 2.46
C LEU B 239 6.04 11.48 1.61
N PHE B 240 6.76 10.93 0.63
CA PHE B 240 7.57 11.76 -0.24
C PHE B 240 6.70 12.69 -1.08
N CYS B 241 5.56 12.20 -1.56
CA CYS B 241 4.66 13.06 -2.33
C CYS B 241 4.15 14.22 -1.48
N GLY B 242 3.75 13.95 -0.24
CA GLY B 242 3.26 15.00 0.62
C GLY B 242 4.33 16.03 0.95
N ILE B 243 5.53 15.55 1.29
CA ILE B 243 6.62 16.47 1.58
C ILE B 243 6.93 17.32 0.35
N PHE B 244 6.95 16.70 -0.83
CA PHE B 244 7.21 17.42 -2.06
C PHE B 244 6.16 18.49 -2.30
N ILE B 245 4.88 18.16 -2.09
CA ILE B 245 3.81 19.13 -2.31
C ILE B 245 3.96 20.32 -1.35
N VAL B 246 4.18 20.03 -0.07
CA VAL B 246 4.29 21.12 0.90
C VAL B 246 5.50 21.98 0.61
N LEU B 247 6.63 21.36 0.27
CA LEU B 247 7.83 22.15 -0.03
C LEU B 247 7.65 22.97 -1.30
N ASN B 248 6.93 22.44 -2.29
CA ASN B 248 6.65 23.22 -3.49
C ASN B 248 5.77 24.43 -3.16
N ILE B 249 4.76 24.23 -2.30
CA ILE B 249 3.93 25.36 -1.88
C ILE B 249 4.78 26.40 -1.16
N THR B 250 5.67 25.95 -0.28
CA THR B 250 6.55 26.87 0.44
C THR B 250 7.45 27.63 -0.52
N LEU B 251 8.00 26.94 -1.52
CA LEU B 251 8.85 27.59 -2.51
C LEU B 251 8.08 28.65 -3.30
N VAL B 252 6.85 28.31 -3.71
CA VAL B 252 6.04 29.27 -4.44
C VAL B 252 5.75 30.49 -3.58
N LEU B 253 5.41 30.27 -2.31
CA LEU B 253 5.13 31.40 -1.41
C LEU B 253 6.37 32.26 -1.23
N ALA B 254 7.53 31.63 -1.04
CA ALA B 254 8.77 32.39 -0.86
C ALA B 254 9.09 33.22 -2.10
N ALA B 255 8.93 32.62 -3.30
CA ALA B 255 9.19 33.35 -4.52
C ALA B 255 8.23 34.52 -4.69
N VAL B 256 6.95 34.31 -4.36
CA VAL B 256 5.96 35.38 -4.50
C VAL B 256 6.24 36.51 -3.54
N PHE B 257 6.61 36.17 -2.30
CA PHE B 257 6.88 37.17 -1.23
C PHE B 257 8.38 37.12 -0.86
N ILE B 265 23.22 36.77 -8.33
CA ILE B 265 24.58 36.24 -8.17
C ILE B 265 24.67 34.88 -8.83
N TRP B 266 23.53 34.17 -8.89
CA TRP B 266 23.49 32.84 -9.48
C TRP B 266 22.16 32.66 -10.20
N PRO B 267 22.16 32.22 -11.46
CA PRO B 267 20.88 31.93 -12.13
C PRO B 267 20.27 30.63 -11.63
N LEU B 268 19.22 30.75 -10.82
CA LEU B 268 18.63 29.57 -10.20
C LEU B 268 17.76 28.78 -11.18
N ILE B 269 17.08 29.47 -12.09
CA ILE B 269 16.24 28.76 -13.06
C ILE B 269 17.08 27.83 -13.91
N ARG B 270 18.16 28.36 -14.48
CA ARG B 270 19.02 27.56 -15.35
C ARG B 270 19.81 26.51 -14.59
N ILE B 271 19.86 26.58 -13.26
CA ILE B 271 20.58 25.59 -12.48
C ILE B 271 19.65 24.48 -12.00
N TYR B 272 18.39 24.80 -11.71
CA TYR B 272 17.44 23.83 -11.18
C TYR B 272 16.48 23.28 -12.23
N ARG B 273 16.52 23.81 -13.47
CA ARG B 273 15.66 23.28 -14.52
C ARG B 273 15.97 21.82 -14.79
N GLY B 274 17.24 21.46 -14.83
CA GLY B 274 17.59 20.07 -15.08
C GLY B 274 17.05 19.13 -14.03
N GLY B 275 17.20 19.49 -12.75
CA GLY B 275 16.68 18.66 -11.69
C GLY B 275 15.16 18.55 -11.73
N PHE B 276 14.48 19.68 -11.94
CA PHE B 276 13.03 19.64 -12.01
C PHE B 276 12.57 18.76 -13.17
N LEU B 277 13.21 18.90 -14.34
CA LEU B 277 12.83 18.09 -15.50
C LEU B 277 13.09 16.62 -15.25
N LEU B 278 14.21 16.29 -14.59
CA LEU B 278 14.51 14.89 -14.31
C LEU B 278 13.48 14.30 -13.35
N ILE B 279 13.10 15.05 -12.31
CA ILE B 279 12.09 14.56 -11.38
C ILE B 279 10.76 14.37 -12.09
N GLU B 280 10.36 15.32 -12.91
CA GLU B 280 9.12 15.19 -13.67
C GLU B 280 9.17 13.97 -14.59
N PHE B 281 10.32 13.75 -15.24
CA PHE B 281 10.46 12.63 -16.15
C PHE B 281 10.37 11.31 -15.40
N LEU B 282 10.97 11.23 -14.21
CA LEU B 282 10.86 10.00 -13.42
C LEU B 282 9.43 9.75 -12.97
N PHE B 283 8.71 10.80 -12.54
CA PHE B 283 7.32 10.64 -12.14
C PHE B 283 6.47 10.17 -13.32
N LEU B 284 6.67 10.79 -14.48
CA LEU B 284 5.92 10.40 -15.67
C LEU B 284 6.30 9.00 -16.12
N LEU B 285 7.53 8.56 -15.85
CA LEU B 285 7.93 7.20 -16.19
C LEU B 285 7.27 6.20 -15.25
N GLY B 286 7.12 6.55 -13.97
CA GLY B 286 6.32 5.72 -13.09
C GLY B 286 4.90 5.59 -13.57
N ILE B 287 4.31 6.70 -14.02
CA ILE B 287 2.96 6.65 -14.59
C ILE B 287 2.94 5.77 -15.83
N ASN B 288 3.98 5.87 -16.66
CA ASN B 288 4.07 5.04 -17.87
C ASN B 288 4.11 3.57 -17.51
N THR B 289 4.89 3.20 -16.50
CA THR B 289 4.97 1.81 -16.08
C THR B 289 3.63 1.32 -15.55
N TYR B 290 2.95 2.15 -14.75
CA TYR B 290 1.64 1.77 -14.26
C TYR B 290 0.65 1.56 -15.41
N GLY B 291 0.69 2.46 -16.40
CA GLY B 291 -0.21 2.30 -17.54
C GLY B 291 0.10 1.07 -18.37
N TRP B 292 1.38 0.79 -18.57
CA TRP B 292 1.76 -0.43 -19.29
C TRP B 292 1.28 -1.67 -18.56
N ARG B 293 1.45 -1.69 -17.23
CA ARG B 293 1.02 -2.82 -16.38
C ARG B 293 -0.50 -2.98 -16.49
N GLN B 294 -1.26 -1.87 -16.43
CA GLN B 294 -2.71 -1.93 -16.46
C GLN B 294 -3.22 -2.36 -17.82
N ALA B 295 -2.60 -1.88 -18.90
CA ALA B 295 -3.06 -2.15 -20.25
C ALA B 295 -2.53 -3.46 -20.81
N GLY B 296 -1.65 -4.15 -20.09
CA GLY B 296 -1.08 -5.39 -20.56
C GLY B 296 0.10 -5.26 -21.49
N VAL B 297 0.58 -4.04 -21.73
CA VAL B 297 1.76 -3.85 -22.58
C VAL B 297 2.96 -4.44 -21.85
N ASN B 298 3.51 -5.52 -22.38
CA ASN B 298 4.59 -6.26 -21.72
C ASN B 298 5.91 -5.53 -21.99
N HIS B 299 6.15 -4.48 -21.19
CA HIS B 299 7.41 -3.76 -21.28
C HIS B 299 8.57 -4.54 -20.68
N VAL B 300 8.29 -5.48 -19.80
CA VAL B 300 9.35 -6.30 -19.21
C VAL B 300 10.02 -7.14 -20.30
N LEU B 301 9.24 -7.61 -21.26
CA LEU B 301 9.81 -8.37 -22.38
C LEU B 301 10.38 -7.45 -23.45
N ILE B 302 9.71 -6.32 -23.70
CA ILE B 302 10.21 -5.38 -24.71
C ILE B 302 11.56 -4.81 -24.30
N PHE B 303 11.71 -4.45 -23.03
CA PHE B 303 12.96 -3.90 -22.53
C PHE B 303 13.98 -4.97 -22.16
N GLU B 304 13.64 -6.25 -22.33
CA GLU B 304 14.55 -7.34 -22.00
C GLU B 304 14.92 -7.32 -20.52
N LEU B 305 13.96 -6.99 -19.67
CA LEU B 305 14.16 -6.95 -18.23
C LEU B 305 13.88 -8.31 -17.62
N ASN B 306 14.40 -8.53 -16.40
CA ASN B 306 14.19 -9.82 -15.69
C ASN B 306 12.76 -9.86 -15.16
N PRO B 307 11.87 -10.72 -15.71
CA PRO B 307 10.46 -10.77 -15.29
C PRO B 307 10.31 -11.19 -13.83
N ARG B 308 11.15 -12.11 -13.35
CA ARG B 308 11.04 -12.66 -11.97
C ARG B 308 11.23 -11.55 -10.93
N SER B 309 11.81 -10.39 -11.28
CA SER B 309 11.95 -9.29 -10.33
C SER B 309 12.23 -8.03 -11.13
N ASN B 310 11.31 -7.07 -11.10
CA ASN B 310 11.47 -5.83 -11.82
C ASN B 310 10.82 -4.69 -11.05
N LEU B 311 11.30 -3.48 -11.31
CA LEU B 311 10.77 -2.31 -10.63
C LEU B 311 9.32 -2.07 -11.01
N SER B 312 8.51 -1.73 -10.01
CA SER B 312 7.12 -1.33 -10.22
C SER B 312 7.00 0.18 -10.22
N HIS B 313 5.83 0.66 -10.66
CA HIS B 313 5.60 2.10 -10.71
C HIS B 313 5.78 2.75 -9.34
N GLN B 314 5.49 2.01 -8.27
CA GLN B 314 5.63 2.57 -6.93
C GLN B 314 7.07 2.93 -6.62
N HIS B 315 8.02 2.09 -7.02
CA HIS B 315 9.43 2.39 -6.78
C HIS B 315 9.87 3.63 -7.55
N LEU B 316 9.42 3.77 -8.81
CA LEU B 316 9.74 4.96 -9.57
C LEU B 316 9.15 6.20 -8.91
N PHE B 317 7.90 6.11 -8.43
CA PHE B 317 7.31 7.23 -7.72
C PHE B 317 8.12 7.57 -6.47
N GLU B 318 8.57 6.55 -5.74
CA GLU B 318 9.36 6.79 -4.54
C GLU B 318 10.66 7.52 -4.86
N ILE B 319 11.36 7.06 -5.90
CA ILE B 319 12.61 7.69 -6.29
C ILE B 319 12.36 9.13 -6.71
N ALA B 320 11.33 9.35 -7.52
CA ALA B 320 11.01 10.71 -7.95
C ALA B 320 10.67 11.61 -6.77
N GLY B 321 9.90 11.08 -5.81
CA GLY B 321 9.55 11.87 -4.65
C GLY B 321 10.74 12.24 -3.79
N PHE B 322 11.65 11.28 -3.56
CA PHE B 322 12.85 11.57 -2.78
C PHE B 322 13.71 12.61 -3.48
N LEU B 323 13.91 12.45 -4.79
CA LEU B 323 14.72 13.42 -5.54
C LEU B 323 14.06 14.78 -5.54
N GLY B 324 12.72 14.83 -5.63
CA GLY B 324 12.03 16.10 -5.58
C GLY B 324 12.14 16.76 -4.21
N ILE B 325 12.11 15.96 -3.14
CA ILE B 325 12.30 16.50 -1.81
C ILE B 325 13.69 17.14 -1.71
N LEU B 326 14.71 16.44 -2.19
CA LEU B 326 16.06 17.00 -2.14
C LEU B 326 16.16 18.27 -2.97
N TRP B 327 15.56 18.26 -4.16
CA TRP B 327 15.58 19.43 -5.04
C TRP B 327 14.90 20.62 -4.37
N CYS B 328 13.73 20.39 -3.78
CA CYS B 328 13.02 21.47 -3.10
C CYS B 328 13.80 22.01 -1.91
N LEU B 329 14.42 21.11 -1.14
CA LEU B 329 15.22 21.56 0.00
C LEU B 329 16.40 22.40 -0.47
N SER B 330 17.07 21.98 -1.56
CA SER B 330 18.18 22.75 -2.08
C SER B 330 17.72 24.13 -2.56
N LEU B 331 16.59 24.19 -3.26
CA LEU B 331 16.11 25.48 -3.74
C LEU B 331 15.68 26.38 -2.59
N LEU B 332 15.07 25.79 -1.54
CA LEU B 332 14.71 26.58 -0.36
C LEU B 332 15.95 27.11 0.34
N ALA B 333 17.00 26.29 0.43
CA ALA B 333 18.25 26.77 1.02
C ALA B 333 18.85 27.91 0.20
N CYS B 334 18.77 27.80 -1.12
CA CYS B 334 19.23 28.90 -1.97
C CYS B 334 18.43 30.17 -1.71
N PHE B 335 17.10 30.04 -1.61
CA PHE B 335 16.26 31.21 -1.39
C PHE B 335 16.54 31.86 -0.05
N PHE B 336 16.69 31.06 1.00
CA PHE B 336 16.84 31.58 2.36
C PHE B 336 18.28 31.60 2.83
N ALA B 337 19.11 30.65 2.42
CA ALA B 337 20.49 30.57 2.87
C ALA B 337 20.53 30.51 4.39
N PRO B 338 20.00 29.45 5.01
CA PRO B 338 19.99 29.38 6.47
C PRO B 338 21.37 29.47 7.09
N ILE B 339 22.39 28.89 6.45
CA ILE B 339 23.76 28.93 6.93
C ILE B 339 24.53 29.93 6.08
N SER B 340 25.18 30.90 6.74
CA SER B 340 25.88 31.95 6.02
C SER B 340 27.28 31.49 5.58
N VAL B 341 27.95 30.68 6.39
CA VAL B 341 29.30 30.25 6.04
C VAL B 341 29.30 29.42 4.77
N ILE B 342 28.25 28.63 4.56
CA ILE B 342 28.13 27.80 3.36
C ILE B 342 27.60 28.68 2.22
N PRO B 343 28.34 28.85 1.13
CA PRO B 343 27.83 29.67 0.02
C PRO B 343 26.59 29.06 -0.62
N THR B 344 25.86 29.91 -1.33
CA THR B 344 24.65 29.44 -2.01
C THR B 344 24.98 28.39 -3.06
N TYR B 345 26.07 28.59 -3.81
CA TYR B 345 26.42 27.67 -4.89
C TYR B 345 26.63 26.25 -4.38
N VAL B 346 26.90 26.08 -3.09
CA VAL B 346 27.07 24.74 -2.54
C VAL B 346 25.77 23.96 -2.62
N TYR B 347 24.64 24.63 -2.36
CA TYR B 347 23.37 23.90 -2.28
C TYR B 347 23.00 23.22 -3.59
N PRO B 348 23.02 23.88 -4.75
CA PRO B 348 22.72 23.17 -6.00
C PRO B 348 23.70 22.03 -6.25
N LEU B 349 24.99 22.35 -6.31
CA LEU B 349 26.02 21.35 -6.61
C LEU B 349 25.79 20.07 -5.82
N ALA B 350 25.78 20.19 -4.49
CA ALA B 350 25.62 19.01 -3.64
C ALA B 350 24.42 18.19 -4.09
N LEU B 351 23.26 18.83 -4.26
CA LEU B 351 22.08 18.13 -4.75
C LEU B 351 22.45 17.28 -5.96
N TYR B 352 22.93 17.93 -7.03
CA TYR B 352 23.28 17.17 -8.23
C TYR B 352 24.35 16.14 -7.90
N GLY B 353 25.35 16.53 -7.10
CA GLY B 353 26.33 15.55 -6.67
C GLY B 353 25.68 14.33 -6.05
N PHE B 354 24.75 14.56 -5.11
CA PHE B 354 24.04 13.45 -4.51
C PHE B 354 23.34 12.62 -5.58
N MET B 355 22.70 13.29 -6.55
CA MET B 355 22.05 12.57 -7.64
C MET B 355 23.06 11.65 -8.32
N VAL B 356 24.25 12.17 -8.62
CA VAL B 356 25.29 11.33 -9.20
C VAL B 356 25.63 10.19 -8.25
N PHE B 357 25.82 10.51 -6.98
CA PHE B 357 26.09 9.47 -6.00
C PHE B 357 24.94 8.49 -5.87
N PHE B 358 23.72 8.93 -6.22
CA PHE B 358 22.57 8.05 -6.17
C PHE B 358 22.45 7.16 -7.40
N LEU B 359 23.29 7.38 -8.42
CA LEU B 359 23.25 6.59 -9.64
C LEU B 359 24.48 5.75 -9.87
N ILE B 360 25.63 6.12 -9.27
CA ILE B 360 26.87 5.37 -9.45
C ILE B 360 27.31 4.80 -8.11
N ASN B 361 26.37 4.56 -7.21
CA ASN B 361 26.71 4.05 -5.89
C ASN B 361 27.20 2.61 -6.01
N PRO B 362 28.45 2.31 -5.66
CA PRO B 362 28.92 0.92 -5.77
C PRO B 362 28.16 -0.05 -4.89
N THR B 363 27.69 0.39 -3.72
CA THR B 363 27.07 -0.52 -2.77
C THR B 363 25.71 -0.98 -3.28
N LYS B 364 25.30 -2.16 -2.81
CA LYS B 364 24.02 -2.75 -3.17
C LYS B 364 22.97 -2.40 -2.12
N THR B 365 22.59 -1.12 -2.11
CA THR B 365 21.71 -0.57 -1.09
C THR B 365 20.36 -0.13 -1.65
N PHE B 366 20.36 0.78 -2.63
CA PHE B 366 19.13 1.41 -3.12
C PHE B 366 18.94 1.07 -4.59
N TYR B 367 18.06 0.11 -4.86
CA TYR B 367 17.71 -0.26 -6.24
C TYR B 367 18.97 -0.54 -7.06
N TYR B 368 19.92 -1.25 -6.45
CA TYR B 368 21.21 -1.43 -7.08
C TYR B 368 21.09 -2.19 -8.40
N LYS B 369 20.20 -3.17 -8.47
CA LYS B 369 20.00 -3.89 -9.73
C LYS B 369 19.59 -2.94 -10.83
N SER B 370 18.55 -2.14 -10.58
CA SER B 370 18.05 -1.22 -11.60
C SER B 370 19.07 -0.13 -11.90
N ARG B 371 19.77 0.35 -10.88
CA ARG B 371 20.78 1.38 -11.11
C ARG B 371 21.91 0.86 -11.99
N PHE B 372 22.37 -0.37 -11.74
CA PHE B 372 23.42 -0.95 -12.57
C PHE B 372 22.92 -1.19 -13.98
N TRP B 373 21.67 -1.65 -14.13
CA TRP B 373 21.11 -1.83 -15.48
C TRP B 373 21.07 -0.49 -16.21
N LEU B 374 20.66 0.58 -15.53
CA LEU B 374 20.60 1.89 -16.15
C LEU B 374 22.00 2.39 -16.50
N LEU B 375 22.99 2.11 -15.65
CA LEU B 375 24.35 2.51 -15.95
C LEU B 375 24.85 1.79 -17.20
N LYS B 376 24.59 0.49 -17.31
CA LYS B 376 24.99 -0.24 -18.51
C LYS B 376 24.30 0.30 -19.75
N LEU B 377 23.00 0.59 -19.64
CA LEU B 377 22.27 1.12 -20.77
C LEU B 377 22.81 2.49 -21.18
N LEU B 378 23.12 3.35 -20.21
CA LEU B 378 23.68 4.65 -20.52
C LEU B 378 25.04 4.53 -21.19
N PHE B 379 25.87 3.61 -20.69
CA PHE B 379 27.18 3.40 -21.32
C PHE B 379 27.02 2.93 -22.76
N ARG B 380 26.08 2.02 -22.99
CA ARG B 380 25.85 1.53 -24.36
C ARG B 380 25.33 2.65 -25.25
N VAL B 381 24.44 3.50 -24.74
CA VAL B 381 23.85 4.56 -25.55
C VAL B 381 24.90 5.60 -25.91
N PHE B 382 25.69 6.03 -24.92
CA PHE B 382 26.69 7.06 -25.16
C PHE B 382 27.87 6.54 -25.98
N THR B 383 27.99 5.24 -26.15
CA THR B 383 28.95 4.62 -27.06
C THR B 383 28.21 3.82 -28.13
N ALA B 384 27.17 4.43 -28.68
CA ALA B 384 26.25 3.72 -29.59
C ALA B 384 26.95 3.03 -30.75
N PRO B 385 27.88 3.64 -31.48
CA PRO B 385 28.41 2.99 -32.68
C PRO B 385 29.23 1.74 -32.42
N PHE B 386 29.37 1.31 -31.17
CA PHE B 386 30.16 0.13 -30.83
C PHE B 386 29.35 -0.96 -30.14
N HIS B 387 28.01 -0.85 -30.14
CA HIS B 387 27.15 -1.87 -29.56
C HIS B 387 25.93 -2.05 -30.44
N LYS B 388 25.40 -3.27 -30.44
CA LYS B 388 24.16 -3.54 -31.15
C LYS B 388 23.02 -2.77 -30.50
N VAL B 389 22.17 -2.17 -31.33
CA VAL B 389 21.11 -1.29 -30.85
C VAL B 389 19.88 -2.15 -30.58
N GLY B 390 19.61 -2.39 -29.29
CA GLY B 390 18.37 -3.01 -28.88
C GLY B 390 17.29 -1.98 -28.63
N PHE B 391 16.11 -2.47 -28.23
CA PHE B 391 15.01 -1.56 -27.96
C PHE B 391 15.34 -0.62 -26.81
N ALA B 392 15.98 -1.14 -25.75
CA ALA B 392 16.27 -0.32 -24.59
C ALA B 392 17.22 0.83 -24.95
N ASP B 393 18.25 0.54 -25.75
CA ASP B 393 19.21 1.58 -26.10
C ASP B 393 18.54 2.70 -26.89
N PHE B 394 17.77 2.34 -27.93
CA PHE B 394 17.09 3.36 -28.72
C PHE B 394 16.08 4.12 -27.89
N TRP B 395 15.35 3.42 -27.01
CA TRP B 395 14.36 4.09 -26.17
C TRP B 395 15.02 5.10 -25.25
N LEU B 396 16.13 4.73 -24.61
CA LEU B 396 16.81 5.66 -23.72
C LEU B 396 17.43 6.81 -24.50
N ALA B 397 17.93 6.54 -25.71
CA ALA B 397 18.44 7.62 -26.55
C ALA B 397 17.34 8.61 -26.89
N ASP B 398 16.12 8.11 -27.17
CA ASP B 398 15.00 9.00 -27.41
C ASP B 398 14.65 9.80 -26.16
N GLN B 399 14.65 9.14 -25.00
CA GLN B 399 14.41 9.86 -23.75
C GLN B 399 15.40 11.01 -23.58
N LEU B 400 16.68 10.74 -23.85
CA LEU B 400 17.68 11.80 -23.77
C LEU B 400 17.40 12.89 -24.80
N ASN B 401 16.97 12.49 -26.00
CA ASN B 401 16.56 13.48 -27.00
C ASN B 401 15.49 14.41 -26.47
N SER B 402 14.59 13.89 -25.63
CA SER B 402 13.58 14.72 -24.98
C SER B 402 14.09 15.37 -23.70
N LEU B 403 15.34 15.10 -23.30
CA LEU B 403 15.92 15.66 -22.08
C LEU B 403 17.19 16.44 -22.38
N SER B 404 17.33 16.95 -23.62
CA SER B 404 18.52 17.71 -23.99
C SER B 404 18.66 18.99 -23.18
N VAL B 405 17.58 19.45 -22.55
CA VAL B 405 17.65 20.68 -21.76
C VAL B 405 18.62 20.52 -20.62
N ILE B 406 18.72 19.31 -20.04
CA ILE B 406 19.67 19.09 -18.96
C ILE B 406 21.09 19.31 -19.43
N LEU B 407 21.44 18.74 -20.60
CA LEU B 407 22.78 18.92 -21.14
C LEU B 407 23.04 20.38 -21.49
N MET B 408 22.04 21.05 -22.06
CA MET B 408 22.21 22.46 -22.38
C MET B 408 22.46 23.29 -21.13
N ASP B 409 21.71 23.00 -20.06
CA ASP B 409 21.90 23.72 -18.80
C ASP B 409 23.28 23.44 -18.21
N LEU B 410 23.74 22.19 -18.30
CA LEU B 410 25.07 21.87 -17.79
C LEU B 410 26.16 22.61 -18.56
N GLU B 411 26.03 22.66 -19.88
CA GLU B 411 27.02 23.39 -20.68
C GLU B 411 26.96 24.88 -20.37
N TYR B 412 25.76 25.42 -20.18
CA TYR B 412 25.62 26.83 -19.86
C TYR B 412 26.25 27.14 -18.51
N MET B 413 26.09 26.24 -17.54
CA MET B 413 26.70 26.46 -16.23
C MET B 413 28.22 26.35 -16.31
N ILE B 414 28.72 25.46 -17.17
CA ILE B 414 30.17 25.39 -17.39
C ILE B 414 30.66 26.72 -17.96
N CYS B 415 29.94 27.26 -18.94
CA CYS B 415 30.30 28.56 -19.49
C CYS B 415 30.26 29.64 -18.41
N PHE B 416 29.22 29.61 -17.57
CA PHE B 416 29.08 30.61 -16.51
C PHE B 416 30.27 30.58 -15.56
N TYR B 417 30.63 29.39 -15.10
CA TYR B 417 31.75 29.26 -14.17
C TYR B 417 33.06 29.62 -14.86
N SER B 418 33.18 29.36 -16.17
CA SER B 418 34.44 29.63 -16.85
C SER B 418 34.65 31.12 -17.09
N LEU B 419 33.57 31.84 -17.45
CA LEU B 419 33.69 33.24 -17.86
C LEU B 419 33.09 34.21 -16.86
N GLU B 420 31.82 34.04 -16.50
CA GLU B 420 31.16 35.02 -15.65
C GLU B 420 31.68 34.98 -14.22
N LEU B 421 32.36 33.91 -13.82
CA LEU B 421 32.90 33.81 -12.47
C LEU B 421 34.38 33.42 -12.51
N GLU B 436 31.26 43.23 -20.38
CA GLU B 436 30.20 42.27 -20.65
C GLU B 436 30.02 41.31 -19.47
N SER B 437 28.93 41.52 -18.73
CA SER B 437 28.65 40.66 -17.58
C SER B 437 28.05 39.34 -18.01
N GLY B 438 26.92 39.38 -18.70
CA GLY B 438 26.28 38.17 -19.20
C GLY B 438 26.85 37.74 -20.54
N ILE B 439 28.11 37.30 -20.54
CA ILE B 439 28.77 36.95 -21.79
C ILE B 439 28.35 35.58 -22.28
N CYS B 440 27.94 34.68 -21.38
CA CYS B 440 27.57 33.32 -21.75
C CYS B 440 26.09 33.17 -22.10
N HIS B 441 25.32 34.26 -22.03
CA HIS B 441 23.91 34.24 -22.38
C HIS B 441 23.56 35.18 -23.53
N LYS B 442 24.54 35.92 -24.05
CA LYS B 442 24.30 36.91 -25.09
C LYS B 442 24.75 36.48 -26.47
N TYR B 443 25.69 35.55 -26.56
CA TYR B 443 26.18 35.04 -27.85
C TYR B 443 26.18 33.52 -27.83
N THR B 444 26.28 32.93 -29.02
CA THR B 444 26.28 31.48 -29.19
C THR B 444 27.53 31.05 -29.93
N TYR B 445 27.98 29.83 -29.64
CA TYR B 445 29.19 29.28 -30.23
C TYR B 445 28.92 27.84 -30.65
N GLY B 446 29.93 27.24 -31.32
CA GLY B 446 29.74 25.91 -31.88
C GLY B 446 29.49 24.85 -30.82
N VAL B 447 30.21 24.93 -29.70
CA VAL B 447 30.08 23.90 -28.67
C VAL B 447 28.65 23.83 -28.17
N ARG B 448 27.97 24.98 -28.09
CA ARG B 448 26.57 25.00 -27.67
C ARG B 448 25.71 24.18 -28.62
N ALA B 449 25.90 24.37 -29.93
CA ALA B 449 25.14 23.63 -30.91
C ALA B 449 25.46 22.13 -30.84
N ILE B 450 26.73 21.79 -30.66
CA ILE B 450 27.11 20.38 -30.56
C ILE B 450 26.45 19.74 -29.34
N VAL B 451 26.45 20.44 -28.21
CA VAL B 451 25.81 19.90 -27.01
C VAL B 451 24.30 19.74 -27.24
N GLN B 452 23.69 20.70 -27.94
CA GLN B 452 22.27 20.58 -28.24
C GLN B 452 22.00 19.36 -29.11
N CYS B 453 22.88 19.09 -30.08
CA CYS B 453 22.66 18.02 -31.03
C CYS B 453 23.15 16.66 -30.56
N ILE B 454 23.84 16.59 -29.42
CA ILE B 454 24.40 15.32 -28.95
C ILE B 454 23.36 14.20 -28.94
N PRO B 455 22.19 14.37 -28.31
CA PRO B 455 21.20 13.27 -28.34
C PRO B 455 20.76 12.90 -29.74
N ALA B 456 20.58 13.89 -30.61
CA ALA B 456 20.24 13.61 -31.99
C ALA B 456 21.38 12.86 -32.67
N TRP B 457 22.62 13.22 -32.36
CA TRP B 457 23.76 12.49 -32.90
C TRP B 457 23.73 11.03 -32.44
N LEU B 458 23.43 10.80 -31.16
CA LEU B 458 23.37 9.43 -30.66
C LEU B 458 22.30 8.62 -31.40
N ARG B 459 21.11 9.21 -31.56
CA ARG B 459 20.04 8.50 -32.25
C ARG B 459 20.39 8.25 -33.71
N PHE B 460 20.99 9.23 -34.37
CA PHE B 460 21.36 9.08 -35.77
C PHE B 460 22.41 7.99 -35.96
N ILE B 461 23.40 7.94 -35.06
CA ILE B 461 24.43 6.92 -35.14
C ILE B 461 23.83 5.55 -34.84
N GLN B 462 22.89 5.50 -33.90
CA GLN B 462 22.20 4.24 -33.62
C GLN B 462 21.46 3.75 -34.86
N CYS B 463 20.77 4.65 -35.56
CA CYS B 463 20.07 4.26 -36.78
C CYS B 463 21.04 3.78 -37.85
N LEU B 464 22.18 4.47 -37.99
CA LEU B 464 23.18 4.02 -38.96
C LEU B 464 23.70 2.64 -38.61
N ARG B 465 23.98 2.39 -37.33
CA ARG B 465 24.43 1.06 -36.91
C ARG B 465 23.37 0.02 -37.18
N ARG B 466 22.09 0.35 -36.95
CA ARG B 466 21.01 -0.59 -37.23
C ARG B 466 20.93 -0.90 -38.71
N TYR B 467 21.11 0.12 -39.56
CA TYR B 467 21.14 -0.13 -41.00
C TYR B 467 22.30 -1.05 -41.36
N ARG B 468 23.48 -0.78 -40.80
CA ARG B 468 24.64 -1.62 -41.11
C ARG B 468 24.45 -3.05 -40.63
N ASP B 469 23.65 -3.24 -39.58
CA ASP B 469 23.44 -4.59 -39.05
C ASP B 469 22.38 -5.34 -39.84
N THR B 470 21.19 -4.76 -40.00
CA THR B 470 20.09 -5.44 -40.66
C THR B 470 20.08 -5.26 -42.17
N LYS B 471 20.78 -4.25 -42.68
CA LYS B 471 20.94 -4.00 -44.12
C LYS B 471 19.65 -3.53 -44.80
N ARG B 472 18.57 -3.32 -44.05
CA ARG B 472 17.35 -2.75 -44.60
C ARG B 472 17.42 -1.24 -44.47
N ALA B 473 17.39 -0.54 -45.61
CA ALA B 473 17.69 0.88 -45.62
C ALA B 473 16.49 1.75 -45.33
N PHE B 474 15.29 1.33 -45.71
CA PHE B 474 14.13 2.20 -45.64
C PHE B 474 13.96 2.80 -44.25
N PRO B 475 13.63 1.98 -43.24
CA PRO B 475 13.26 2.57 -41.93
C PRO B 475 14.43 3.27 -41.26
N HIS B 476 15.59 2.60 -41.25
CA HIS B 476 16.75 3.14 -40.54
C HIS B 476 17.21 4.44 -41.16
N LEU B 477 17.27 4.50 -42.49
CA LEU B 477 17.72 5.74 -43.15
C LEU B 477 16.67 6.84 -43.05
N VAL B 478 15.37 6.50 -43.10
CA VAL B 478 14.36 7.53 -42.91
C VAL B 478 14.48 8.12 -41.51
N ASN B 479 14.68 7.27 -40.50
CA ASN B 479 14.85 7.77 -39.14
C ASN B 479 16.14 8.58 -39.01
N ALA B 480 17.20 8.15 -39.69
CA ALA B 480 18.45 8.89 -39.65
C ALA B 480 18.28 10.29 -40.24
N GLY B 481 17.55 10.40 -41.36
CA GLY B 481 17.25 11.70 -41.91
C GLY B 481 16.38 12.53 -40.98
N LYS B 482 15.41 11.87 -40.33
CA LYS B 482 14.59 12.57 -39.35
C LYS B 482 15.44 13.19 -38.25
N TYR B 483 16.45 12.45 -37.78
CA TYR B 483 17.32 12.97 -36.73
C TYR B 483 18.32 13.99 -37.27
N SER B 484 18.72 13.88 -38.53
CA SER B 484 19.64 14.84 -39.12
C SER B 484 18.96 16.17 -39.43
N THR B 485 17.64 16.17 -39.60
CA THR B 485 16.92 17.44 -39.67
C THR B 485 17.20 18.27 -38.43
N THR B 486 17.37 17.63 -37.28
CA THR B 486 17.75 18.36 -36.07
C THR B 486 19.13 19.00 -36.22
N PHE B 487 20.09 18.27 -36.78
CA PHE B 487 21.41 18.86 -37.01
C PHE B 487 21.28 20.08 -37.90
N PHE B 488 20.53 19.97 -38.99
CA PHE B 488 20.41 21.08 -39.92
C PHE B 488 19.74 22.28 -39.27
N MET B 489 18.66 22.04 -38.53
CA MET B 489 17.98 23.14 -37.85
C MET B 489 18.90 23.84 -36.88
N VAL B 490 19.62 23.05 -36.06
CA VAL B 490 20.48 23.64 -35.03
C VAL B 490 21.61 24.43 -35.67
N THR B 491 22.25 23.87 -36.70
CA THR B 491 23.38 24.54 -37.32
C THR B 491 22.94 25.82 -38.04
N PHE B 492 21.77 25.80 -38.70
CA PHE B 492 21.31 27.00 -39.37
C PHE B 492 20.89 28.07 -38.37
N ALA B 493 20.27 27.66 -37.25
CA ALA B 493 19.96 28.62 -36.20
C ALA B 493 21.24 29.25 -35.65
N ALA B 494 22.26 28.44 -35.42
CA ALA B 494 23.53 28.97 -34.92
C ALA B 494 24.16 29.93 -35.91
N LEU B 495 24.13 29.57 -37.20
CA LEU B 495 24.69 30.44 -38.22
C LEU B 495 23.96 31.78 -38.24
N TYR B 496 22.62 31.75 -38.19
CA TYR B 496 21.86 32.99 -38.18
C TYR B 496 22.18 33.82 -36.94
N SER B 497 22.26 33.18 -35.77
CA SER B 497 22.53 33.92 -34.54
C SER B 497 23.91 34.56 -34.57
N THR B 498 24.92 33.84 -35.06
CA THR B 498 26.28 34.39 -35.11
C THR B 498 26.47 35.38 -36.24
N HIS B 499 25.60 35.36 -37.26
CA HIS B 499 25.68 36.33 -38.34
C HIS B 499 24.85 37.57 -38.08
N LYS B 500 23.89 37.50 -37.15
CA LYS B 500 23.07 38.67 -36.82
C LYS B 500 23.85 39.76 -36.09
N GLU B 501 25.06 39.45 -35.61
CA GLU B 501 25.87 40.43 -34.89
C GLU B 501 26.65 41.33 -35.84
N ARG B 502 27.23 40.76 -36.89
CA ARG B 502 28.00 41.50 -37.87
C ARG B 502 27.26 41.53 -39.20
N GLY B 503 27.41 42.63 -39.93
CA GLY B 503 26.70 42.81 -41.18
C GLY B 503 27.26 41.99 -42.33
N HIS B 504 27.12 40.67 -42.24
CA HIS B 504 27.55 39.81 -43.34
C HIS B 504 26.66 39.95 -44.56
N SER B 505 25.45 40.48 -44.40
CA SER B 505 24.45 40.66 -45.45
C SER B 505 23.75 39.36 -45.79
N ASP B 506 24.11 38.24 -45.15
CA ASP B 506 23.49 36.94 -45.41
C ASP B 506 22.74 36.43 -44.18
N THR B 507 22.16 37.34 -43.40
CA THR B 507 21.41 36.93 -42.21
C THR B 507 20.01 36.44 -42.57
N MET B 508 19.34 37.13 -43.49
CA MET B 508 17.97 36.74 -43.84
C MET B 508 17.93 35.42 -44.59
N VAL B 509 18.95 35.14 -45.41
CA VAL B 509 19.00 33.84 -46.08
C VAL B 509 19.12 32.72 -45.06
N PHE B 510 19.97 32.90 -44.05
CA PHE B 510 20.08 31.90 -42.99
C PHE B 510 18.79 31.78 -42.20
N PHE B 511 18.12 32.90 -41.95
CA PHE B 511 16.84 32.85 -41.24
C PHE B 511 15.80 32.06 -42.03
N TYR B 512 15.72 32.30 -43.34
CA TYR B 512 14.77 31.58 -44.17
C TYR B 512 15.11 30.09 -44.22
N LEU B 513 16.40 29.77 -44.34
CA LEU B 513 16.81 28.36 -44.34
C LEU B 513 16.47 27.70 -43.01
N TRP B 514 16.66 28.42 -41.89
CA TRP B 514 16.32 27.87 -40.60
C TRP B 514 14.81 27.64 -40.48
N ILE B 515 14.00 28.57 -40.99
CA ILE B 515 12.55 28.37 -40.96
C ILE B 515 12.17 27.14 -41.77
N VAL B 516 12.76 27.01 -42.97
CA VAL B 516 12.43 25.87 -43.83
C VAL B 516 12.80 24.57 -43.15
N PHE B 517 13.99 24.52 -42.54
CA PHE B 517 14.43 23.26 -41.93
C PHE B 517 13.70 23.01 -40.61
N TYR B 518 13.25 24.07 -39.92
CA TYR B 518 12.40 23.88 -38.75
C TYR B 518 11.08 23.23 -39.14
N ILE B 519 10.47 23.72 -40.21
CA ILE B 519 9.24 23.10 -40.71
C ILE B 519 9.51 21.65 -41.11
N ILE B 520 10.62 21.43 -41.82
CA ILE B 520 10.95 20.09 -42.28
C ILE B 520 11.12 19.14 -41.10
N SER B 521 11.87 19.57 -40.08
CA SER B 521 12.10 18.72 -38.92
C SER B 521 10.82 18.46 -38.16
N SER B 522 9.98 19.47 -37.98
CA SER B 522 8.72 19.28 -37.28
C SER B 522 7.85 18.26 -38.01
N CYS B 523 7.70 18.42 -39.32
CA CYS B 523 6.89 17.48 -40.09
C CYS B 523 7.49 16.08 -40.06
N TYR B 524 8.81 15.97 -40.21
CA TYR B 524 9.46 14.67 -40.20
C TYR B 524 9.21 13.95 -38.87
N THR B 525 9.45 14.65 -37.76
CA THR B 525 9.27 14.03 -36.44
C THR B 525 7.82 13.67 -36.20
N LEU B 526 6.89 14.55 -36.59
CA LEU B 526 5.47 14.26 -36.40
C LEU B 526 5.05 13.02 -37.21
N ILE B 527 5.48 12.95 -38.47
CA ILE B 527 5.10 11.82 -39.31
C ILE B 527 5.70 10.54 -38.77
N TRP B 528 6.96 10.57 -38.33
CA TRP B 528 7.56 9.38 -37.75
C TRP B 528 6.83 8.95 -36.49
N ASP B 529 6.44 9.92 -35.65
CA ASP B 529 5.75 9.59 -34.40
C ASP B 529 4.39 8.97 -34.68
N LEU B 530 3.64 9.51 -35.64
CA LEU B 530 2.28 9.04 -35.88
C LEU B 530 2.24 7.76 -36.69
N LYS B 531 3.12 7.62 -37.68
CA LYS B 531 3.06 6.51 -38.62
C LYS B 531 4.06 5.40 -38.32
N MET B 532 5.20 5.73 -37.70
CA MET B 532 6.28 4.76 -37.53
C MET B 532 6.59 4.43 -36.08
N ASP B 533 6.09 5.20 -35.12
CA ASP B 533 6.27 4.91 -33.71
C ASP B 533 5.00 4.42 -33.02
N TRP B 534 3.86 5.03 -33.32
CA TRP B 534 2.59 4.63 -32.74
C TRP B 534 1.80 3.67 -33.63
N GLY B 535 2.18 3.54 -34.90
CA GLY B 535 1.47 2.64 -35.80
C GLY B 535 0.03 3.05 -36.04
N LEU B 536 -0.24 4.35 -36.13
CA LEU B 536 -1.57 4.86 -36.39
C LEU B 536 -1.71 5.21 -37.88
N PHE B 537 -2.91 5.66 -38.25
CA PHE B 537 -3.21 6.02 -39.63
C PHE B 537 -2.92 4.85 -40.58
N ASP B 538 -3.24 3.64 -40.12
CA ASP B 538 -2.99 2.43 -40.89
C ASP B 538 -4.20 2.10 -41.77
N LYS B 539 -3.95 1.27 -42.78
CA LYS B 539 -5.00 0.86 -43.71
C LYS B 539 -5.88 -0.25 -43.15
N ASN B 540 -5.52 -0.83 -42.01
CA ASN B 540 -6.28 -1.93 -41.42
C ASN B 540 -7.35 -1.45 -40.45
N ALA B 541 -7.54 -0.14 -40.31
CA ALA B 541 -8.54 0.38 -39.38
C ALA B 541 -9.94 0.10 -39.89
N GLY B 542 -10.69 -0.72 -39.16
CA GLY B 542 -12.05 -1.03 -39.52
C GLY B 542 -13.05 -0.15 -38.81
N GLU B 543 -12.77 0.15 -37.53
CA GLU B 543 -13.61 1.04 -36.74
C GLU B 543 -12.84 2.08 -35.96
N ASN B 544 -11.51 1.95 -35.83
CA ASN B 544 -10.69 2.92 -35.12
C ASN B 544 -10.09 3.86 -36.16
N THR B 545 -10.86 4.88 -36.51
CA THR B 545 -10.44 5.82 -37.54
C THR B 545 -9.14 6.51 -37.13
N PHE B 546 -8.22 6.63 -38.10
CA PHE B 546 -6.92 7.27 -37.90
C PHE B 546 -6.05 6.49 -36.91
N LEU B 547 -6.36 5.22 -36.69
CA LEU B 547 -5.59 4.37 -35.78
C LEU B 547 -5.32 3.03 -36.46
N ARG B 548 -4.85 2.06 -35.69
CA ARG B 548 -4.56 0.73 -36.21
C ARG B 548 -5.72 -0.22 -35.91
N GLU B 549 -5.63 -1.42 -36.48
CA GLU B 549 -6.71 -2.39 -36.33
C GLU B 549 -6.93 -2.75 -34.87
N GLU B 550 -5.85 -2.95 -34.12
CA GLU B 550 -5.92 -3.34 -32.72
C GLU B 550 -5.40 -2.21 -31.84
N ILE B 551 -6.20 -1.80 -30.87
CA ILE B 551 -5.83 -0.79 -29.88
C ILE B 551 -5.94 -1.40 -28.50
N VAL B 552 -4.88 -1.26 -27.70
CA VAL B 552 -4.85 -1.89 -26.39
C VAL B 552 -5.42 -1.00 -25.30
N TYR B 553 -5.36 0.32 -25.46
CA TYR B 553 -5.85 1.21 -24.41
C TYR B 553 -7.37 1.35 -24.50
N PRO B 554 -8.03 1.60 -23.35
CA PRO B 554 -9.50 1.56 -23.35
C PRO B 554 -10.18 2.57 -24.26
N GLN B 555 -9.65 3.80 -24.35
CA GLN B 555 -10.35 4.92 -24.97
C GLN B 555 -9.63 5.36 -26.23
N LYS B 556 -10.40 5.52 -27.32
CA LYS B 556 -9.87 6.13 -28.53
C LYS B 556 -9.66 7.63 -28.36
N ALA B 557 -10.44 8.25 -27.48
CA ALA B 557 -10.21 9.66 -27.17
C ALA B 557 -8.79 9.89 -26.70
N TYR B 558 -8.22 8.92 -25.97
CA TYR B 558 -6.81 9.02 -25.61
C TYR B 558 -5.93 9.11 -26.84
N TYR B 559 -6.21 8.28 -27.86
CA TYR B 559 -5.40 8.31 -29.07
C TYR B 559 -5.54 9.64 -29.80
N TYR B 560 -6.77 10.16 -29.90
CA TYR B 560 -6.97 11.42 -30.61
C TYR B 560 -6.29 12.58 -29.88
N CYS B 561 -6.48 12.66 -28.57
CA CYS B 561 -5.81 13.69 -27.78
C CYS B 561 -4.30 13.55 -27.85
N ALA B 562 -3.81 12.31 -27.90
CA ALA B 562 -2.38 12.09 -28.03
C ALA B 562 -1.87 12.58 -29.37
N ILE B 563 -2.63 12.38 -30.45
CA ILE B 563 -2.22 12.89 -31.75
C ILE B 563 -2.15 14.41 -31.72
N ILE B 564 -3.19 15.04 -31.15
CA ILE B 564 -3.21 16.51 -31.11
C ILE B 564 -2.04 17.04 -30.29
N GLU B 565 -1.82 16.45 -29.11
CA GLU B 565 -0.72 16.89 -28.25
C GLU B 565 0.62 16.62 -28.90
N ASP B 566 0.75 15.51 -29.63
CA ASP B 566 1.99 15.23 -30.34
C ASP B 566 2.28 16.33 -31.35
N VAL B 567 1.28 16.72 -32.13
CA VAL B 567 1.49 17.79 -33.11
C VAL B 567 1.93 19.07 -32.41
N ILE B 568 1.13 19.49 -31.42
CA ILE B 568 1.37 20.79 -30.80
C ILE B 568 2.71 20.82 -30.10
N LEU B 569 3.02 19.79 -29.32
CA LEU B 569 4.25 19.77 -28.55
C LEU B 569 5.47 19.39 -29.39
N ARG B 570 5.28 18.77 -30.56
CA ARG B 570 6.40 18.63 -31.49
C ARG B 570 6.81 19.99 -32.03
N PHE B 571 5.82 20.79 -32.45
CA PHE B 571 6.15 22.14 -32.88
C PHE B 571 6.77 22.94 -31.73
N ALA B 572 6.21 22.80 -30.53
CA ALA B 572 6.76 23.51 -29.36
C ALA B 572 8.18 23.06 -29.05
N TRP B 573 8.42 21.75 -29.19
CA TRP B 573 9.75 21.17 -28.92
C TRP B 573 10.75 21.74 -29.91
N THR B 574 10.41 21.80 -31.21
CA THR B 574 11.31 22.37 -32.20
C THR B 574 11.59 23.84 -31.90
N ILE B 575 10.54 24.60 -31.54
CA ILE B 575 10.74 26.00 -31.21
C ILE B 575 11.66 26.15 -30.00
N GLN B 576 11.46 25.32 -28.98
CA GLN B 576 12.26 25.43 -27.76
C GLN B 576 13.72 25.08 -28.03
N ILE B 577 13.97 24.04 -28.83
CA ILE B 577 15.34 23.70 -29.18
C ILE B 577 15.99 24.84 -29.95
N SER B 578 15.26 25.43 -30.89
CA SER B 578 15.81 26.57 -31.64
C SER B 578 16.14 27.73 -30.71
N ILE B 579 15.24 28.03 -29.76
CA ILE B 579 15.45 29.16 -28.87
C ILE B 579 16.64 28.90 -27.95
N THR B 580 16.73 27.71 -27.37
CA THR B 580 17.75 27.43 -26.38
C THR B 580 19.12 27.27 -27.01
N SER B 581 19.18 26.67 -28.21
CA SER B 581 20.47 26.36 -28.81
C SER B 581 21.28 27.62 -29.07
N THR B 582 20.62 28.69 -29.49
CA THR B 582 21.29 29.91 -29.91
C THR B 582 20.63 31.11 -29.25
N THR B 583 21.12 32.32 -29.57
CA THR B 583 20.57 33.56 -28.99
C THR B 583 19.07 33.62 -29.31
N LEU B 584 18.70 33.78 -30.59
CA LEU B 584 17.27 33.91 -30.99
C LEU B 584 16.66 34.91 -30.00
N LEU B 585 15.58 34.56 -29.31
CA LEU B 585 15.00 35.44 -28.25
C LEU B 585 16.09 35.76 -27.21
N PRO B 586 16.61 37.00 -27.14
CA PRO B 586 17.62 37.38 -26.15
C PRO B 586 17.07 37.81 -24.78
N HIS B 587 15.76 37.95 -24.63
CA HIS B 587 15.16 38.39 -23.37
C HIS B 587 14.14 37.41 -22.82
N SER B 588 13.32 36.80 -23.67
CA SER B 588 12.28 35.87 -23.23
C SER B 588 12.59 34.43 -23.59
N GLY B 589 13.76 34.14 -24.15
CA GLY B 589 14.08 32.78 -24.53
C GLY B 589 14.14 31.83 -23.35
N ASP B 590 14.73 32.29 -22.24
CA ASP B 590 14.87 31.42 -21.07
C ASP B 590 13.50 31.03 -20.53
N ILE B 591 12.57 31.99 -20.44
CA ILE B 591 11.24 31.68 -19.90
C ILE B 591 10.51 30.71 -20.81
N ILE B 592 10.58 30.93 -22.13
CA ILE B 592 9.90 30.03 -23.06
C ILE B 592 10.48 28.63 -22.97
N ALA B 593 11.80 28.52 -22.89
CA ALA B 593 12.43 27.20 -22.76
C ALA B 593 11.99 26.53 -21.46
N THR B 594 11.94 27.29 -20.37
CA THR B 594 11.53 26.71 -19.09
C THR B 594 10.10 26.22 -19.14
N VAL B 595 9.21 26.98 -19.78
CA VAL B 595 7.82 26.56 -19.88
C VAL B 595 7.69 25.34 -20.80
N PHE B 596 8.49 25.29 -21.87
CA PHE B 596 8.31 24.27 -22.89
C PHE B 596 8.95 22.95 -22.51
N ALA B 597 10.02 22.96 -21.72
CA ALA B 597 10.70 21.71 -21.38
C ALA B 597 9.78 20.74 -20.65
N PRO B 598 9.02 21.15 -19.64
CA PRO B 598 8.03 20.21 -19.07
C PRO B 598 7.04 19.70 -20.10
N LEU B 599 6.65 20.56 -21.06
CA LEU B 599 5.77 20.11 -22.13
C LEU B 599 6.45 19.07 -23.00
N GLU B 600 7.76 19.23 -23.25
CA GLU B 600 8.50 18.21 -23.98
C GLU B 600 8.53 16.90 -23.21
N VAL B 601 8.71 16.97 -21.89
CA VAL B 601 8.69 15.76 -21.07
C VAL B 601 7.33 15.08 -21.15
N PHE B 602 6.25 15.85 -21.09
CA PHE B 602 4.91 15.29 -21.22
C PHE B 602 4.70 14.65 -22.59
N ARG B 603 5.19 15.31 -23.63
CA ARG B 603 5.08 14.74 -24.98
C ARG B 603 5.82 13.41 -25.07
N ARG B 604 7.01 13.38 -24.46
CA ARG B 604 7.85 12.15 -24.45
C ARG B 604 7.17 11.09 -23.59
N PHE B 605 6.33 11.48 -22.62
CA PHE B 605 5.58 10.54 -21.78
C PHE B 605 4.45 9.88 -22.57
N VAL B 606 3.66 10.69 -23.28
CA VAL B 606 2.62 10.13 -24.15
C VAL B 606 3.25 9.29 -25.25
N TRP B 607 4.36 9.75 -25.80
CA TRP B 607 5.05 9.00 -26.84
C TRP B 607 5.53 7.65 -26.32
N ASN B 608 6.01 7.61 -25.08
CA ASN B 608 6.40 6.35 -24.48
C ASN B 608 5.21 5.42 -24.39
N PHE B 609 4.09 5.93 -23.88
CA PHE B 609 2.85 5.13 -23.87
C PHE B 609 2.62 4.47 -25.23
N PHE B 610 2.48 5.29 -26.27
CA PHE B 610 2.01 4.75 -27.55
C PHE B 610 3.09 3.97 -28.28
N ARG B 611 4.36 4.34 -28.14
CA ARG B 611 5.44 3.56 -28.73
C ARG B 611 5.50 2.17 -28.10
N LEU B 612 5.38 2.09 -26.77
CA LEU B 612 5.40 0.78 -26.13
C LEU B 612 4.18 -0.03 -26.55
N GLU B 613 3.02 0.61 -26.66
CA GLU B 613 1.84 -0.10 -27.12
C GLU B 613 2.06 -0.68 -28.52
N ASN B 614 2.59 0.14 -29.43
CA ASN B 614 2.79 -0.32 -30.80
C ASN B 614 3.83 -1.43 -30.87
N GLU B 615 4.90 -1.32 -30.07
CA GLU B 615 5.91 -2.37 -30.04
C GLU B 615 5.33 -3.67 -29.51
N HIS B 616 4.48 -3.58 -28.48
CA HIS B 616 3.84 -4.78 -27.95
C HIS B 616 2.91 -5.40 -28.97
N LEU B 617 2.18 -4.57 -29.73
CA LEU B 617 1.27 -5.09 -30.75
C LEU B 617 2.04 -5.58 -31.96
N ASN B 618 2.79 -4.68 -32.60
CA ASN B 618 3.54 -4.99 -33.81
C ASN B 618 5.03 -4.77 -33.56
N ASN B 619 5.86 -5.56 -34.25
CA ASN B 619 7.31 -5.42 -34.16
C ASN B 619 7.77 -4.22 -34.99
N CYS B 620 7.34 -3.04 -34.56
CA CYS B 620 7.67 -1.82 -35.28
C CYS B 620 9.17 -1.57 -35.31
N GLY B 621 9.84 -1.77 -34.18
CA GLY B 621 11.27 -1.54 -34.10
C GLY B 621 12.12 -2.66 -34.62
N GLU B 622 11.53 -3.79 -35.01
CA GLU B 622 12.27 -4.93 -35.55
C GLU B 622 13.38 -5.35 -34.60
N PHE B 623 13.08 -5.34 -33.30
CA PHE B 623 14.02 -5.79 -32.27
C PHE B 623 13.77 -7.23 -31.87
N ARG B 624 12.90 -7.95 -32.57
CA ARG B 624 12.55 -9.32 -32.25
C ARG B 624 12.42 -10.12 -33.54
N ALA B 625 12.84 -11.38 -33.48
CA ALA B 625 12.77 -12.26 -34.63
C ALA B 625 11.31 -12.62 -34.94
P PO4 C . -16.22 -1.32 34.76
O1 PO4 C . -14.69 -1.03 34.64
O2 PO4 C . -17.02 -0.11 34.19
O3 PO4 C . -16.57 -2.62 33.95
O4 PO4 C . -16.59 -1.54 36.27
P PO4 D . -7.66 8.97 33.91
O1 PO4 D . -6.18 9.06 34.19
O2 PO4 D . -8.33 10.30 34.25
O3 PO4 D . -7.88 8.68 32.44
O4 PO4 D . -8.30 7.87 34.74
C1 I8P E . 9.64 -25.24 0.57
C2 I8P E . 11.09 -25.67 0.20
C3 I8P E . 11.23 -26.01 -1.36
C4 I8P E . 9.87 -26.46 -2.04
C5 I8P E . 8.71 -25.45 -1.69
C6 I8P E . 9.01 -24.43 -0.59
O11 I8P E . 9.66 -24.52 1.77
O12 I8P E . 12.03 -24.74 0.58
O13 I8P E . 11.75 -24.89 -1.97
O14 I8P E . 9.52 -27.70 -1.55
O15 I8P E . 8.44 -24.76 -2.86
O16 I8P E . 7.79 -23.87 -0.23
O21 I8P E . 11.37 -22.44 1.70
O22 I8P E . 14.34 -25.75 1.36
O23 I8P E . 13.83 -23.62 -3.12
O24 I8P E . 8.85 -29.48 -3.52
O25 I8P E . 8.21 -26.35 -4.99
O26 I8P E . 6.60 -26.08 0.67
O31 I8P E . 9.05 -22.07 1.08
O32 I8P E . 13.77 -23.45 2.13
O33 I8P E . 13.50 -26.03 -3.49
O34 I8P E . 11.24 -29.13 -2.97
O35 I8P E . 6.80 -24.17 -4.76
O36 I8P E . 5.32 -23.84 0.71
O41 I8P E . 9.60 -22.54 3.49
O42 I8P E . 12.69 -25.43 3.13
O43 I8P E . 14.31 -25.30 -1.27
O44 I8P E . 9.60 -30.31 -1.39
O45 I8P E . 6.30 -26.01 -3.39
O46 I8P E . 7.18 -24.35 2.27
O51 I8P E . 7.81 -23.73 4.88
O55 I8P E . 4.29 -25.52 -5.04
O61 I8P E . 10.08 -23.75 5.76
O65 I8P E . 4.00 -25.16 -2.60
O71 I8P E . 8.81 -21.62 5.84
O75 I8P E . 4.20 -27.42 -3.36
PA1 I8P E . 9.97 -22.93 1.97
PA2 I8P E . 13.18 -24.88 1.82
PA3 I8P E . 13.38 -24.90 -2.47
PA4 I8P E . 9.84 -29.14 -2.44
PA5 I8P E . 7.56 -25.29 -4.09
PA6 I8P E . 6.63 -24.57 0.84
PB1 I8P E . 9.08 -22.87 4.99
PB5 I8P E . 4.75 -26.00 -3.68
H1 I8P E . 8.98 -26.15 0.70
H2 I8P E . 11.22 -26.67 0.73
H3 I8P E . 11.91 -26.90 -1.44
H4 I8P E . 9.98 -26.45 -3.14
H5 I8P E . 7.82 -26.04 -1.37
H6 I8P E . 9.76 -23.66 -0.94
C1 I8P F . -30.85 -0.64 5.79
C2 I8P F . -30.59 -1.48 7.09
C3 I8P F . -29.27 -2.27 6.89
C4 I8P F . -28.08 -1.25 6.84
C5 I8P F . -28.34 -0.24 5.66
C6 I8P F . -29.73 0.44 5.63
O11 I8P F . -32.11 -0.06 5.86
O12 I8P F . -30.57 -0.72 8.22
O13 I8P F . -29.13 -3.17 7.92
O14 I8P F . -26.90 -1.93 6.58
O15 I8P F . -27.39 0.75 5.80
O16 I8P F . -29.84 1.02 4.38
O21 I8P F . -34.33 -1.51 6.32
O22 I8P F . -31.69 0.20 10.44
O23 I8P F . -28.76 -5.70 8.78
O24 I8P F . -26.18 -4.05 8.17
O25 I8P F . -25.47 -0.51 4.45
O26 I8P F . -27.87 0.38 2.72
O31 I8P F . -34.45 0.36 4.80
O32 I8P F . -32.48 -2.00 9.55
O33 I8P F . -28.06 -5.04 6.51
O34 I8P F . -26.03 -1.74 9.08
O35 I8P F . -24.92 1.05 6.46
O36 I8P F . -30.25 0.71 1.79
O41 I8P F . -33.16 -1.67 4.08
O42 I8P F . -30.30 -1.80 10.70
O43 I8P F . -30.49 -5.27 6.96
O44 I8P F . -24.48 -2.64 7.24
O45 I8P F . -25.65 1.98 4.43
O46 I8P F . -29.61 -1.26 3.14
O51 I8P F . -31.34 -3.47 4.22
O55 I8P F . -25.32 1.00 1.99
O61 I8P F . -31.97 -2.69 2.00
O65 I8P F . -23.90 2.89 2.75
O71 I8P F . -33.57 -4.14 3.23
O75 I8P F . -26.22 3.36 2.36
PA1 I8P F . -33.50 -0.72 5.34
PA2 I8P F . -31.22 -1.08 9.75
PA3 I8P F . -29.12 -4.84 7.59
PA4 I8P F . -25.94 -2.59 7.85
PA5 I8P F . -25.85 0.67 5.33
PA6 I8P F . -29.38 0.26 2.92
PB1 I8P F . -32.56 -3.00 3.40
PB5 I8P F . -25.30 2.21 2.90
C1 CLR G . 5.62 -2.74 20.50
C2 CLR G . 4.95 -3.60 19.45
C3 CLR G . 4.03 -4.63 20.03
C4 CLR G . 3.01 -3.94 20.96
C5 CLR G . 3.62 -3.01 21.98
C6 CLR G . 3.23 -3.13 23.23
C7 CLR G . 3.78 -2.26 24.38
C8 CLR G . 4.50 -1.02 23.83
C9 CLR G . 5.44 -1.44 22.67
C10 CLR G . 4.66 -2.02 21.44
C11 CLR G . 6.43 -0.33 22.30
C12 CLR G . 7.17 0.28 23.51
C13 CLR G . 6.14 0.83 24.51
C14 CLR G . 5.32 -0.45 24.94
C15 CLR G . 4.56 0.00 26.23
C16 CLR G . 5.52 1.08 26.87
C17 CLR G . 6.77 1.22 25.91
C18 CLR G . 5.26 1.93 23.98
C19 CLR G . 3.93 -0.89 20.70
C20 CLR G . 7.36 2.62 26.04
C21 CLR G . 8.37 3.00 24.96
C22 CLR G . 8.15 2.59 27.40
C23 CLR G . 8.47 4.00 27.92
C24 CLR G . 9.09 3.74 29.34
C25 CLR G . 9.69 5.04 29.89
C26 CLR G . 9.94 4.82 31.39
C27 CLR G . 8.87 6.30 29.58
O1 CLR G . 3.37 -5.43 19.08
H11 CLR G . 6.36 -3.32 21.10
H12 CLR G . 6.31 -2.00 20.01
H21 CLR G . 4.43 -2.96 18.69
H22 CLR G . 5.73 -4.07 18.77
H3 CLR G . 4.64 -5.38 20.65
H41 CLR G . 2.35 -4.69 21.44
H42 CLR G . 2.28 -3.37 20.33
H6 CLR G . 2.49 -3.87 23.50
H71 CLR G . 4.42 -2.86 25.05
H72 CLR G . 2.97 -1.98 25.10
H8 CLR G . 3.75 -0.29 23.44
H9 CLR G . 6.08 -2.28 23.05
H111 CLR G . 5.95 0.48 21.69
H112 CLR G . 7.17 -0.69 21.55
H121 CLR G . 7.89 1.06 23.16
H122 CLR G . 7.86 -0.44 23.95
H14 CLR G . 6.02 -1.24 25.23
H151 CLR G . 4.33 -0.83 26.89
H152 CLR G . 3.55 0.38 26.04
H161 CLR G . 5.79 0.79 27.89
H162 CLR G . 5.00 2.00 27.07
H17 CLR G . 7.58 0.53 26.13
H181 CLR G . 4.55 2.35 24.72
H182 CLR G . 4.66 1.68 23.11
H183 CLR G . 5.82 2.86 23.71
H191 CLR G . 4.59 -0.27 20.08
H192 CLR G . 3.35 -0.23 21.35
H193 CLR G . 3.24 -1.29 19.94
H20 CLR G . 6.56 3.38 26.00
H211 CLR G . 9.11 2.18 24.81
H212 CLR G . 8.94 3.90 25.16
H213 CLR G . 7.93 3.11 23.96
H221 CLR G . 9.06 1.99 27.30
H222 CLR G . 7.59 2.03 28.16
H231 CLR G . 7.60 4.65 27.93
H232 CLR G . 9.14 4.55 27.26
H241 CLR G . 9.84 2.93 29.31
H242 CLR G . 8.35 3.32 30.03
H25 CLR G . 10.66 5.25 29.39
H261 CLR G . 9.02 4.66 31.95
H262 CLR G . 10.46 5.69 31.81
H263 CLR G . 10.49 3.90 31.61
H271 CLR G . 8.92 6.61 28.51
H272 CLR G . 9.12 7.17 30.17
H273 CLR G . 7.78 6.13 29.71
H1 CLR G . 2.85 -4.95 18.51
C1 CPL H . -13.73 -0.81 14.44
C2 CPL H . -12.74 0.06 15.27
C3 CPL H . -13.55 1.21 15.92
C4 CPL H . -17.58 -0.54 13.76
C5 CPL H . -18.57 -0.24 12.66
C6 CPL H . -20.10 -1.82 13.94
C7 CPL H . -18.77 -2.56 11.98
C8 CPL H . -20.72 -1.08 11.64
C11 CPL H . -15.10 2.83 15.11
C12 CPL H . -14.87 4.32 15.29
C13 CPL H . -13.36 4.66 15.30
C14 CPL H . -13.09 6.17 15.43
C15 CPL H . -13.11 6.93 14.08
C16 CPL H . -12.70 8.40 14.23
C17 CPL H . -13.83 9.42 13.92
C18 CPL H . -13.38 10.89 14.07
C19 CPL H . -12.75 11.27 15.43
C20 CPL H . -12.77 12.75 15.84
C21 CPL H . -13.98 13.23 16.67
C22 CPL H . -14.20 14.75 16.57
C23 CPL H . -14.84 15.38 17.80
C24 CPL H . -14.73 16.91 17.84
C25 CPL H . -14.03 17.41 19.10
C26 CPL H . -14.99 17.42 20.27
C31 CPL H . -11.01 -0.22 16.96
C32 CPL H . -11.07 -0.35 18.48
C33 CPL H . -12.11 0.61 19.11
C34 CPL H . -11.62 2.07 19.11
C35 CPL H . -12.76 3.09 19.22
C36 CPL H . -12.24 4.52 19.35
C37 CPL H . -13.34 5.58 19.42
C38 CPL H . -12.85 6.94 19.95
C39 CPL H . -12.27 7.77 18.84
C40 CPL H . -12.41 9.07 18.68
C41 CPL H . -13.20 9.98 19.57
C42 CPL H . -12.54 10.10 20.91
C43 CPL H . -13.04 10.78 21.94
C44 CPL H . -14.32 11.55 21.93
C45 CPL H . -14.13 13.01 21.51
C46 CPL H . -13.97 13.94 22.72
C47 CPL H . -15.27 14.08 23.51
C48 CPL H . -15.34 15.43 24.21
N CPL H . -19.56 -1.42 12.58
O2 CPL H . -12.07 -0.71 16.27
O3 CPL H . -13.97 2.10 14.91
O11 CPL H . -16.18 2.30 15.12
O31 CPL H . -10.05 0.30 16.42
O1P CPL H . -15.33 0.34 11.17
O2P CPL H . -15.46 -2.07 12.47
O3P CPL H . -14.04 -0.11 13.30
O4P CPL H . -16.44 0.17 13.45
P CPL H . -15.40 -0.59 12.33
HC11 CPL H . -14.65 -1.08 15.01
HC12 CPL H . -13.29 -1.78 14.12
HC2 CPL H . -12.00 0.56 14.59
HC31 CPL H . -12.87 1.82 16.57
HC32 CPL H . -14.32 0.91 16.68
HC41 CPL H . -17.37 -1.63 13.84
HC42 CPL H . -17.96 -0.21 14.77
HC51 CPL H . -18.05 -0.11 11.68
HC52 CPL H . -19.12 0.71 12.87
HC61 CPL H . -19.33 -2.33 14.53
HC62 CPL H . -20.97 -2.48 13.83
HC63 CPL H . -20.47 -0.93 14.52
HC71 CPL H . -18.44 -3.24 12.77
HC72 CPL H . -17.90 -2.17 11.44
HC73 CPL H . -19.40 -3.09 11.23
HC81 CPL H . -21.50 -1.85 11.73
HC82 CPL H . -20.40 -1.03 10.59
HC83 CPL H . -21.15 -0.10 11.91
H121 CPL H . -15.44 4.72 16.15
H122 CPL H . -15.35 4.80 14.40
H131 CPL H . -12.89 4.26 14.38
H132 CPL H . -12.84 4.10 16.11
H141 CPL H . -12.11 6.31 15.94
H142 CPL H . -13.81 6.64 16.14
H151 CPL H . -14.12 6.86 13.64
H152 CPL H . -12.48 6.43 13.32
H161 CPL H . -11.81 8.64 13.61
H162 CPL H . -12.31 8.58 15.26
H171 CPL H . -14.69 9.19 14.58
H172 CPL H . -14.23 9.22 12.91
H181 CPL H . -14.26 11.54 13.90
H182 CPL H . -12.69 11.15 13.26
H191 CPL H . -11.69 10.93 15.46
H192 CPL H . -13.22 10.67 16.24
H201 CPL H . -12.65 13.41 14.96
H202 CPL H . -11.83 12.99 16.40
H211 CPL H . -13.87 12.93 17.72
H212 CPL H . -14.89 12.68 16.33
H221 CPL H . -14.83 15.00 15.68
H222 CPL H . -13.23 15.26 16.35
H231 CPL H . -14.43 14.94 18.73
H232 CPL H . -15.91 15.07 17.85
H241 CPL H . -15.72 17.39 17.72
H242 CPL H . -14.19 17.26 16.93
H251 CPL H . -13.61 18.43 18.95
H252 CPL H . -13.13 16.81 19.34
H261 CPL H . -14.48 17.71 21.21
H262 CPL H . -15.47 16.44 20.44
H263 CPL H . -15.80 18.14 20.14
H321 CPL H . -10.06 -0.10 18.90
H322 CPL H . -11.21 -1.39 18.82
H331 CPL H . -12.43 0.27 20.10
H332 CPL H . -13.07 0.54 18.53
H341 CPL H . -11.01 2.26 18.21
H342 CPL H . -10.90 2.22 19.94
H351 CPL H . -13.43 2.83 20.06
H352 CPL H . -13.43 3.02 18.33
H361 CPL H . -11.55 4.76 18.51
H362 CPL H . -11.58 4.62 20.24
H371 CPL H . -14.17 5.22 20.08
H372 CPL H . -13.83 5.69 18.43
H381 CPL H . -12.11 6.80 20.77
H382 CPL H . -13.66 7.49 20.46
H39 CPL H . -11.66 7.24 18.10
H40 CPL H . -11.92 9.54 17.81
H411 CPL H . -14.25 9.64 19.65
H412 CPL H . -13.32 10.99 19.12
H42 CPL H . -11.59 9.58 21.04
H43 CPL H . -12.47 10.80 22.87
H441 CPL H . -14.83 11.48 22.90
H442 CPL H . -15.05 11.05 21.25
H451 CPL H . -15.01 13.35 20.91
H452 CPL H . -13.29 13.15 20.81
H461 CPL H . -13.60 14.94 22.40
H462 CPL H . -13.15 13.56 23.36
H471 CPL H . -15.40 13.26 24.24
H472 CPL H . -16.16 13.97 22.84
H481 CPL H . -15.35 16.26 23.50
H482 CPL H . -14.48 15.59 24.89
H483 CPL H . -16.23 15.53 24.85
P PO4 I . 14.45 2.54 -34.04
O1 PO4 I . 15.73 2.50 -33.20
O2 PO4 I . 13.71 3.84 -33.75
O3 PO4 I . 14.80 2.47 -35.51
O4 PO4 I . 13.56 1.36 -33.67
P PO4 J . 12.49 14.84 -28.91
O1 PO4 J . 13.25 15.89 -28.02
O2 PO4 J . 11.04 15.35 -29.18
O3 PO4 J . 13.25 14.68 -30.28
O4 PO4 J . 12.45 13.46 -28.18
P PO4 K . 22.39 27.19 -24.08
O1 PO4 K . 23.64 26.49 -23.55
O2 PO4 K . 22.30 27.03 -25.57
O3 PO4 K . 21.17 26.55 -23.49
O4 PO4 K . 22.43 28.67 -23.71
C1 I8P L . -19.45 -16.77 -6.36
C2 I8P L . -21.00 -16.95 -6.15
C3 I8P L . -21.69 -15.54 -6.12
C4 I8P L . -21.46 -14.82 -7.50
C5 I8P L . -19.93 -14.75 -7.78
C6 I8P L . -19.18 -16.12 -7.74
O11 I8P L . -18.80 -18.00 -6.26
O12 I8P L . -21.57 -17.80 -7.06
O13 I8P L . -23.02 -15.73 -5.87
O14 I8P L . -21.94 -13.52 -7.41
O15 I8P L . -19.79 -14.23 -9.06
O16 I8P L . -17.84 -15.81 -7.87
O21 I8P L . -16.84 -17.43 -4.54
O22 I8P L . -22.60 -20.00 -8.11
O23 I8P L . -25.36 -14.87 -4.81
O24 I8P L . -24.46 -12.79 -8.20
O25 I8P L . -19.06 -11.81 -8.26
O26 I8P L . -15.96 -15.49 -9.70
O31 I8P L . -18.57 -18.95 -3.86
O32 I8P L . -23.34 -19.35 -5.82
O33 I8P L . -23.28 -14.72 -3.51
O34 I8P L . -22.81 -13.54 -9.92
O35 I8P L . -20.50 -12.16 -10.40
O36 I8P L . -17.55 -17.50 -9.87
O41 I8P L . -16.93 -19.70 -5.61
O42 I8P L . -21.11 -20.34 -6.19
O43 I8P L . -23.58 -13.15 -5.40
O44 I8P L . -22.62 -11.32 -8.63
O45 I8P L . -18.24 -12.76 -10.41
O46 I8P L . -15.75 -17.35 -8.16
O51 I8P L . -15.50 -21.82 -5.53
O55 I8P L . -19.29 -13.80 -12.61
O61 I8P L . -17.91 -22.13 -5.73
O65 I8P L . -16.96 -14.38 -11.97
O71 I8P L . -16.66 -21.28 -7.69
O75 I8P L . -17.35 -12.14 -12.72
PA1 I8P L . -17.79 -18.45 -5.07
PA2 I8P L . -22.12 -19.39 -6.79
PA3 I8P L . -23.87 -14.61 -4.90
PA4 I8P L . -22.99 -12.85 -8.60
PA5 I8P L . -19.48 -12.70 -9.41
PA6 I8P L . -16.79 -16.55 -9.00
PB1 I8P L . -16.74 -21.20 -6.17
PB5 I8P L . -18.06 -13.28 -11.90
H1 I8P L . -19.03 -16.06 -5.61
H2 I8P L . -21.06 -17.33 -5.07
H3 I8P L . -21.18 -14.90 -5.35
H4 I8P L . -21.94 -15.39 -8.32
H5 I8P L . -19.44 -14.08 -7.02
H6 I8P L . -19.55 -16.80 -8.55
C1 I8P M . 26.75 -13.87 -8.65
C2 I8P M . 26.81 -13.10 -10.01
C3 I8P M . 25.36 -12.71 -10.35
C4 I8P M . 24.88 -11.60 -9.37
C5 I8P M . 25.13 -12.04 -7.86
C6 I8P M . 26.44 -12.85 -7.53
O11 I8P M . 27.97 -14.50 -8.43
O12 I8P M . 27.65 -12.02 -9.96
O13 I8P M . 25.34 -12.29 -11.66
O14 I8P M . 23.52 -11.40 -9.53
O15 I8P M . 25.20 -10.86 -7.13
O16 I8P M . 26.17 -13.53 -6.35
O21 I8P M . 29.93 -14.15 -10.22
O22 I8P M . 27.63 -11.31 -12.51
O23 I8P M . 22.90 -11.31 -12.29
O24 I8P M . 22.99 -14.08 -9.47
O25 I8P M . 24.18 -9.17 -5.36
O26 I8P M . 26.11 -11.44 -4.72
O31 I8P M . 29.84 -16.22 -8.99
O32 I8P M . 26.73 -9.69 -10.84
O33 I8P M . 23.27 -13.74 -12.23
O34 I8P M . 21.37 -12.56 -10.59
O35 I8P M . 23.34 -9.24 -7.83
O36 I8P M . 27.85 -13.29 -4.34
O41 I8P M . 28.07 -15.78 -10.71
O42 I8P M . 29.17 -10.05 -11.07
O43 I8P M . 24.25 -12.47 -14.10
O44 I8P M . 21.75 -12.61 -8.05
O45 I8P M . 22.78 -10.99 -6.38
O46 I8P M . 25.44 -13.61 -3.86
O51 I8P M . 26.18 -17.43 -10.22
O55 I8P M . 22.73 -11.40 -3.75
O61 I8P M . 27.04 -17.39 -12.49
O65 I8P M . 23.08 -13.31 -5.29
O71 I8P M . 25.65 -15.49 -11.72
O75 I8P M . 20.91 -12.32 -5.28
PA1 I8P M . 28.96 -15.09 -9.56
PA2 I8P M . 27.83 -10.77 -11.10
PA3 I8P M . 23.91 -12.40 -12.58
PA4 I8P M . 22.38 -12.69 -9.49
PA5 I8P M . 23.97 -9.96 -6.66
PA6 I8P M . 26.46 -12.92 -4.79
PB1 I8P M . 26.72 -16.48 -11.28
PB5 I8P M . 22.41 -11.92 -5.15
C1 CLR N . -4.86 6.65 -18.71
C2 CLR N . -4.73 5.28 -18.09
C3 CLR N . -4.38 4.22 -19.10
C4 CLR N . -3.09 4.62 -19.83
C5 CLR N . -3.15 6.02 -20.42
C6 CLR N . -2.79 6.16 -21.68
C7 CLR N . -2.81 7.52 -22.40
C8 CLR N . -2.86 8.69 -21.40
C9 CLR N . -3.93 8.39 -20.31
C10 CLR N . -3.61 7.13 -19.46
C11 CLR N . -4.24 9.64 -19.46
C12 CLR N . -4.55 10.89 -20.30
C13 CLR N . -3.38 11.19 -21.25
C14 CLR N . -3.28 9.91 -22.16
C15 CLR N . -2.38 10.35 -23.35
C16 CLR N . -2.72 11.89 -23.52
C17 CLR N . -3.72 12.26 -22.36
C18 CLR N . -2.08 11.51 -20.55
C19 CLR N . -2.48 7.45 -18.46
C20 CLR N . -3.53 13.73 -21.98
C21 CLR N . -4.32 14.19 -20.76
C22 CLR N . -4.09 14.52 -23.22
C23 CLR N . -3.00 15.30 -23.97
C24 CLR N . -2.84 16.63 -23.15
C25 CLR N . -3.86 17.66 -23.68
C26 CLR N . -3.30 18.26 -24.98
C27 CLR N . -4.23 18.72 -22.63
O1 CLR N . -4.25 2.92 -18.55
H11 CLR N . -5.74 6.73 -19.38
H12 CLR N . -5.13 7.40 -17.93
H21 CLR N . -4.02 5.29 -17.22
H22 CLR N . -5.69 5.02 -17.52
H3 CLR N . -5.23 4.12 -19.86
H41 CLR N . -2.83 3.87 -20.61
H42 CLR N . -2.22 4.55 -19.14
H6 CLR N . -2.49 5.32 -22.25
H71 CLR N . -3.62 7.57 -23.14
H72 CLR N . -1.94 7.63 -23.08
H8 CLR N . -1.88 8.82 -20.91
H9 CLR N . -4.90 8.17 -20.85
H111 CLR N . -3.42 9.86 -18.73
H112 CLR N . -5.09 9.44 -18.76
H121 CLR N . -4.78 11.76 -19.63
H122 CLR N . -5.52 10.79 -20.83
H14 CLR N . -4.27 9.67 -22.56
H151 CLR N . -2.56 9.77 -24.25
H152 CLR N . -1.32 10.16 -23.20
H161 CLR N . -3.12 12.10 -24.52
H162 CLR N . -1.81 12.49 -23.54
H17 CLR N . -4.77 12.15 -22.62
H181 CLR N . -1.26 11.79 -21.24
H182 CLR N . -1.69 10.74 -19.90
H183 CLR N . -2.14 12.44 -19.94
H191 CLR N . -1.90 6.56 -18.16
H192 CLR N . -2.83 7.94 -17.56
H193 CLR N . -1.70 8.08 -18.91
H20 CLR N . -2.46 13.94 -21.77
H211 CLR N . -4.28 15.29 -20.65
H212 CLR N . -5.36 13.91 -20.76
H213 CLR N . -3.88 13.84 -19.80
H221 CLR N . -4.89 15.18 -22.91
H222 CLR N . -4.59 13.84 -23.90
H231 CLR N . -3.23 15.45 -25.02
H232 CLR N . -2.07 14.73 -24.05
H241 CLR N . -1.81 17.01 -23.21
H242 CLR N . -2.96 16.46 -22.08
H25 CLR N . -4.83 17.17 -23.89
H261 CLR N . -3.31 17.55 -25.81
H262 CLR N . -2.27 18.59 -24.83
H263 CLR N . -3.89 19.09 -25.39
H271 CLR N . -4.94 19.49 -23.02
H272 CLR N . -3.39 19.24 -22.20
H273 CLR N . -4.80 18.28 -21.79
H1 CLR N . -3.93 2.92 -17.70
C1 CPL O . 13.15 -2.22 -14.39
C2 CPL O . 13.26 -0.75 -14.86
C3 CPL O . 14.77 -0.35 -14.84
C4 CPL O . 16.60 -4.61 -14.46
C5 CPL O . 17.65 -5.11 -13.49
C6 CPL O . 17.97 -6.78 -15.40
C7 CPL O . 17.00 -7.42 -13.20
C8 CPL O . 19.39 -6.90 -13.36
C11 CPL O . 15.93 1.57 -14.02
C12 CPL O . 16.03 2.59 -12.90
C13 CPL O . 14.89 3.63 -12.96
C14 CPL O . 15.37 5.07 -12.85
C15 CPL O . 15.74 5.52 -11.42
C16 CPL O . 16.54 6.83 -11.39
C17 CPL O . 17.93 6.74 -10.73
C18 CPL O . 18.54 8.10 -10.38
C19 CPL O . 19.00 8.96 -11.57
C20 CPL O . 19.94 10.15 -11.28
C21 CPL O . 20.21 11.14 -12.41
C22 CPL O . 21.70 11.38 -12.66
C23 CPL O . 22.05 12.75 -13.25
C24 CPL O . 22.83 13.66 -12.28
C25 CPL O . 22.15 15.02 -12.11
C26 CPL O . 22.73 16.05 -13.06
C31 CPL O . 11.65 0.24 -16.41
C32 CPL O . 11.46 0.70 -17.85
C33 CPL O . 12.80 1.09 -18.51
C34 CPL O . 13.15 2.57 -18.28
C35 CPL O . 13.68 2.86 -16.88
C36 CPL O . 14.09 4.34 -16.69
C37 CPL O . 15.59 4.56 -16.57
C38 CPL O . 15.95 6.01 -16.18
C39 CPL O . 15.95 6.90 -17.38
C40 CPL O . 16.56 8.08 -17.48
C41 CPL O . 17.36 8.75 -16.41
C42 CPL O . 18.81 8.78 -16.78
C43 CPL O . 19.47 9.87 -17.17
C44 CPL O . 18.88 11.23 -17.32
C45 CPL O . 19.71 12.16 -18.20
C46 CPL O . 21.03 12.56 -17.52
C47 CPL O . 21.62 13.83 -18.13
C48 CPL O . 21.49 13.83 -19.65
N CPL O . 18.01 -6.55 -13.89
O2 CPL O . 12.72 -0.56 -16.18
O3 CPL O . 14.95 0.63 -13.84
O11 CPL O . 16.63 1.56 -14.99
O31 CPL O . 10.87 0.58 -15.54
O1P CPL O . 15.06 -3.77 -11.50
O2P CPL O . 13.76 -4.90 -13.62
O3P CPL O . 13.94 -2.38 -13.30
O4P CPL O . 15.98 -3.54 -13.86
P CPL O . 14.62 -3.93 -12.91
HC11 CPL O . 13.43 -2.96 -15.18
HC12 CPL O . 12.11 -2.51 -14.09
HC2 CPL O . 12.76 -0.07 -14.12
HC31 CPL O . 15.01 0.17 -15.80
HC32 CPL O . 15.50 -1.20 -14.87
HC41 CPL O . 15.85 -5.41 -14.72
HC42 CPL O . 17.05 -4.28 -15.44
HC51 CPL O . 17.26 -5.08 -12.45
HC52 CPL O . 18.55 -4.46 -13.53
HC61 CPL O . 16.93 -6.95 -15.72
HC62 CPL O . 18.58 -7.66 -15.66
HC63 CPL O . 18.40 -5.93 -15.96
HC71 CPL O . 15.99 -7.19 -13.58
HC72 CPL O . 17.03 -7.23 -12.11
HC73 CPL O . 17.25 -8.48 -13.34
HC81 CPL O . 19.50 -8.01 -13.29
HC82 CPL O . 19.59 -6.47 -12.36
HC83 CPL O . 20.17 -6.52 -14.03
H121 CPL O . 17.03 3.04 -12.84
H122 CPL O . 15.94 2.00 -11.96
H131 CPL O . 14.16 3.40 -12.16
H132 CPL O . 14.28 3.48 -13.88
H141 CPL O . 14.59 5.75 -13.28
H142 CPL O . 16.23 5.24 -13.53
H151 CPL O . 16.31 4.71 -10.92
H152 CPL O . 14.85 5.59 -10.78
H161 CPL O . 15.95 7.64 -10.92
H162 CPL O . 16.65 7.22 -12.43
H171 CPL O . 18.60 6.15 -11.40
H172 CPL O . 17.85 6.08 -9.83
H181 CPL O . 19.40 7.93 -9.71
H182 CPL O . 17.82 8.68 -9.76
H191 CPL O . 18.12 9.36 -12.12
H192 CPL O . 19.49 8.31 -12.33
H201 CPL O . 20.92 9.78 -10.87
H202 CPL O . 19.55 10.70 -10.38
H211 CPL O . 19.70 12.10 -12.22
H212 CPL O . 19.72 10.77 -13.34
H221 CPL O . 22.14 10.61 -13.33
H222 CPL O . 22.27 11.24 -11.71
H231 CPL O . 21.14 13.27 -13.61
H232 CPL O . 22.62 12.61 -14.18
H241 CPL O . 23.88 13.79 -12.62
H242 CPL O . 22.96 13.15 -11.31
H251 CPL O . 22.26 15.39 -11.06
H252 CPL O . 21.05 14.96 -12.22
H261 CPL O . 23.79 16.25 -12.86
H262 CPL O . 22.20 17.01 -13.04
H263 CPL O . 22.68 15.71 -14.10
H321 CPL O . 10.78 1.60 -17.83
H322 CPL O . 10.89 -0.01 -18.45
H331 CPL O . 12.81 0.81 -19.58
H332 CPL O . 13.62 0.46 -18.11
H341 CPL O . 12.26 3.20 -18.50
H342 CPL O . 13.88 2.91 -19.04
H351 CPL O . 14.54 2.19 -16.65
H352 CPL O . 12.94 2.59 -16.11
H361 CPL O . 13.56 4.77 -15.82
H362 CPL O . 13.69 4.95 -17.54
H371 CPL O . 16.09 4.30 -17.52
H372 CPL O . 16.01 3.85 -15.84
H381 CPL O . 16.92 6.04 -15.65
H382 CPL O . 15.25 6.40 -15.40
H39 CPL O . 15.40 6.56 -18.26
H40 CPL O . 16.47 8.62 -18.43
H411 CPL O . 17.20 8.25 -15.43
H412 CPL O . 16.99 9.77 -16.21
H42 CPL O . 19.36 7.83 -16.71
H43 CPL O . 20.53 9.77 -17.42
H441 CPL O . 18.69 11.68 -16.32
H442 CPL O . 17.85 11.15 -17.72
H451 CPL O . 19.14 13.08 -18.44
H452 CPL O . 19.91 11.72 -19.20
H461 CPL O . 21.77 11.73 -17.58
H462 CPL O . 20.87 12.68 -16.44
H471 CPL O . 22.68 13.97 -17.83
H472 CPL O . 21.12 14.73 -17.71
H481 CPL O . 20.48 14.08 -19.96
H482 CPL O . 21.74 12.86 -20.08
H483 CPL O . 22.18 14.55 -20.12
#